data_2DIV
#
_entry.id   2DIV
#
_entity_poly.entity_id   1
_entity_poly.type   'polypeptide(L)'
_entity_poly.pdbx_seq_one_letter_code
;GSSGSSGMAASLWMGDLEPYMDENFISRAFATMGETVMSVKIIRNRLTGIPAGYCFVEFADLATAEKCLHKINGKPLPGA
TPAKRFKLNYATYSGPSSG
;
_entity_poly.pdbx_strand_id   A
#
# COMPACT_ATOMS: atom_id res chain seq x y z
N GLY A 1 -13.07 3.96 -25.29
CA GLY A 1 -14.01 2.95 -24.85
C GLY A 1 -14.87 3.43 -23.70
N SER A 2 -15.84 2.61 -23.30
CA SER A 2 -16.73 2.96 -22.20
C SER A 2 -15.98 2.96 -20.87
N SER A 3 -16.46 3.76 -19.93
CA SER A 3 -15.85 3.85 -18.61
C SER A 3 -15.64 2.47 -18.00
N GLY A 4 -16.71 1.69 -17.92
CA GLY A 4 -16.62 0.35 -17.37
C GLY A 4 -16.49 0.37 -15.86
N SER A 5 -15.72 -0.58 -15.33
CA SER A 5 -15.52 -0.69 -13.89
C SER A 5 -14.04 -0.65 -13.54
N SER A 6 -13.72 -0.22 -12.33
CA SER A 6 -12.34 -0.13 -11.88
C SER A 6 -12.25 -0.27 -10.36
N GLY A 7 -11.58 -1.31 -9.90
CA GLY A 7 -11.43 -1.53 -8.47
C GLY A 7 -10.05 -1.16 -7.97
N MET A 8 -9.10 -2.07 -8.12
CA MET A 8 -7.73 -1.83 -7.67
C MET A 8 -6.84 -1.44 -8.85
N ALA A 9 -7.30 -0.47 -9.64
CA ALA A 9 -6.53 -0.01 -10.79
C ALA A 9 -5.62 1.15 -10.42
N ALA A 10 -6.19 2.15 -9.74
CA ALA A 10 -5.44 3.32 -9.31
C ALA A 10 -4.90 3.15 -7.89
N SER A 11 -4.72 1.90 -7.48
CA SER A 11 -4.22 1.60 -6.14
C SER A 11 -2.85 0.95 -6.21
N LEU A 12 -2.17 0.89 -5.07
CA LEU A 12 -0.84 0.29 -5.00
C LEU A 12 -0.76 -0.73 -3.86
N TRP A 13 0.11 -1.71 -4.01
CA TRP A 13 0.28 -2.74 -2.99
C TRP A 13 1.34 -2.33 -1.98
N MET A 14 1.03 -2.54 -0.69
CA MET A 14 1.96 -2.19 0.37
C MET A 14 2.06 -3.32 1.40
N GLY A 15 3.10 -4.14 1.27
CA GLY A 15 3.30 -5.24 2.19
C GLY A 15 4.35 -4.95 3.23
N ASP A 16 4.88 -6.02 3.84
CA ASP A 16 5.91 -5.87 4.86
C ASP A 16 5.49 -4.86 5.93
N LEU A 17 4.20 -4.87 6.25
CA LEU A 17 3.67 -3.96 7.26
C LEU A 17 3.73 -4.58 8.65
N GLU A 18 3.77 -3.73 9.68
CA GLU A 18 3.82 -4.19 11.05
C GLU A 18 2.44 -4.64 11.54
N PRO A 19 2.42 -5.45 12.60
CA PRO A 19 1.18 -5.96 13.17
C PRO A 19 0.37 -4.87 13.88
N TYR A 20 0.87 -3.65 13.81
CA TYR A 20 0.20 -2.52 14.45
C TYR A 20 0.00 -1.38 13.45
N MET A 21 -0.19 -1.73 12.19
CA MET A 21 -0.39 -0.74 11.14
C MET A 21 -1.87 -0.68 10.72
N ASP A 22 -2.56 0.37 11.17
CA ASP A 22 -3.97 0.54 10.85
C ASP A 22 -4.16 1.67 9.84
N GLU A 23 -5.35 1.74 9.25
CA GLU A 23 -5.66 2.76 8.27
C GLU A 23 -5.02 4.10 8.66
N ASN A 24 -4.91 4.34 9.96
CA ASN A 24 -4.33 5.58 10.47
C ASN A 24 -2.81 5.60 10.23
N PHE A 25 -2.13 4.55 10.69
CA PHE A 25 -0.68 4.45 10.53
C PHE A 25 -0.29 4.59 9.07
N ILE A 26 -0.82 3.70 8.23
CA ILE A 26 -0.52 3.73 6.80
C ILE A 26 -0.73 5.12 6.22
N SER A 27 -1.89 5.71 6.50
CA SER A 27 -2.20 7.04 6.01
C SER A 27 -1.16 8.06 6.47
N ARG A 28 -0.68 7.89 7.69
CA ARG A 28 0.32 8.79 8.25
C ARG A 28 1.62 8.71 7.45
N ALA A 29 2.05 7.50 7.13
CA ALA A 29 3.28 7.30 6.38
C ALA A 29 3.26 8.10 5.08
N PHE A 30 2.26 7.84 4.24
CA PHE A 30 2.13 8.55 2.97
C PHE A 30 2.05 10.06 3.19
N ALA A 31 1.13 10.48 4.05
CA ALA A 31 0.96 11.90 4.35
C ALA A 31 2.28 12.54 4.76
N THR A 32 3.05 11.82 5.57
CA THR A 32 4.34 12.31 6.05
C THR A 32 5.29 12.56 4.89
N MET A 33 5.25 11.69 3.89
CA MET A 33 6.10 11.82 2.72
C MET A 33 5.55 12.84 1.74
N GLY A 34 4.46 13.50 2.13
CA GLY A 34 3.84 14.50 1.28
C GLY A 34 2.96 13.88 0.21
N GLU A 35 2.22 12.84 0.58
CA GLU A 35 1.34 12.17 -0.35
C GLU A 35 -0.08 12.06 0.21
N THR A 36 -1.05 12.58 -0.54
CA THR A 36 -2.44 12.56 -0.12
C THR A 36 -3.10 11.23 -0.49
N VAL A 37 -3.13 10.30 0.44
CA VAL A 37 -3.75 9.00 0.21
C VAL A 37 -5.27 9.10 0.16
N MET A 38 -5.88 8.36 -0.76
CA MET A 38 -7.33 8.37 -0.91
C MET A 38 -7.99 7.44 0.11
N SER A 39 -7.54 6.19 0.14
CA SER A 39 -8.08 5.20 1.06
C SER A 39 -7.05 4.13 1.39
N VAL A 40 -7.32 3.35 2.43
CA VAL A 40 -6.42 2.29 2.85
C VAL A 40 -7.19 1.12 3.46
N LYS A 41 -6.88 -0.09 2.99
CA LYS A 41 -7.54 -1.29 3.49
C LYS A 41 -6.52 -2.27 4.05
N ILE A 42 -6.65 -2.58 5.34
CA ILE A 42 -5.74 -3.50 6.00
C ILE A 42 -6.30 -4.92 5.98
N ILE A 43 -5.59 -5.82 5.30
CA ILE A 43 -6.01 -7.21 5.19
C ILE A 43 -5.73 -7.96 6.48
N ARG A 44 -6.78 -8.20 7.28
CA ARG A 44 -6.65 -8.90 8.54
C ARG A 44 -7.52 -10.16 8.55
N ASN A 45 -7.20 -11.07 9.47
CA ASN A 45 -7.96 -12.33 9.58
C ASN A 45 -9.29 -12.09 10.30
N ARG A 46 -10.14 -13.11 10.30
CA ARG A 46 -11.44 -13.03 10.95
C ARG A 46 -11.39 -13.59 12.36
N LEU A 47 -10.56 -14.61 12.56
CA LEU A 47 -10.42 -15.23 13.87
C LEU A 47 -9.28 -14.59 14.66
N THR A 48 -8.12 -14.45 14.01
CA THR A 48 -6.95 -13.86 14.66
C THR A 48 -6.99 -12.34 14.56
N GLY A 49 -7.75 -11.82 13.59
CA GLY A 49 -7.85 -10.39 13.41
C GLY A 49 -6.51 -9.74 13.17
N ILE A 50 -5.51 -10.55 12.88
CA ILE A 50 -4.16 -10.04 12.62
C ILE A 50 -3.97 -9.69 11.15
N PRO A 51 -3.31 -8.55 10.89
CA PRO A 51 -3.05 -8.09 9.52
C PRO A 51 -2.03 -8.97 8.80
N ALA A 52 -2.48 -9.62 7.73
CA ALA A 52 -1.61 -10.48 6.94
C ALA A 52 -0.21 -9.88 6.81
N GLY A 53 -0.14 -8.55 6.82
CA GLY A 53 1.14 -7.87 6.70
C GLY A 53 1.21 -6.99 5.48
N TYR A 54 0.05 -6.64 4.93
CA TYR A 54 -0.01 -5.79 3.75
C TYR A 54 -1.36 -5.09 3.65
N CYS A 55 -1.39 -3.94 2.97
CA CYS A 55 -2.61 -3.17 2.82
C CYS A 55 -2.65 -2.50 1.45
N PHE A 56 -3.87 -2.22 0.97
CA PHE A 56 -4.04 -1.58 -0.33
C PHE A 56 -4.30 -0.08 -0.17
N VAL A 57 -3.71 0.71 -1.05
CA VAL A 57 -3.88 2.16 -1.01
C VAL A 57 -4.46 2.68 -2.32
N GLU A 58 -5.47 3.55 -2.21
CA GLU A 58 -6.10 4.12 -3.39
C GLU A 58 -5.58 5.52 -3.66
N PHE A 59 -5.65 5.94 -4.93
CA PHE A 59 -5.18 7.26 -5.32
C PHE A 59 -6.06 7.85 -6.42
N ALA A 60 -5.83 9.12 -6.74
CA ALA A 60 -6.60 9.80 -7.77
C ALA A 60 -6.71 8.95 -9.03
N ASP A 61 -5.56 8.49 -9.53
CA ASP A 61 -5.52 7.66 -10.73
C ASP A 61 -4.21 6.90 -10.83
N LEU A 62 -4.08 6.06 -11.85
CA LEU A 62 -2.88 5.28 -12.06
C LEU A 62 -1.67 6.18 -12.26
N ALA A 63 -1.81 7.17 -13.14
CA ALA A 63 -0.73 8.10 -13.42
C ALA A 63 -0.10 8.62 -12.13
N THR A 64 -0.93 9.18 -11.26
CA THR A 64 -0.44 9.70 -9.99
C THR A 64 0.16 8.60 -9.12
N ALA A 65 -0.51 7.46 -9.08
CA ALA A 65 -0.03 6.33 -8.29
C ALA A 65 1.40 5.94 -8.69
N GLU A 66 1.69 6.01 -9.98
CA GLU A 66 3.00 5.67 -10.49
C GLU A 66 4.07 6.62 -9.92
N LYS A 67 3.99 7.88 -10.32
CA LYS A 67 4.95 8.89 -9.87
C LYS A 67 5.00 8.91 -8.33
N CYS A 68 3.89 8.53 -7.70
CA CYS A 68 3.82 8.52 -6.25
C CYS A 68 4.35 7.20 -5.69
N LEU A 69 4.46 6.19 -6.56
CA LEU A 69 4.95 4.88 -6.15
C LEU A 69 6.45 4.77 -6.38
N HIS A 70 6.97 5.56 -7.31
CA HIS A 70 8.39 5.55 -7.63
C HIS A 70 9.15 6.53 -6.74
N LYS A 71 8.41 7.45 -6.12
CA LYS A 71 9.01 8.44 -5.24
C LYS A 71 9.26 7.87 -3.85
N ILE A 72 8.57 6.78 -3.54
CA ILE A 72 8.71 6.13 -2.25
C ILE A 72 9.17 4.68 -2.40
N ASN A 73 9.21 4.21 -3.64
CA ASN A 73 9.63 2.84 -3.92
C ASN A 73 11.12 2.66 -3.64
N GLY A 74 11.44 2.41 -2.37
CA GLY A 74 12.82 2.21 -1.97
C GLY A 74 13.25 3.17 -0.88
N LYS A 75 12.45 4.19 -0.64
CA LYS A 75 12.75 5.18 0.39
C LYS A 75 12.37 4.66 1.77
N PRO A 76 13.01 5.22 2.81
CA PRO A 76 12.75 4.82 4.20
C PRO A 76 11.36 5.27 4.68
N LEU A 77 10.62 4.33 5.25
CA LEU A 77 9.28 4.62 5.74
C LEU A 77 9.34 5.22 7.15
N PRO A 78 8.72 6.40 7.33
CA PRO A 78 8.68 7.09 8.61
C PRO A 78 7.82 6.37 9.64
N GLY A 79 8.04 6.68 10.91
CA GLY A 79 7.27 6.05 11.98
C GLY A 79 7.74 4.63 12.26
N ALA A 80 7.82 3.82 11.21
CA ALA A 80 8.25 2.43 11.35
C ALA A 80 9.29 2.29 12.46
N THR A 81 9.01 1.41 13.43
CA THR A 81 9.92 1.19 14.54
C THR A 81 10.47 -0.23 14.52
N PRO A 82 11.80 -0.36 14.57
CA PRO A 82 12.70 0.80 14.63
C PRO A 82 12.72 1.59 13.33
N ALA A 83 12.77 0.88 12.21
CA ALA A 83 12.80 1.50 10.90
C ALA A 83 12.63 0.47 9.78
N LYS A 84 11.84 0.82 8.78
CA LYS A 84 11.59 -0.07 7.65
C LYS A 84 11.69 0.68 6.32
N ARG A 85 11.60 -0.05 5.23
CA ARG A 85 11.66 0.54 3.90
C ARG A 85 10.30 0.52 3.21
N PHE A 86 9.97 1.60 2.52
CA PHE A 86 8.69 1.70 1.81
C PHE A 86 8.54 0.57 0.80
N LYS A 87 7.77 -0.45 1.17
CA LYS A 87 7.54 -1.60 0.29
C LYS A 87 6.29 -1.38 -0.55
N LEU A 88 6.48 -0.96 -1.80
CA LEU A 88 5.36 -0.73 -2.70
C LEU A 88 5.54 -1.51 -4.00
N ASN A 89 4.43 -1.95 -4.57
CA ASN A 89 4.46 -2.71 -5.82
C ASN A 89 3.14 -2.56 -6.58
N TYR A 90 3.19 -2.83 -7.89
CA TYR A 90 2.01 -2.73 -8.73
C TYR A 90 0.90 -3.64 -8.21
N ALA A 91 -0.33 -3.12 -8.16
CA ALA A 91 -1.47 -3.89 -7.69
C ALA A 91 -1.62 -5.18 -8.50
N THR A 92 -0.97 -5.23 -9.65
CA THR A 92 -1.04 -6.40 -10.52
C THR A 92 0.25 -7.21 -10.45
N TYR A 93 0.77 -7.38 -9.22
CA TYR A 93 1.99 -8.13 -9.02
C TYR A 93 1.70 -9.63 -8.91
N SER A 94 0.81 -10.11 -9.78
CA SER A 94 0.44 -11.52 -9.77
C SER A 94 1.41 -12.34 -10.63
N GLY A 95 2.38 -12.96 -9.98
CA GLY A 95 3.36 -13.78 -10.69
C GLY A 95 4.68 -13.06 -10.86
N PRO A 96 5.78 -13.82 -10.81
CA PRO A 96 7.13 -13.27 -10.95
C PRO A 96 7.41 -12.81 -12.38
N SER A 97 6.88 -13.54 -13.35
CA SER A 97 7.08 -13.20 -14.76
C SER A 97 6.58 -11.80 -15.06
N SER A 98 5.27 -11.61 -14.94
CA SER A 98 4.66 -10.30 -15.20
C SER A 98 5.48 -9.18 -14.56
N GLY A 99 5.83 -8.18 -15.35
CA GLY A 99 6.60 -7.06 -14.84
C GLY A 99 7.03 -6.10 -15.94
N GLY A 1 -4.83 -9.97 -16.48
CA GLY A 1 -4.01 -9.86 -15.29
C GLY A 1 -2.99 -8.73 -15.40
N SER A 2 -2.30 -8.67 -16.53
CA SER A 2 -1.29 -7.64 -16.75
C SER A 2 -1.79 -6.60 -17.75
N SER A 3 -2.18 -7.06 -18.93
CA SER A 3 -2.67 -6.17 -19.97
C SER A 3 -4.07 -5.65 -19.64
N GLY A 4 -4.12 -4.66 -18.76
CA GLY A 4 -5.40 -4.08 -18.35
C GLY A 4 -5.57 -4.04 -16.85
N SER A 5 -6.75 -3.64 -16.40
CA SER A 5 -7.04 -3.55 -14.97
C SER A 5 -8.51 -3.82 -14.70
N SER A 6 -8.79 -4.96 -14.06
CA SER A 6 -10.16 -5.34 -13.73
C SER A 6 -10.54 -4.87 -12.33
N GLY A 7 -10.13 -3.65 -11.99
CA GLY A 7 -10.44 -3.10 -10.68
C GLY A 7 -9.32 -2.24 -10.14
N MET A 8 -8.53 -2.78 -9.23
CA MET A 8 -7.42 -2.05 -8.63
C MET A 8 -6.50 -1.49 -9.71
N ALA A 9 -6.83 -0.31 -10.21
CA ALA A 9 -6.03 0.33 -11.25
C ALA A 9 -5.29 1.54 -10.69
N ALA A 10 -5.95 2.30 -9.83
CA ALA A 10 -5.36 3.48 -9.22
C ALA A 10 -4.90 3.20 -7.78
N SER A 11 -4.70 1.92 -7.48
CA SER A 11 -4.28 1.52 -6.14
C SER A 11 -2.90 0.86 -6.18
N LEU A 12 -2.23 0.85 -5.04
CA LEU A 12 -0.90 0.25 -4.95
C LEU A 12 -0.84 -0.75 -3.79
N TRP A 13 0.08 -1.72 -3.90
CA TRP A 13 0.24 -2.73 -2.86
C TRP A 13 1.34 -2.31 -1.88
N MET A 14 1.05 -2.50 -0.59
CA MET A 14 2.02 -2.15 0.46
C MET A 14 2.13 -3.27 1.48
N GLY A 15 3.19 -4.07 1.36
CA GLY A 15 3.40 -5.17 2.28
C GLY A 15 4.41 -4.84 3.36
N ASP A 16 5.01 -5.86 3.94
CA ASP A 16 6.00 -5.67 5.00
C ASP A 16 5.49 -4.70 6.05
N LEU A 17 4.25 -4.90 6.49
CA LEU A 17 3.64 -4.05 7.50
C LEU A 17 3.64 -4.72 8.86
N GLU A 18 3.74 -3.91 9.91
CA GLU A 18 3.76 -4.43 11.27
C GLU A 18 2.35 -4.84 11.71
N PRO A 19 2.28 -5.70 12.73
CA PRO A 19 1.01 -6.19 13.28
C PRO A 19 0.24 -5.10 14.01
N TYR A 20 0.79 -3.89 14.02
CA TYR A 20 0.15 -2.76 14.69
C TYR A 20 -0.09 -1.61 13.70
N MET A 21 -0.07 -1.93 12.42
CA MET A 21 -0.29 -0.92 11.38
C MET A 21 -1.77 -0.86 11.00
N ASP A 22 -2.38 0.30 11.23
CA ASP A 22 -3.79 0.50 10.91
C ASP A 22 -3.96 1.61 9.87
N GLU A 23 -5.15 1.69 9.28
CA GLU A 23 -5.43 2.71 8.28
C GLU A 23 -4.77 4.04 8.65
N ASN A 24 -4.82 4.38 9.94
CA ASN A 24 -4.21 5.62 10.41
C ASN A 24 -2.71 5.63 10.18
N PHE A 25 -2.04 4.60 10.69
CA PHE A 25 -0.60 4.47 10.55
C PHE A 25 -0.18 4.62 9.09
N ILE A 26 -0.71 3.74 8.24
CA ILE A 26 -0.40 3.77 6.82
C ILE A 26 -0.70 5.13 6.22
N SER A 27 -1.89 5.65 6.51
CA SER A 27 -2.30 6.95 6.00
C SER A 27 -1.34 8.05 6.47
N ARG A 28 -0.63 7.79 7.57
CA ARG A 28 0.30 8.75 8.11
C ARG A 28 1.65 8.68 7.39
N ALA A 29 2.04 7.47 7.02
CA ALA A 29 3.31 7.26 6.32
C ALA A 29 3.32 8.02 5.00
N PHE A 30 2.25 7.89 4.22
CA PHE A 30 2.14 8.56 2.93
C PHE A 30 2.10 10.07 3.11
N ALA A 31 1.19 10.54 3.95
CA ALA A 31 1.04 11.97 4.20
C ALA A 31 2.37 12.59 4.61
N THR A 32 3.06 11.94 5.55
CA THR A 32 4.34 12.43 6.02
C THR A 32 5.34 12.56 4.89
N MET A 33 5.31 11.61 3.96
CA MET A 33 6.20 11.62 2.82
C MET A 33 5.77 12.67 1.79
N GLY A 34 4.71 13.41 2.11
CA GLY A 34 4.21 14.43 1.21
C GLY A 34 3.31 13.87 0.14
N GLU A 35 2.50 12.87 0.50
CA GLU A 35 1.58 12.25 -0.43
C GLU A 35 0.16 12.21 0.13
N THR A 36 -0.81 12.54 -0.72
CA THR A 36 -2.20 12.55 -0.31
C THR A 36 -2.89 11.23 -0.67
N VAL A 37 -3.00 10.34 0.31
CA VAL A 37 -3.64 9.05 0.10
C VAL A 37 -5.15 9.18 0.03
N MET A 38 -5.77 8.40 -0.84
CA MET A 38 -7.23 8.43 -0.99
C MET A 38 -7.90 7.48 -0.01
N SER A 39 -7.44 6.23 0.01
CA SER A 39 -8.01 5.23 0.91
C SER A 39 -7.00 4.13 1.20
N VAL A 40 -7.20 3.42 2.30
CA VAL A 40 -6.30 2.34 2.70
C VAL A 40 -7.08 1.15 3.27
N LYS A 41 -6.82 -0.03 2.73
CA LYS A 41 -7.50 -1.23 3.19
C LYS A 41 -6.52 -2.20 3.83
N ILE A 42 -6.72 -2.49 5.11
CA ILE A 42 -5.85 -3.41 5.85
C ILE A 42 -6.41 -4.82 5.83
N ILE A 43 -5.64 -5.75 5.26
CA ILE A 43 -6.06 -7.14 5.19
C ILE A 43 -5.81 -7.86 6.51
N ARG A 44 -6.88 -8.09 7.27
CA ARG A 44 -6.77 -8.76 8.56
C ARG A 44 -7.70 -9.98 8.62
N ASN A 45 -7.35 -10.95 9.45
CA ASN A 45 -8.15 -12.15 9.59
C ASN A 45 -9.43 -11.87 10.38
N ARG A 46 -10.39 -12.79 10.30
CA ARG A 46 -11.66 -12.63 11.00
C ARG A 46 -11.62 -13.34 12.35
N LEU A 47 -10.65 -14.23 12.52
CA LEU A 47 -10.51 -14.98 13.77
C LEU A 47 -9.41 -14.39 14.64
N THR A 48 -8.25 -14.16 14.02
CA THR A 48 -7.11 -13.60 14.74
C THR A 48 -7.13 -12.07 14.69
N GLY A 49 -7.67 -11.52 13.61
CA GLY A 49 -7.74 -10.08 13.46
C GLY A 49 -6.40 -9.47 13.10
N ILE A 50 -5.38 -10.31 13.02
CA ILE A 50 -4.04 -9.84 12.69
C ILE A 50 -3.91 -9.57 11.19
N PRO A 51 -3.24 -8.45 10.85
CA PRO A 51 -3.03 -8.06 9.46
C PRO A 51 -2.07 -8.98 8.72
N ALA A 52 -2.54 -9.61 7.65
CA ALA A 52 -1.72 -10.51 6.87
C ALA A 52 -0.29 -9.97 6.72
N GLY A 53 -0.16 -8.65 6.80
CA GLY A 53 1.14 -8.03 6.66
C GLY A 53 1.23 -7.13 5.45
N TYR A 54 0.07 -6.72 4.93
CA TYR A 54 0.03 -5.85 3.76
C TYR A 54 -1.31 -5.12 3.68
N CYS A 55 -1.32 -3.98 3.00
CA CYS A 55 -2.53 -3.18 2.84
C CYS A 55 -2.54 -2.46 1.51
N PHE A 56 -3.73 -2.27 0.95
CA PHE A 56 -3.88 -1.60 -0.34
C PHE A 56 -4.15 -0.11 -0.14
N VAL A 57 -3.66 0.71 -1.07
CA VAL A 57 -3.85 2.15 -0.99
C VAL A 57 -4.40 2.69 -2.30
N GLU A 58 -5.54 3.37 -2.22
CA GLU A 58 -6.17 3.94 -3.40
C GLU A 58 -5.65 5.34 -3.68
N PHE A 59 -5.71 5.76 -4.94
CA PHE A 59 -5.23 7.07 -5.34
C PHE A 59 -6.12 7.66 -6.44
N ALA A 60 -5.86 8.92 -6.79
CA ALA A 60 -6.62 9.60 -7.82
C ALA A 60 -6.73 8.74 -9.08
N ASP A 61 -5.58 8.30 -9.58
CA ASP A 61 -5.54 7.47 -10.78
C ASP A 61 -4.20 6.76 -10.90
N LEU A 62 -4.11 5.83 -11.84
CA LEU A 62 -2.88 5.07 -12.06
C LEU A 62 -1.69 6.01 -12.27
N ALA A 63 -1.91 7.07 -13.03
CA ALA A 63 -0.86 8.03 -13.30
C ALA A 63 -0.22 8.53 -12.00
N THR A 64 -1.02 9.19 -11.16
CA THR A 64 -0.52 9.71 -9.90
C THR A 64 0.10 8.60 -9.05
N ALA A 65 -0.52 7.43 -9.06
CA ALA A 65 -0.03 6.29 -8.30
C ALA A 65 1.42 5.97 -8.67
N GLU A 66 1.70 5.97 -9.96
CA GLU A 66 3.04 5.68 -10.45
C GLU A 66 4.06 6.65 -9.86
N LYS A 67 3.95 7.92 -10.26
CA LYS A 67 4.86 8.95 -9.76
C LYS A 67 4.89 8.97 -8.24
N CYS A 68 3.80 8.54 -7.62
CA CYS A 68 3.70 8.50 -6.17
C CYS A 68 4.24 7.19 -5.62
N LEU A 69 4.38 6.20 -6.49
CA LEU A 69 4.89 4.89 -6.10
C LEU A 69 6.40 4.80 -6.29
N HIS A 70 6.91 5.63 -7.21
CA HIS A 70 8.35 5.65 -7.49
C HIS A 70 9.07 6.64 -6.59
N LYS A 71 8.31 7.55 -5.99
CA LYS A 71 8.87 8.55 -5.09
C LYS A 71 9.12 7.97 -3.71
N ILE A 72 8.45 6.86 -3.41
CA ILE A 72 8.58 6.21 -2.11
C ILE A 72 9.10 4.78 -2.27
N ASN A 73 9.15 4.31 -3.51
CA ASN A 73 9.62 2.96 -3.80
C ASN A 73 11.10 2.83 -3.50
N GLY A 74 11.43 2.61 -2.23
CA GLY A 74 12.82 2.47 -1.82
C GLY A 74 13.20 3.45 -0.72
N LYS A 75 12.32 4.40 -0.44
CA LYS A 75 12.59 5.40 0.59
C LYS A 75 12.25 4.85 1.97
N PRO A 76 12.87 5.44 3.00
CA PRO A 76 12.64 5.03 4.39
C PRO A 76 11.25 5.39 4.89
N LEU A 77 10.58 4.43 5.51
CA LEU A 77 9.23 4.65 6.04
C LEU A 77 9.29 5.29 7.42
N PRO A 78 8.62 6.45 7.57
CA PRO A 78 8.57 7.19 8.83
C PRO A 78 7.75 6.47 9.89
N GLY A 79 8.13 6.66 11.15
CA GLY A 79 7.41 6.02 12.24
C GLY A 79 7.88 4.60 12.48
N ALA A 80 7.93 3.81 11.42
CA ALA A 80 8.37 2.42 11.52
C ALA A 80 9.49 2.26 12.53
N THR A 81 9.33 1.31 13.45
CA THR A 81 10.33 1.06 14.48
C THR A 81 10.95 -0.33 14.32
N PRO A 82 12.30 -0.37 14.26
CA PRO A 82 13.13 0.84 14.34
C PRO A 82 13.01 1.72 13.11
N ALA A 83 13.07 1.09 11.93
CA ALA A 83 12.97 1.81 10.67
C ALA A 83 12.96 0.86 9.49
N LYS A 84 11.82 0.80 8.80
CA LYS A 84 11.67 -0.08 7.65
C LYS A 84 11.74 0.72 6.34
N ARG A 85 11.64 0.02 5.22
CA ARG A 85 11.69 0.65 3.91
C ARG A 85 10.34 0.58 3.21
N PHE A 86 9.93 1.68 2.59
CA PHE A 86 8.66 1.75 1.89
C PHE A 86 8.58 0.67 0.82
N LYS A 87 7.88 -0.42 1.14
CA LYS A 87 7.73 -1.53 0.20
C LYS A 87 6.42 -1.40 -0.58
N LEU A 88 6.52 -0.90 -1.81
CA LEU A 88 5.35 -0.74 -2.66
C LEU A 88 5.53 -1.45 -3.99
N ASN A 89 4.43 -1.95 -4.54
CA ASN A 89 4.47 -2.66 -5.81
C ASN A 89 3.12 -2.57 -6.53
N TYR A 90 3.14 -2.78 -7.84
CA TYR A 90 1.93 -2.72 -8.64
C TYR A 90 0.88 -3.71 -8.12
N ALA A 91 -0.37 -3.25 -8.05
CA ALA A 91 -1.46 -4.09 -7.58
C ALA A 91 -1.49 -5.43 -8.31
N THR A 92 -0.96 -5.43 -9.54
CA THR A 92 -0.93 -6.64 -10.34
C THR A 92 0.42 -7.34 -10.24
N TYR A 93 0.94 -7.41 -9.02
CA TYR A 93 2.24 -8.06 -8.79
C TYR A 93 2.07 -9.56 -8.65
N SER A 94 1.23 -10.15 -9.50
CA SER A 94 0.98 -11.58 -9.47
C SER A 94 1.42 -12.24 -10.78
N GLY A 95 1.69 -13.54 -10.72
CA GLY A 95 2.11 -14.25 -11.91
C GLY A 95 3.04 -15.41 -11.59
N PRO A 96 3.70 -15.95 -12.63
CA PRO A 96 4.63 -17.07 -12.47
C PRO A 96 5.90 -16.67 -11.75
N SER A 97 6.05 -15.37 -11.48
CA SER A 97 7.23 -14.85 -10.80
C SER A 97 7.57 -15.72 -9.59
N SER A 98 8.50 -16.65 -9.78
CA SER A 98 8.92 -17.55 -8.70
C SER A 98 9.33 -16.76 -7.47
N GLY A 99 9.35 -17.43 -6.32
CA GLY A 99 9.72 -16.77 -5.09
C GLY A 99 8.61 -16.79 -4.06
N GLY A 1 -18.87 -5.05 -18.18
CA GLY A 1 -17.67 -5.73 -18.61
C GLY A 1 -16.83 -6.21 -17.43
N SER A 2 -15.54 -6.40 -17.66
CA SER A 2 -14.63 -6.85 -16.61
C SER A 2 -14.29 -5.72 -15.67
N SER A 3 -14.20 -6.04 -14.37
CA SER A 3 -13.88 -5.04 -13.36
C SER A 3 -12.47 -4.50 -13.55
N GLY A 4 -12.37 -3.24 -13.97
CA GLY A 4 -11.08 -2.62 -14.19
C GLY A 4 -10.97 -1.26 -13.54
N SER A 5 -11.72 -0.30 -14.07
CA SER A 5 -11.71 1.05 -13.53
C SER A 5 -12.31 1.10 -12.14
N SER A 6 -13.29 0.25 -11.89
CA SER A 6 -13.95 0.19 -10.60
C SER A 6 -13.30 -0.87 -9.70
N GLY A 7 -12.03 -0.69 -9.41
CA GLY A 7 -11.31 -1.64 -8.57
C GLY A 7 -10.01 -1.07 -8.04
N MET A 8 -8.97 -1.90 -8.01
CA MET A 8 -7.67 -1.48 -7.52
C MET A 8 -6.76 -1.05 -8.68
N ALA A 9 -7.31 -0.24 -9.58
CA ALA A 9 -6.55 0.24 -10.73
C ALA A 9 -5.59 1.35 -10.32
N ALA A 10 -6.14 2.39 -9.70
CA ALA A 10 -5.32 3.52 -9.25
C ALA A 10 -4.81 3.32 -7.83
N SER A 11 -4.71 2.05 -7.42
CA SER A 11 -4.24 1.72 -6.09
C SER A 11 -2.85 1.08 -6.14
N LEU A 12 -2.22 0.95 -4.98
CA LEU A 12 -0.89 0.36 -4.90
C LEU A 12 -0.81 -0.63 -3.74
N TRP A 13 0.06 -1.62 -3.88
CA TRP A 13 0.24 -2.63 -2.84
C TRP A 13 1.31 -2.22 -1.85
N MET A 14 1.01 -2.32 -0.55
CA MET A 14 1.95 -1.95 0.49
C MET A 14 2.09 -3.07 1.52
N GLY A 15 3.14 -3.87 1.38
CA GLY A 15 3.36 -4.97 2.30
C GLY A 15 4.39 -4.63 3.37
N ASP A 16 5.03 -5.65 3.92
CA ASP A 16 6.04 -5.47 4.95
C ASP A 16 5.56 -4.49 6.01
N LEU A 17 4.33 -4.69 6.49
CA LEU A 17 3.75 -3.81 7.51
C LEU A 17 3.83 -4.46 8.88
N GLU A 18 3.61 -3.66 9.92
CA GLU A 18 3.66 -4.15 11.29
C GLU A 18 2.26 -4.46 11.81
N PRO A 19 2.18 -5.33 12.83
CA PRO A 19 0.90 -5.72 13.43
C PRO A 19 0.26 -4.59 14.23
N TYR A 20 0.91 -3.42 14.22
CA TYR A 20 0.39 -2.26 14.93
C TYR A 20 0.02 -1.14 13.96
N MET A 21 0.01 -1.47 12.67
CA MET A 21 -0.32 -0.50 11.64
C MET A 21 -1.81 -0.57 11.29
N ASP A 22 -2.46 0.58 11.20
CA ASP A 22 -3.88 0.64 10.87
C ASP A 22 -4.15 1.75 9.87
N GLU A 23 -5.34 1.73 9.28
CA GLU A 23 -5.74 2.74 8.30
C GLU A 23 -5.13 4.09 8.65
N ASN A 24 -5.01 4.37 9.94
CA ASN A 24 -4.46 5.63 10.41
C ASN A 24 -2.96 5.69 10.16
N PHE A 25 -2.23 4.71 10.69
CA PHE A 25 -0.79 4.65 10.53
C PHE A 25 -0.39 4.79 9.07
N ILE A 26 -0.80 3.82 8.25
CA ILE A 26 -0.49 3.83 6.83
C ILE A 26 -0.69 5.23 6.24
N SER A 27 -1.89 5.78 6.43
CA SER A 27 -2.21 7.11 5.92
C SER A 27 -1.16 8.13 6.35
N ARG A 28 -0.73 8.02 7.60
CA ARG A 28 0.26 8.95 8.15
C ARG A 28 1.59 8.80 7.41
N ALA A 29 2.00 7.56 7.16
CA ALA A 29 3.24 7.29 6.46
C ALA A 29 3.30 8.04 5.13
N PHE A 30 2.30 7.83 4.29
CA PHE A 30 2.25 8.49 2.99
C PHE A 30 2.24 10.01 3.15
N ALA A 31 1.29 10.51 3.94
CA ALA A 31 1.17 11.93 4.19
C ALA A 31 2.50 12.54 4.62
N THR A 32 3.19 11.85 5.52
CA THR A 32 4.48 12.32 6.02
C THR A 32 5.48 12.46 4.88
N MET A 33 5.44 11.53 3.94
CA MET A 33 6.35 11.56 2.80
C MET A 33 5.93 12.64 1.80
N GLY A 34 4.81 13.29 2.07
CA GLY A 34 4.31 14.33 1.19
C GLY A 34 3.39 13.79 0.11
N GLU A 35 2.57 12.80 0.47
CA GLU A 35 1.65 12.19 -0.47
C GLU A 35 0.22 12.20 0.08
N THR A 36 -0.75 12.46 -0.79
CA THR A 36 -2.14 12.50 -0.39
C THR A 36 -2.85 11.19 -0.73
N VAL A 37 -2.94 10.31 0.27
CA VAL A 37 -3.60 9.02 0.08
C VAL A 37 -5.12 9.18 0.02
N MET A 38 -5.75 8.39 -0.84
CA MET A 38 -7.20 8.44 -1.00
C MET A 38 -7.88 7.53 0.03
N SER A 39 -7.41 6.30 0.12
CA SER A 39 -7.98 5.33 1.06
C SER A 39 -6.97 4.23 1.38
N VAL A 40 -7.27 3.45 2.41
CA VAL A 40 -6.39 2.35 2.81
C VAL A 40 -7.20 1.20 3.41
N LYS A 41 -6.85 -0.02 3.02
CA LYS A 41 -7.53 -1.21 3.52
C LYS A 41 -6.53 -2.21 4.07
N ILE A 42 -6.73 -2.58 5.34
CA ILE A 42 -5.85 -3.55 5.99
C ILE A 42 -6.39 -4.97 5.87
N ILE A 43 -5.58 -5.86 5.31
CA ILE A 43 -5.98 -7.24 5.13
C ILE A 43 -5.70 -8.06 6.40
N ARG A 44 -6.76 -8.53 7.04
CA ARG A 44 -6.62 -9.32 8.26
C ARG A 44 -7.51 -10.56 8.20
N ASN A 45 -7.16 -11.57 8.99
CA ASN A 45 -7.92 -12.81 9.03
C ASN A 45 -9.19 -12.64 9.87
N ARG A 46 -10.17 -13.50 9.62
CA ARG A 46 -11.44 -13.44 10.34
C ARG A 46 -11.43 -14.41 11.51
N LEU A 47 -10.39 -15.23 11.59
CA LEU A 47 -10.26 -16.21 12.67
C LEU A 47 -9.28 -15.71 13.74
N THR A 48 -8.14 -15.18 13.29
CA THR A 48 -7.12 -14.68 14.20
C THR A 48 -7.20 -13.16 14.31
N GLY A 49 -7.54 -12.51 13.20
CA GLY A 49 -7.63 -11.05 13.20
C GLY A 49 -6.30 -10.39 12.91
N ILE A 50 -5.26 -11.20 12.76
CA ILE A 50 -3.92 -10.68 12.47
C ILE A 50 -3.81 -10.24 11.02
N PRO A 51 -3.26 -9.03 10.81
CA PRO A 51 -3.07 -8.46 9.47
C PRO A 51 -2.00 -9.20 8.68
N ALA A 52 -2.40 -9.78 7.55
CA ALA A 52 -1.48 -10.52 6.70
C ALA A 52 -0.12 -9.84 6.65
N GLY A 53 -0.12 -8.52 6.81
CA GLY A 53 1.13 -7.77 6.79
C GLY A 53 1.22 -6.83 5.60
N TYR A 54 0.07 -6.57 4.96
CA TYR A 54 0.02 -5.69 3.81
C TYR A 54 -1.33 -4.99 3.71
N CYS A 55 -1.35 -3.84 3.06
CA CYS A 55 -2.57 -3.07 2.89
C CYS A 55 -2.61 -2.39 1.53
N PHE A 56 -3.81 -2.19 1.01
CA PHE A 56 -4.00 -1.55 -0.29
C PHE A 56 -4.29 -0.06 -0.14
N VAL A 57 -3.69 0.75 -1.00
CA VAL A 57 -3.89 2.19 -0.96
C VAL A 57 -4.46 2.71 -2.27
N GLU A 58 -5.50 3.54 -2.17
CA GLU A 58 -6.14 4.10 -3.35
C GLU A 58 -5.59 5.49 -3.66
N PHE A 59 -5.66 5.88 -4.93
CA PHE A 59 -5.18 7.18 -5.36
C PHE A 59 -6.06 7.76 -6.46
N ALA A 60 -5.82 9.02 -6.80
CA ALA A 60 -6.60 9.69 -7.83
C ALA A 60 -6.71 8.82 -9.08
N ASP A 61 -5.57 8.40 -9.61
CA ASP A 61 -5.54 7.55 -10.80
C ASP A 61 -4.22 6.81 -10.91
N LEU A 62 -4.13 5.91 -11.89
CA LEU A 62 -2.91 5.14 -12.10
C LEU A 62 -1.71 6.05 -12.29
N ALA A 63 -1.85 7.04 -13.16
CA ALA A 63 -0.78 7.99 -13.42
C ALA A 63 -0.16 8.49 -12.13
N THR A 64 -0.98 9.06 -11.26
CA THR A 64 -0.50 9.59 -9.99
C THR A 64 0.12 8.48 -9.14
N ALA A 65 -0.52 7.33 -9.12
CA ALA A 65 -0.02 6.18 -8.35
C ALA A 65 1.42 5.86 -8.72
N GLU A 66 1.71 5.89 -10.03
CA GLU A 66 3.05 5.59 -10.51
C GLU A 66 4.07 6.56 -9.93
N LYS A 67 3.96 7.83 -10.32
CA LYS A 67 4.88 8.85 -9.83
C LYS A 67 4.91 8.88 -8.30
N CYS A 68 3.80 8.48 -7.69
CA CYS A 68 3.70 8.44 -6.24
C CYS A 68 4.25 7.13 -5.68
N LEU A 69 4.39 6.14 -6.55
CA LEU A 69 4.90 4.83 -6.14
C LEU A 69 6.41 4.75 -6.35
N HIS A 70 6.93 5.58 -7.26
CA HIS A 70 8.35 5.60 -7.55
C HIS A 70 9.08 6.59 -6.65
N LYS A 71 8.31 7.50 -6.05
CA LYS A 71 8.88 8.51 -5.17
C LYS A 71 9.11 7.95 -3.76
N ILE A 72 8.46 6.83 -3.46
CA ILE A 72 8.60 6.19 -2.17
C ILE A 72 9.09 4.75 -2.31
N ASN A 73 9.15 4.28 -3.55
CA ASN A 73 9.61 2.93 -3.82
C ASN A 73 11.11 2.79 -3.56
N GLY A 74 11.47 2.58 -2.29
CA GLY A 74 12.86 2.45 -1.93
C GLY A 74 13.27 3.40 -0.82
N LYS A 75 12.44 4.39 -0.56
CA LYS A 75 12.71 5.37 0.47
C LYS A 75 12.35 4.82 1.85
N PRO A 76 12.96 5.41 2.90
CA PRO A 76 12.70 4.99 4.28
C PRO A 76 11.31 5.37 4.76
N LEU A 77 10.62 4.42 5.37
CA LEU A 77 9.27 4.65 5.87
C LEU A 77 9.30 5.22 7.29
N PRO A 78 8.68 6.39 7.46
CA PRO A 78 8.61 7.08 8.77
C PRO A 78 7.74 6.33 9.78
N GLY A 79 8.08 6.45 11.05
CA GLY A 79 7.32 5.78 12.10
C GLY A 79 7.80 4.37 12.35
N ALA A 80 7.93 3.59 11.28
CA ALA A 80 8.39 2.21 11.40
C ALA A 80 9.42 2.07 12.52
N THR A 81 9.17 1.14 13.44
CA THR A 81 10.08 0.91 14.56
C THR A 81 10.67 -0.49 14.49
N PRO A 82 12.01 -0.57 14.54
CA PRO A 82 12.87 0.62 14.64
C PRO A 82 12.86 1.45 13.36
N ALA A 83 12.95 0.78 12.22
CA ALA A 83 12.95 1.46 10.93
C ALA A 83 12.86 0.45 9.78
N LYS A 84 11.99 0.76 8.81
CA LYS A 84 11.81 -0.11 7.66
C LYS A 84 11.88 0.68 6.36
N ARG A 85 11.70 -0.01 5.24
CA ARG A 85 11.74 0.63 3.93
C ARG A 85 10.37 0.60 3.27
N PHE A 86 10.04 1.66 2.54
CA PHE A 86 8.76 1.75 1.85
C PHE A 86 8.61 0.62 0.83
N LYS A 87 7.86 -0.40 1.21
CA LYS A 87 7.63 -1.55 0.34
C LYS A 87 6.37 -1.37 -0.48
N LEU A 88 6.53 -0.94 -1.73
CA LEU A 88 5.39 -0.73 -2.62
C LEU A 88 5.58 -1.45 -3.95
N ASN A 89 4.49 -1.94 -4.52
CA ASN A 89 4.54 -2.65 -5.79
C ASN A 89 3.22 -2.52 -6.54
N TYR A 90 3.25 -2.81 -7.84
CA TYR A 90 2.06 -2.72 -8.67
C TYR A 90 0.96 -3.64 -8.16
N ALA A 91 -0.26 -3.13 -8.11
CA ALA A 91 -1.40 -3.90 -7.64
C ALA A 91 -1.47 -5.26 -8.33
N THR A 92 -0.90 -5.33 -9.53
CA THR A 92 -0.89 -6.57 -10.30
C THR A 92 0.52 -7.12 -10.45
N TYR A 93 1.15 -7.43 -9.31
CA TYR A 93 2.50 -7.96 -9.31
C TYR A 93 2.51 -9.43 -9.75
N SER A 94 2.04 -9.68 -10.96
CA SER A 94 1.99 -11.04 -11.50
C SER A 94 3.18 -11.30 -12.41
N GLY A 95 3.41 -10.38 -13.35
CA GLY A 95 4.52 -10.54 -14.27
C GLY A 95 4.15 -11.37 -15.49
N PRO A 96 3.64 -10.71 -16.53
CA PRO A 96 3.23 -11.38 -17.78
C PRO A 96 4.43 -11.91 -18.56
N SER A 97 4.56 -13.23 -18.60
CA SER A 97 5.66 -13.87 -19.32
C SER A 97 5.24 -14.22 -20.75
N SER A 98 6.22 -14.32 -21.63
CA SER A 98 5.96 -14.64 -23.03
C SER A 98 6.52 -16.02 -23.38
N GLY A 99 5.68 -16.87 -23.96
CA GLY A 99 6.11 -18.20 -24.33
C GLY A 99 7.35 -18.19 -25.20
N GLY A 1 -5.35 -0.96 -17.23
CA GLY A 1 -6.72 -1.20 -17.65
C GLY A 1 -6.97 -0.78 -19.08
N SER A 2 -8.22 -0.85 -19.52
CA SER A 2 -8.59 -0.49 -20.87
C SER A 2 -9.82 0.41 -20.88
N SER A 3 -10.78 0.11 -20.01
CA SER A 3 -12.01 0.88 -19.91
C SER A 3 -11.92 1.90 -18.79
N GLY A 4 -11.41 1.47 -17.64
CA GLY A 4 -11.27 2.37 -16.50
C GLY A 4 -12.14 1.95 -15.33
N SER A 5 -11.99 2.64 -14.20
CA SER A 5 -12.77 2.32 -13.01
C SER A 5 -12.88 0.82 -12.82
N SER A 6 -11.75 0.13 -12.87
CA SER A 6 -11.73 -1.32 -12.70
C SER A 6 -11.05 -1.70 -11.40
N GLY A 7 -11.85 -2.17 -10.43
CA GLY A 7 -11.31 -2.56 -9.15
C GLY A 7 -10.16 -1.69 -8.71
N MET A 8 -9.08 -2.31 -8.26
CA MET A 8 -7.90 -1.58 -7.80
C MET A 8 -7.01 -1.21 -8.97
N ALA A 9 -7.44 -0.21 -9.75
CA ALA A 9 -6.67 0.25 -10.90
C ALA A 9 -5.76 1.41 -10.54
N ALA A 10 -6.26 2.29 -9.66
CA ALA A 10 -5.49 3.45 -9.22
C ALA A 10 -4.95 3.25 -7.82
N SER A 11 -4.85 1.99 -7.40
CA SER A 11 -4.34 1.68 -6.06
C SER A 11 -2.98 1.02 -6.14
N LEU A 12 -2.28 0.96 -5.00
CA LEU A 12 -0.96 0.36 -4.94
C LEU A 12 -0.88 -0.67 -3.82
N TRP A 13 0.02 -1.64 -3.96
CA TRP A 13 0.19 -2.68 -2.96
C TRP A 13 1.28 -2.29 -1.97
N MET A 14 0.99 -2.47 -0.68
CA MET A 14 1.94 -2.15 0.37
C MET A 14 2.05 -3.29 1.38
N GLY A 15 3.09 -4.10 1.23
CA GLY A 15 3.30 -5.22 2.13
C GLY A 15 4.38 -4.95 3.16
N ASP A 16 5.00 -6.02 3.66
CA ASP A 16 6.06 -5.89 4.64
C ASP A 16 5.64 -4.96 5.77
N LEU A 17 4.33 -4.93 6.05
CA LEU A 17 3.80 -4.07 7.11
C LEU A 17 3.91 -4.76 8.47
N GLU A 18 3.83 -3.97 9.54
CA GLU A 18 3.92 -4.51 10.89
C GLU A 18 2.55 -4.92 11.40
N PRO A 19 2.54 -5.82 12.40
CA PRO A 19 1.30 -6.31 13.01
C PRO A 19 0.57 -5.25 13.82
N TYR A 20 1.12 -4.04 13.82
CA TYR A 20 0.53 -2.93 14.56
C TYR A 20 0.27 -1.74 13.64
N MET A 21 0.03 -2.02 12.36
CA MET A 21 -0.22 -0.97 11.38
C MET A 21 -1.71 -0.89 11.06
N ASP A 22 -2.26 0.32 11.13
CA ASP A 22 -3.67 0.53 10.83
C ASP A 22 -3.85 1.70 9.87
N GLU A 23 -5.04 1.78 9.27
CA GLU A 23 -5.35 2.84 8.32
C GLU A 23 -4.73 4.17 8.76
N ASN A 24 -5.05 4.59 9.98
CA ASN A 24 -4.53 5.83 10.53
C ASN A 24 -3.02 5.91 10.36
N PHE A 25 -2.34 4.81 10.66
CA PHE A 25 -0.88 4.75 10.55
C PHE A 25 -0.45 4.80 9.09
N ILE A 26 -0.83 3.77 8.34
CA ILE A 26 -0.48 3.68 6.92
C ILE A 26 -0.67 5.04 6.23
N SER A 27 -1.86 5.61 6.41
CA SER A 27 -2.18 6.90 5.80
C SER A 27 -1.16 7.97 6.23
N ARG A 28 -0.83 7.98 7.51
CA ARG A 28 0.12 8.94 8.05
C ARG A 28 1.47 8.84 7.32
N ALA A 29 1.91 7.61 7.07
CA ALA A 29 3.18 7.38 6.40
C ALA A 29 3.24 8.15 5.08
N PHE A 30 2.29 7.89 4.19
CA PHE A 30 2.24 8.56 2.90
C PHE A 30 2.24 10.08 3.08
N ALA A 31 1.28 10.58 3.84
CA ALA A 31 1.16 12.01 4.09
C ALA A 31 2.51 12.61 4.48
N THR A 32 3.20 11.94 5.40
CA THR A 32 4.50 12.41 5.86
C THR A 32 5.47 12.57 4.71
N MET A 33 5.47 11.61 3.79
CA MET A 33 6.35 11.64 2.62
C MET A 33 5.87 12.70 1.63
N GLY A 34 4.77 13.37 1.95
CA GLY A 34 4.24 14.40 1.07
C GLY A 34 3.32 13.83 0.01
N GLU A 35 2.54 12.82 0.39
CA GLU A 35 1.60 12.19 -0.54
C GLU A 35 0.20 12.15 0.05
N THR A 36 -0.79 12.46 -0.78
CA THR A 36 -2.19 12.45 -0.35
C THR A 36 -2.86 11.13 -0.68
N VAL A 37 -2.98 10.26 0.33
CA VAL A 37 -3.61 8.96 0.15
C VAL A 37 -5.13 9.09 0.14
N MET A 38 -5.77 8.37 -0.78
CA MET A 38 -7.22 8.40 -0.89
C MET A 38 -7.86 7.51 0.17
N SER A 39 -7.45 6.25 0.20
CA SER A 39 -7.99 5.30 1.17
C SER A 39 -7.00 4.16 1.43
N VAL A 40 -7.23 3.42 2.51
CA VAL A 40 -6.36 2.31 2.88
C VAL A 40 -7.15 1.16 3.48
N LYS A 41 -6.83 -0.06 3.06
CA LYS A 41 -7.51 -1.24 3.57
C LYS A 41 -6.52 -2.28 4.07
N ILE A 42 -6.58 -2.59 5.36
CA ILE A 42 -5.68 -3.57 5.96
C ILE A 42 -6.28 -4.97 5.89
N ILE A 43 -5.54 -5.89 5.29
CA ILE A 43 -5.98 -7.27 5.16
C ILE A 43 -5.72 -8.05 6.44
N ARG A 44 -6.78 -8.39 7.16
CA ARG A 44 -6.65 -9.14 8.41
C ARG A 44 -7.48 -10.42 8.34
N ASN A 45 -7.16 -11.36 9.23
CA ASN A 45 -7.87 -12.64 9.28
C ASN A 45 -9.14 -12.52 10.12
N ARG A 46 -10.06 -13.47 9.92
CA ARG A 46 -11.31 -13.47 10.65
C ARG A 46 -11.22 -14.38 11.88
N LEU A 47 -10.18 -15.20 11.92
CA LEU A 47 -9.98 -16.12 13.04
C LEU A 47 -8.99 -15.54 14.05
N THR A 48 -7.84 -15.12 13.55
CA THR A 48 -6.80 -14.54 14.41
C THR A 48 -6.93 -13.03 14.50
N GLY A 49 -7.37 -12.41 13.41
CA GLY A 49 -7.53 -10.97 13.39
C GLY A 49 -6.25 -10.24 13.05
N ILE A 50 -5.15 -10.99 12.95
CA ILE A 50 -3.85 -10.41 12.62
C ILE A 50 -3.78 -10.03 11.15
N PRO A 51 -3.19 -8.85 10.87
CA PRO A 51 -3.03 -8.35 9.50
C PRO A 51 -2.02 -9.16 8.70
N ALA A 52 -2.49 -9.75 7.61
CA ALA A 52 -1.63 -10.55 6.75
C ALA A 52 -0.23 -9.94 6.64
N GLY A 53 -0.16 -8.63 6.75
CA GLY A 53 1.11 -7.94 6.67
C GLY A 53 1.19 -7.00 5.48
N TYR A 54 0.04 -6.77 4.84
CA TYR A 54 -0.01 -5.89 3.67
C TYR A 54 -1.37 -5.19 3.59
N CYS A 55 -1.39 -4.03 2.94
CA CYS A 55 -2.62 -3.26 2.78
C CYS A 55 -2.69 -2.61 1.40
N PHE A 56 -3.89 -2.22 1.00
CA PHE A 56 -4.09 -1.59 -0.30
C PHE A 56 -4.36 -0.09 -0.15
N VAL A 57 -3.73 0.70 -1.00
CA VAL A 57 -3.90 2.15 -0.95
C VAL A 57 -4.47 2.68 -2.25
N GLU A 58 -5.55 3.45 -2.16
CA GLU A 58 -6.19 4.01 -3.34
C GLU A 58 -5.66 5.40 -3.64
N PHE A 59 -5.74 5.80 -4.91
CA PHE A 59 -5.26 7.11 -5.34
C PHE A 59 -6.15 7.69 -6.42
N ALA A 60 -5.91 8.95 -6.76
CA ALA A 60 -6.70 9.64 -7.78
C ALA A 60 -6.77 8.82 -9.07
N ASP A 61 -5.61 8.44 -9.58
CA ASP A 61 -5.54 7.64 -10.81
C ASP A 61 -4.22 6.89 -10.89
N LEU A 62 -4.11 5.99 -11.87
CA LEU A 62 -2.90 5.21 -12.05
C LEU A 62 -1.68 6.11 -12.26
N ALA A 63 -1.82 7.08 -13.15
CA ALA A 63 -0.74 8.01 -13.44
C ALA A 63 -0.11 8.54 -12.15
N THR A 64 -0.96 9.08 -11.28
CA THR A 64 -0.49 9.63 -10.00
C THR A 64 0.13 8.55 -9.14
N ALA A 65 -0.51 7.38 -9.08
CA ALA A 65 -0.01 6.26 -8.29
C ALA A 65 1.43 5.92 -8.67
N GLU A 66 1.71 5.95 -9.97
CA GLU A 66 3.04 5.64 -10.46
C GLU A 66 4.08 6.59 -9.85
N LYS A 67 4.00 7.86 -10.23
CA LYS A 67 4.93 8.86 -9.73
C LYS A 67 4.97 8.86 -8.20
N CYS A 68 3.84 8.53 -7.59
CA CYS A 68 3.75 8.48 -6.13
C CYS A 68 4.29 7.17 -5.60
N LEU A 69 4.45 6.19 -6.50
CA LEU A 69 4.96 4.88 -6.11
C LEU A 69 6.48 4.80 -6.30
N HIS A 70 7.00 5.65 -7.17
CA HIS A 70 8.43 5.68 -7.45
C HIS A 70 9.14 6.66 -6.52
N LYS A 71 8.37 7.57 -5.92
CA LYS A 71 8.91 8.56 -5.00
C LYS A 71 9.15 7.96 -3.62
N ILE A 72 8.48 6.84 -3.35
CA ILE A 72 8.61 6.17 -2.06
C ILE A 72 9.17 4.77 -2.24
N ASN A 73 9.13 4.27 -3.47
CA ASN A 73 9.63 2.92 -3.76
C ASN A 73 11.13 2.85 -3.54
N GLY A 74 11.53 2.51 -2.31
CA GLY A 74 12.94 2.40 -1.99
C GLY A 74 13.34 3.32 -0.85
N LYS A 75 12.49 4.28 -0.54
CA LYS A 75 12.76 5.23 0.54
C LYS A 75 12.35 4.66 1.88
N PRO A 76 12.96 5.16 2.96
CA PRO A 76 12.67 4.72 4.33
C PRO A 76 11.27 5.14 4.80
N LEU A 77 10.58 4.23 5.47
CA LEU A 77 9.24 4.51 5.97
C LEU A 77 9.30 5.19 7.33
N PRO A 78 8.66 6.37 7.43
CA PRO A 78 8.62 7.13 8.68
C PRO A 78 7.77 6.47 9.75
N GLY A 79 8.20 6.57 11.01
CA GLY A 79 7.47 5.96 12.10
C GLY A 79 7.86 4.52 12.33
N ALA A 80 7.92 3.75 11.25
CA ALA A 80 8.28 2.34 11.33
C ALA A 80 9.28 2.10 12.46
N THR A 81 8.91 1.21 13.38
CA THR A 81 9.78 0.89 14.51
C THR A 81 10.26 -0.56 14.45
N PRO A 82 11.58 -0.76 14.53
CA PRO A 82 12.54 0.35 14.68
C PRO A 82 12.64 1.20 13.42
N ALA A 83 12.79 0.54 12.28
CA ALA A 83 12.90 1.23 10.99
C ALA A 83 12.77 0.25 9.83
N LYS A 84 11.93 0.60 8.86
CA LYS A 84 11.71 -0.24 7.70
C LYS A 84 11.73 0.59 6.41
N ARG A 85 11.69 -0.09 5.27
CA ARG A 85 11.71 0.58 3.99
C ARG A 85 10.31 0.60 3.36
N PHE A 86 10.11 1.50 2.41
CA PHE A 86 8.81 1.61 1.73
C PHE A 86 8.64 0.50 0.70
N LYS A 87 7.89 -0.53 1.07
CA LYS A 87 7.64 -1.65 0.18
C LYS A 87 6.34 -1.46 -0.61
N LEU A 88 6.47 -1.01 -1.84
CA LEU A 88 5.31 -0.78 -2.70
C LEU A 88 5.46 -1.51 -4.02
N ASN A 89 4.33 -1.92 -4.61
CA ASN A 89 4.34 -2.61 -5.89
C ASN A 89 3.01 -2.44 -6.61
N TYR A 90 3.02 -2.68 -7.92
CA TYR A 90 1.81 -2.55 -8.73
C TYR A 90 0.72 -3.49 -8.23
N ALA A 91 -0.48 -2.94 -8.02
CA ALA A 91 -1.60 -3.73 -7.55
C ALA A 91 -1.73 -5.04 -8.33
N THR A 92 -1.19 -5.04 -9.55
CA THR A 92 -1.24 -6.23 -10.39
C THR A 92 0.04 -7.03 -10.29
N TYR A 93 0.63 -7.06 -9.10
CA TYR A 93 1.87 -7.79 -8.87
C TYR A 93 1.63 -9.29 -8.93
N SER A 94 2.72 -10.05 -9.05
CA SER A 94 2.63 -11.51 -9.11
C SER A 94 4.01 -12.14 -9.06
N GLY A 95 4.18 -13.13 -8.20
CA GLY A 95 5.46 -13.80 -8.07
C GLY A 95 5.32 -15.31 -8.04
N PRO A 96 5.24 -15.92 -9.23
CA PRO A 96 5.09 -17.38 -9.38
C PRO A 96 6.37 -18.12 -8.98
N SER A 97 7.49 -17.69 -9.54
CA SER A 97 8.78 -18.32 -9.24
C SER A 97 8.85 -18.73 -7.78
N SER A 98 9.42 -19.91 -7.53
CA SER A 98 9.55 -20.42 -6.17
C SER A 98 10.62 -21.50 -6.10
N GLY A 99 11.07 -21.80 -4.89
CA GLY A 99 12.10 -22.81 -4.70
C GLY A 99 13.48 -22.21 -4.55
N GLY A 1 -15.10 -3.47 -18.06
CA GLY A 1 -14.66 -3.51 -19.45
C GLY A 1 -14.82 -4.88 -20.06
N SER A 2 -13.71 -5.61 -20.17
CA SER A 2 -13.72 -6.94 -20.76
C SER A 2 -13.64 -8.02 -19.67
N SER A 3 -14.24 -9.18 -19.94
CA SER A 3 -14.22 -10.27 -18.98
C SER A 3 -12.81 -10.53 -18.46
N GLY A 4 -12.55 -10.09 -17.24
CA GLY A 4 -11.24 -10.29 -16.65
C GLY A 4 -11.09 -9.60 -15.31
N SER A 5 -10.17 -10.09 -14.48
CA SER A 5 -9.95 -9.52 -13.16
C SER A 5 -9.85 -7.99 -13.24
N SER A 6 -10.44 -7.31 -12.27
CA SER A 6 -10.42 -5.86 -12.23
C SER A 6 -10.52 -5.35 -10.79
N GLY A 7 -10.27 -4.06 -10.61
CA GLY A 7 -10.34 -3.47 -9.28
C GLY A 7 -9.01 -2.91 -8.83
N MET A 8 -9.04 -2.09 -7.78
CA MET A 8 -7.82 -1.49 -7.25
C MET A 8 -6.90 -1.05 -8.37
N ALA A 9 -7.46 -0.42 -9.39
CA ALA A 9 -6.67 0.05 -10.53
C ALA A 9 -5.73 1.18 -10.13
N ALA A 10 -6.31 2.26 -9.62
CA ALA A 10 -5.52 3.42 -9.19
C ALA A 10 -5.02 3.24 -7.77
N SER A 11 -4.79 1.99 -7.38
CA SER A 11 -4.31 1.69 -6.04
C SER A 11 -2.92 1.06 -6.08
N LEU A 12 -2.29 0.95 -4.92
CA LEU A 12 -0.95 0.38 -4.83
C LEU A 12 -0.86 -0.61 -3.67
N TRP A 13 0.00 -1.61 -3.82
CA TRP A 13 0.18 -2.62 -2.79
C TRP A 13 1.29 -2.22 -1.82
N MET A 14 1.04 -2.44 -0.53
CA MET A 14 2.03 -2.10 0.49
C MET A 14 2.16 -3.23 1.51
N GLY A 15 3.21 -4.03 1.37
CA GLY A 15 3.42 -5.14 2.28
C GLY A 15 4.39 -4.78 3.40
N ASP A 16 5.05 -5.79 3.95
CA ASP A 16 6.00 -5.58 5.03
C ASP A 16 5.45 -4.58 6.05
N LEU A 17 4.24 -4.83 6.52
CA LEU A 17 3.61 -3.96 7.49
C LEU A 17 3.58 -4.60 8.88
N GLU A 18 3.46 -3.77 9.91
CA GLU A 18 3.43 -4.26 11.29
C GLU A 18 1.99 -4.51 11.74
N PRO A 19 1.83 -5.38 12.74
CA PRO A 19 0.52 -5.72 13.29
C PRO A 19 -0.11 -4.57 14.07
N TYR A 20 0.72 -3.57 14.40
CA TYR A 20 0.25 -2.40 15.15
C TYR A 20 -0.16 -1.29 14.20
N MET A 21 0.26 -1.40 12.95
CA MET A 21 -0.06 -0.39 11.94
C MET A 21 -1.52 -0.49 11.52
N ASP A 22 -2.21 0.64 11.50
CA ASP A 22 -3.61 0.67 11.11
C ASP A 22 -3.86 1.74 10.03
N GLU A 23 -5.03 1.68 9.41
CA GLU A 23 -5.38 2.64 8.37
C GLU A 23 -4.84 4.02 8.69
N ASN A 24 -4.92 4.41 9.96
CA ASN A 24 -4.44 5.71 10.40
C ASN A 24 -2.93 5.83 10.19
N PHE A 25 -2.19 4.84 10.68
CA PHE A 25 -0.73 4.84 10.55
C PHE A 25 -0.32 4.90 9.07
N ILE A 26 -0.67 3.86 8.33
CA ILE A 26 -0.34 3.80 6.91
C ILE A 26 -0.59 5.14 6.23
N SER A 27 -1.75 5.72 6.49
CA SER A 27 -2.11 7.02 5.90
C SER A 27 -1.12 8.09 6.31
N ARG A 28 -0.68 8.05 7.56
CA ARG A 28 0.26 9.03 8.07
C ARG A 28 1.59 8.94 7.33
N ALA A 29 2.02 7.73 7.02
CA ALA A 29 3.27 7.50 6.31
C ALA A 29 3.30 8.29 5.00
N PHE A 30 2.25 8.12 4.19
CA PHE A 30 2.16 8.81 2.92
C PHE A 30 2.12 10.32 3.12
N ALA A 31 1.21 10.78 3.98
CA ALA A 31 1.07 12.21 4.26
C ALA A 31 2.41 12.82 4.65
N THR A 32 3.10 12.18 5.59
CA THR A 32 4.39 12.66 6.06
C THR A 32 5.38 12.79 4.91
N MET A 33 5.41 11.78 4.04
CA MET A 33 6.31 11.77 2.90
C MET A 33 5.93 12.87 1.91
N GLY A 34 4.80 13.52 2.15
CA GLY A 34 4.35 14.57 1.27
C GLY A 34 3.43 14.06 0.17
N GLU A 35 2.56 13.12 0.52
CA GLU A 35 1.63 12.54 -0.44
C GLU A 35 0.21 12.48 0.14
N THR A 36 -0.78 12.73 -0.71
CA THR A 36 -2.17 12.71 -0.28
C THR A 36 -2.83 11.38 -0.64
N VAL A 37 -2.98 10.51 0.36
CA VAL A 37 -3.59 9.21 0.15
C VAL A 37 -5.12 9.32 0.13
N MET A 38 -5.75 8.52 -0.73
CA MET A 38 -7.21 8.53 -0.84
C MET A 38 -7.83 7.63 0.21
N SER A 39 -7.38 6.38 0.26
CA SER A 39 -7.91 5.41 1.21
C SER A 39 -6.91 4.29 1.47
N VAL A 40 -7.13 3.53 2.53
CA VAL A 40 -6.25 2.43 2.89
C VAL A 40 -7.03 1.27 3.49
N LYS A 41 -6.82 0.08 2.96
CA LYS A 41 -7.50 -1.11 3.45
C LYS A 41 -6.50 -2.12 4.01
N ILE A 42 -6.70 -2.52 5.26
CA ILE A 42 -5.81 -3.49 5.91
C ILE A 42 -6.34 -4.90 5.74
N ILE A 43 -5.58 -5.74 5.04
CA ILE A 43 -5.97 -7.13 4.82
C ILE A 43 -5.64 -7.99 6.03
N ARG A 44 -6.68 -8.45 6.73
CA ARG A 44 -6.49 -9.29 7.91
C ARG A 44 -7.32 -10.57 7.80
N ASN A 45 -7.10 -11.49 8.74
CA ASN A 45 -7.82 -12.75 8.74
C ASN A 45 -9.27 -12.55 9.18
N ARG A 46 -10.06 -13.62 9.10
CA ARG A 46 -11.46 -13.57 9.50
C ARG A 46 -11.64 -14.04 10.93
N LEU A 47 -10.84 -15.01 11.33
CA LEU A 47 -10.92 -15.56 12.69
C LEU A 47 -9.85 -14.95 13.58
N THR A 48 -8.63 -14.86 13.07
CA THR A 48 -7.51 -14.29 13.82
C THR A 48 -7.50 -12.78 13.71
N GLY A 49 -8.22 -12.25 12.72
CA GLY A 49 -8.27 -10.81 12.52
C GLY A 49 -6.89 -10.19 12.39
N ILE A 50 -5.89 -11.03 12.19
CA ILE A 50 -4.51 -10.56 12.04
C ILE A 50 -4.24 -10.08 10.63
N PRO A 51 -3.55 -8.95 10.51
CA PRO A 51 -3.20 -8.35 9.21
C PRO A 51 -2.16 -9.18 8.45
N ALA A 52 -2.57 -9.74 7.32
CA ALA A 52 -1.68 -10.56 6.51
C ALA A 52 -0.28 -9.96 6.47
N GLY A 53 -0.19 -8.64 6.61
CA GLY A 53 1.10 -7.98 6.59
C GLY A 53 1.20 -6.95 5.49
N TYR A 54 0.12 -6.76 4.75
CA TYR A 54 0.08 -5.80 3.66
C TYR A 54 -1.26 -5.09 3.59
N CYS A 55 -1.28 -3.94 2.92
CA CYS A 55 -2.50 -3.16 2.79
C CYS A 55 -2.57 -2.46 1.43
N PHE A 56 -3.78 -2.16 0.98
CA PHE A 56 -3.97 -1.51 -0.31
C PHE A 56 -4.26 -0.02 -0.13
N VAL A 57 -3.68 0.81 -1.00
CA VAL A 57 -3.87 2.25 -0.92
C VAL A 57 -4.47 2.78 -2.23
N GLU A 58 -5.56 3.52 -2.11
CA GLU A 58 -6.22 4.09 -3.28
C GLU A 58 -5.67 5.48 -3.60
N PHE A 59 -5.77 5.88 -4.86
CA PHE A 59 -5.28 7.19 -5.29
C PHE A 59 -6.19 7.77 -6.37
N ALA A 60 -5.87 8.99 -6.79
CA ALA A 60 -6.65 9.67 -7.82
C ALA A 60 -6.77 8.81 -9.08
N ASP A 61 -5.65 8.39 -9.61
CA ASP A 61 -5.63 7.55 -10.81
C ASP A 61 -4.33 6.76 -10.91
N LEU A 62 -4.28 5.82 -11.85
CA LEU A 62 -3.09 5.00 -12.05
C LEU A 62 -1.85 5.86 -12.21
N ALA A 63 -1.97 6.91 -13.03
CA ALA A 63 -0.87 7.82 -13.27
C ALA A 63 -0.22 8.27 -11.96
N THR A 64 -1.01 8.91 -11.12
CA THR A 64 -0.52 9.39 -9.83
C THR A 64 0.06 8.26 -9.00
N ALA A 65 -0.57 7.09 -9.08
CA ALA A 65 -0.10 5.92 -8.34
C ALA A 65 1.34 5.59 -8.69
N GLU A 66 1.66 5.61 -9.97
CA GLU A 66 3.01 5.30 -10.43
C GLU A 66 4.02 6.26 -9.81
N LYS A 67 3.94 7.52 -10.19
CA LYS A 67 4.85 8.54 -9.68
C LYS A 67 4.89 8.51 -8.16
N CYS A 68 3.72 8.34 -7.54
CA CYS A 68 3.63 8.30 -6.08
C CYS A 68 4.25 7.01 -5.54
N LEU A 69 4.46 6.05 -6.43
CA LEU A 69 5.05 4.76 -6.04
C LEU A 69 6.56 4.78 -6.23
N HIS A 70 7.02 5.55 -7.21
CA HIS A 70 8.45 5.65 -7.49
C HIS A 70 9.11 6.68 -6.58
N LYS A 71 8.29 7.49 -5.92
CA LYS A 71 8.79 8.52 -5.01
C LYS A 71 9.02 7.95 -3.62
N ILE A 72 8.42 6.80 -3.34
CA ILE A 72 8.56 6.15 -2.04
C ILE A 72 9.02 4.71 -2.20
N ASN A 73 9.12 4.25 -3.45
CA ASN A 73 9.56 2.88 -3.73
C ASN A 73 10.99 2.66 -3.26
N GLY A 74 11.13 2.34 -1.98
CA GLY A 74 12.46 2.10 -1.41
C GLY A 74 12.83 3.12 -0.36
N LYS A 75 12.16 4.27 -0.38
CA LYS A 75 12.43 5.33 0.59
C LYS A 75 12.12 4.86 2.00
N PRO A 76 12.74 5.50 3.00
CA PRO A 76 12.55 5.17 4.41
C PRO A 76 11.17 5.58 4.91
N LEU A 77 10.48 4.63 5.54
CA LEU A 77 9.14 4.89 6.06
C LEU A 77 9.20 5.58 7.42
N PRO A 78 8.57 6.75 7.51
CA PRO A 78 8.53 7.54 8.74
C PRO A 78 7.70 6.88 9.84
N GLY A 79 8.11 7.06 11.09
CA GLY A 79 7.40 6.48 12.20
C GLY A 79 7.91 5.10 12.57
N ALA A 80 8.07 4.24 11.57
CA ALA A 80 8.56 2.89 11.79
C ALA A 80 9.82 2.90 12.65
N THR A 81 9.84 2.05 13.68
CA THR A 81 10.99 1.97 14.57
C THR A 81 11.61 0.58 14.54
N PRO A 82 12.95 0.52 14.47
CA PRO A 82 13.80 1.73 14.43
C PRO A 82 13.66 2.48 13.12
N ALA A 83 13.73 1.75 12.01
CA ALA A 83 13.63 2.35 10.69
C ALA A 83 13.20 1.32 9.65
N LYS A 84 12.04 1.54 9.05
CA LYS A 84 11.51 0.64 8.03
C LYS A 84 11.61 1.26 6.64
N ARG A 85 11.47 0.42 5.62
CA ARG A 85 11.55 0.89 4.24
C ARG A 85 10.17 0.87 3.59
N PHE A 86 10.00 1.68 2.55
CA PHE A 86 8.73 1.77 1.84
C PHE A 86 8.62 0.67 0.79
N LYS A 87 7.90 -0.40 1.11
CA LYS A 87 7.72 -1.51 0.19
C LYS A 87 6.41 -1.38 -0.58
N LEU A 88 6.50 -0.89 -1.80
CA LEU A 88 5.32 -0.71 -2.64
C LEU A 88 5.49 -1.44 -3.98
N ASN A 89 4.37 -1.85 -4.56
CA ASN A 89 4.39 -2.56 -5.84
C ASN A 89 3.07 -2.37 -6.58
N TYR A 90 3.05 -2.82 -7.84
CA TYR A 90 1.85 -2.69 -8.66
C TYR A 90 0.73 -3.59 -8.15
N ALA A 91 -0.47 -3.04 -8.04
CA ALA A 91 -1.62 -3.79 -7.57
C ALA A 91 -1.73 -5.14 -8.27
N THR A 92 -1.09 -5.24 -9.44
CA THR A 92 -1.12 -6.48 -10.22
C THR A 92 -0.95 -7.70 -9.31
N TYR A 93 -0.32 -7.49 -8.16
CA TYR A 93 -0.10 -8.57 -7.21
C TYR A 93 -1.35 -9.44 -7.07
N SER A 94 -1.30 -10.63 -7.65
CA SER A 94 -2.43 -11.55 -7.59
C SER A 94 -2.08 -12.79 -6.76
N GLY A 95 -3.10 -13.57 -6.42
CA GLY A 95 -2.89 -14.77 -5.63
C GLY A 95 -4.17 -15.54 -5.39
N PRO A 96 -4.93 -15.12 -4.36
CA PRO A 96 -6.19 -15.77 -4.00
C PRO A 96 -7.29 -15.52 -5.03
N SER A 97 -7.16 -14.43 -5.78
CA SER A 97 -8.14 -14.07 -6.80
C SER A 97 -8.51 -15.30 -7.63
N SER A 98 -9.79 -15.37 -8.00
CA SER A 98 -10.29 -16.50 -8.79
C SER A 98 -10.43 -16.10 -10.26
N GLY A 99 -9.72 -16.81 -11.13
CA GLY A 99 -9.78 -16.51 -12.55
C GLY A 99 -10.20 -17.72 -13.36
N GLY A 1 -15.56 -13.12 -12.14
CA GLY A 1 -14.57 -13.59 -13.09
C GLY A 1 -13.64 -12.49 -13.55
N SER A 2 -13.14 -12.61 -14.77
CA SER A 2 -12.22 -11.62 -15.33
C SER A 2 -12.99 -10.46 -15.96
N SER A 3 -12.85 -9.28 -15.36
CA SER A 3 -13.53 -8.08 -15.86
C SER A 3 -12.84 -6.82 -15.37
N GLY A 4 -12.85 -5.79 -16.20
CA GLY A 4 -12.22 -4.52 -15.83
C GLY A 4 -13.14 -3.63 -15.04
N SER A 5 -13.69 -4.16 -13.96
CA SER A 5 -14.60 -3.41 -13.11
C SER A 5 -13.83 -2.50 -12.15
N SER A 6 -14.52 -1.53 -11.56
CA SER A 6 -13.90 -0.60 -10.63
C SER A 6 -13.48 -1.31 -9.35
N GLY A 7 -12.23 -1.74 -9.30
CA GLY A 7 -11.74 -2.44 -8.12
C GLY A 7 -10.41 -1.88 -7.63
N MET A 8 -9.33 -2.58 -7.97
CA MET A 8 -7.99 -2.15 -7.56
C MET A 8 -7.18 -1.69 -8.77
N ALA A 9 -7.58 -0.57 -9.36
CA ALA A 9 -6.88 -0.03 -10.52
C ALA A 9 -5.93 1.09 -10.12
N ALA A 10 -6.48 2.19 -9.61
CA ALA A 10 -5.69 3.32 -9.18
C ALA A 10 -5.17 3.13 -7.76
N SER A 11 -4.88 1.89 -7.41
CA SER A 11 -4.38 1.56 -6.07
C SER A 11 -3.01 0.90 -6.14
N LEU A 12 -2.32 0.86 -5.00
CA LEU A 12 -1.00 0.25 -4.93
C LEU A 12 -0.91 -0.74 -3.78
N TRP A 13 0.01 -1.69 -3.90
CA TRP A 13 0.20 -2.70 -2.86
C TRP A 13 1.28 -2.28 -1.87
N MET A 14 1.05 -2.57 -0.60
CA MET A 14 2.02 -2.21 0.45
C MET A 14 2.16 -3.35 1.46
N GLY A 15 3.26 -4.08 1.37
CA GLY A 15 3.50 -5.19 2.29
C GLY A 15 4.54 -4.85 3.33
N ASP A 16 5.09 -5.89 3.96
CA ASP A 16 6.11 -5.71 4.98
C ASP A 16 5.61 -4.79 6.10
N LEU A 17 4.32 -4.89 6.40
CA LEU A 17 3.71 -4.07 7.43
C LEU A 17 3.68 -4.81 8.77
N GLU A 18 3.78 -4.05 9.87
CA GLU A 18 3.76 -4.64 11.20
C GLU A 18 2.34 -4.90 11.67
N PRO A 19 2.18 -5.81 12.64
CA PRO A 19 0.87 -6.16 13.19
C PRO A 19 0.28 -5.04 14.03
N TYR A 20 1.03 -3.96 14.18
CA TYR A 20 0.57 -2.82 14.96
C TYR A 20 0.32 -1.60 14.06
N MET A 21 0.12 -1.87 12.77
CA MET A 21 -0.14 -0.81 11.81
C MET A 21 -1.60 -0.80 11.37
N ASP A 22 -2.23 0.36 11.48
CA ASP A 22 -3.64 0.50 11.09
C ASP A 22 -3.82 1.60 10.06
N GLU A 23 -4.98 1.63 9.42
CA GLU A 23 -5.27 2.64 8.41
C GLU A 23 -4.73 4.00 8.82
N ASN A 24 -4.82 4.30 10.10
CA ASN A 24 -4.33 5.57 10.63
C ASN A 24 -2.82 5.70 10.45
N PHE A 25 -2.11 4.61 10.73
CA PHE A 25 -0.66 4.60 10.60
C PHE A 25 -0.24 4.73 9.13
N ILE A 26 -0.67 3.77 8.31
CA ILE A 26 -0.34 3.79 6.89
C ILE A 26 -0.56 5.16 6.28
N SER A 27 -1.75 5.71 6.49
CA SER A 27 -2.09 7.03 5.96
C SER A 27 -1.06 8.06 6.38
N ARG A 28 -0.71 8.07 7.65
CA ARG A 28 0.27 9.01 8.18
C ARG A 28 1.60 8.89 7.42
N ALA A 29 1.99 7.67 7.10
CA ALA A 29 3.22 7.42 6.37
C ALA A 29 3.24 8.19 5.05
N PHE A 30 2.28 7.91 4.18
CA PHE A 30 2.20 8.57 2.90
C PHE A 30 2.12 10.09 3.06
N ALA A 31 1.15 10.54 3.86
CA ALA A 31 0.97 11.96 4.11
C ALA A 31 2.29 12.62 4.50
N THR A 32 2.99 12.02 5.44
CA THR A 32 4.27 12.54 5.90
C THR A 32 5.23 12.77 4.74
N MET A 33 5.30 11.79 3.84
CA MET A 33 6.18 11.88 2.69
C MET A 33 5.69 12.96 1.71
N GLY A 34 4.47 13.45 1.95
CA GLY A 34 3.92 14.47 1.09
C GLY A 34 2.97 13.90 0.04
N GLU A 35 2.28 12.82 0.39
CA GLU A 35 1.34 12.18 -0.52
C GLU A 35 -0.04 12.10 0.09
N THR A 36 -1.05 12.49 -0.69
CA THR A 36 -2.43 12.47 -0.23
C THR A 36 -3.11 11.16 -0.58
N VAL A 37 -3.13 10.23 0.39
CA VAL A 37 -3.74 8.92 0.17
C VAL A 37 -5.27 9.03 0.14
N MET A 38 -5.88 8.36 -0.82
CA MET A 38 -7.33 8.38 -0.96
C MET A 38 -7.98 7.46 0.06
N SER A 39 -7.46 6.25 0.18
CA SER A 39 -8.00 5.27 1.13
C SER A 39 -6.97 4.19 1.43
N VAL A 40 -7.22 3.43 2.49
CA VAL A 40 -6.32 2.36 2.90
C VAL A 40 -7.09 1.19 3.50
N LYS A 41 -6.87 -0.01 2.95
CA LYS A 41 -7.54 -1.21 3.43
C LYS A 41 -6.53 -2.20 4.00
N ILE A 42 -6.74 -2.58 5.25
CA ILE A 42 -5.85 -3.53 5.91
C ILE A 42 -6.37 -4.96 5.77
N ILE A 43 -5.59 -5.81 5.11
CA ILE A 43 -5.97 -7.20 4.91
C ILE A 43 -5.77 -8.01 6.18
N ARG A 44 -6.86 -8.30 6.87
CA ARG A 44 -6.81 -9.08 8.10
C ARG A 44 -7.72 -10.30 8.03
N ASN A 45 -7.41 -11.32 8.82
CA ASN A 45 -8.19 -12.55 8.84
C ASN A 45 -9.50 -12.34 9.59
N ARG A 46 -10.42 -13.29 9.43
CA ARG A 46 -11.72 -13.20 10.10
C ARG A 46 -11.71 -14.00 11.40
N LEU A 47 -10.68 -14.84 11.57
CA LEU A 47 -10.56 -15.66 12.77
C LEU A 47 -9.55 -15.07 13.74
N THR A 48 -8.35 -14.78 13.23
CA THR A 48 -7.29 -14.20 14.04
C THR A 48 -7.36 -12.68 14.04
N GLY A 49 -7.93 -12.12 12.98
CA GLY A 49 -8.05 -10.68 12.87
C GLY A 49 -6.72 -10.00 12.62
N ILE A 50 -5.65 -10.79 12.61
CA ILE A 50 -4.31 -10.27 12.37
C ILE A 50 -4.11 -9.92 10.90
N PRO A 51 -3.48 -8.75 10.65
CA PRO A 51 -3.21 -8.28 9.30
C PRO A 51 -2.15 -9.12 8.59
N ALA A 52 -2.53 -9.70 7.45
CA ALA A 52 -1.61 -10.53 6.67
C ALA A 52 -0.22 -9.91 6.63
N GLY A 53 -0.16 -8.59 6.72
CA GLY A 53 1.11 -7.89 6.68
C GLY A 53 1.21 -6.92 5.53
N TYR A 54 0.07 -6.66 4.87
CA TYR A 54 0.04 -5.75 3.73
C TYR A 54 -1.31 -5.05 3.65
N CYS A 55 -1.31 -3.87 3.04
CA CYS A 55 -2.54 -3.10 2.88
C CYS A 55 -2.57 -2.39 1.53
N PHE A 56 -3.78 -2.19 1.01
CA PHE A 56 -3.94 -1.52 -0.29
C PHE A 56 -4.26 -0.04 -0.09
N VAL A 57 -3.75 0.78 -1.01
CA VAL A 57 -3.98 2.22 -0.94
C VAL A 57 -4.53 2.75 -2.27
N GLU A 58 -5.58 3.55 -2.19
CA GLU A 58 -6.20 4.13 -3.37
C GLU A 58 -5.64 5.52 -3.66
N PHE A 59 -5.71 5.93 -4.92
CA PHE A 59 -5.21 7.23 -5.33
C PHE A 59 -6.09 7.83 -6.43
N ALA A 60 -5.82 9.10 -6.77
CA ALA A 60 -6.58 9.78 -7.81
C ALA A 60 -6.70 8.92 -9.06
N ASP A 61 -5.57 8.43 -9.54
CA ASP A 61 -5.55 7.59 -10.74
C ASP A 61 -4.24 6.82 -10.84
N LEU A 62 -4.17 5.91 -11.80
CA LEU A 62 -2.98 5.10 -12.00
C LEU A 62 -1.74 5.98 -12.19
N ALA A 63 -1.85 6.97 -13.07
CA ALA A 63 -0.74 7.89 -13.32
C ALA A 63 -0.12 8.38 -12.03
N THR A 64 -0.93 9.04 -11.20
CA THR A 64 -0.45 9.56 -9.92
C THR A 64 0.15 8.45 -9.06
N ALA A 65 -0.50 7.30 -9.04
CA ALA A 65 -0.03 6.16 -8.27
C ALA A 65 1.41 5.81 -8.63
N GLU A 66 1.69 5.74 -9.93
CA GLU A 66 3.02 5.41 -10.40
C GLU A 66 4.06 6.38 -9.83
N LYS A 67 3.97 7.64 -10.23
CA LYS A 67 4.89 8.66 -9.75
C LYS A 67 4.97 8.66 -8.23
N CYS A 68 3.83 8.50 -7.59
CA CYS A 68 3.77 8.47 -6.13
C CYS A 68 4.32 7.17 -5.58
N LEU A 69 4.47 6.18 -6.46
CA LEU A 69 5.00 4.88 -6.06
C LEU A 69 6.51 4.80 -6.30
N HIS A 70 7.00 5.63 -7.23
CA HIS A 70 8.42 5.65 -7.55
C HIS A 70 9.14 6.68 -6.68
N LYS A 71 8.38 7.54 -6.02
CA LYS A 71 8.96 8.57 -5.16
C LYS A 71 9.22 8.03 -3.77
N ILE A 72 8.57 6.91 -3.43
CA ILE A 72 8.74 6.29 -2.13
C ILE A 72 9.26 4.86 -2.27
N ASN A 73 9.27 4.36 -3.50
CA ASN A 73 9.74 3.01 -3.77
C ASN A 73 11.23 2.88 -3.46
N GLY A 74 11.55 2.70 -2.18
CA GLY A 74 12.94 2.57 -1.79
C GLY A 74 13.33 3.54 -0.68
N LYS A 75 12.40 4.44 -0.35
CA LYS A 75 12.65 5.43 0.70
C LYS A 75 12.30 4.87 2.07
N PRO A 76 12.93 5.43 3.11
CA PRO A 76 12.70 5.00 4.50
C PRO A 76 11.31 5.38 5.00
N LEU A 77 10.63 4.43 5.63
CA LEU A 77 9.29 4.67 6.15
C LEU A 77 9.35 5.41 7.48
N PRO A 78 8.67 6.56 7.56
CA PRO A 78 8.64 7.39 8.76
C PRO A 78 7.83 6.74 9.88
N GLY A 79 8.22 7.02 11.13
CA GLY A 79 7.52 6.45 12.27
C GLY A 79 7.96 5.02 12.55
N ALA A 80 8.10 4.23 11.50
CA ALA A 80 8.50 2.84 11.65
C ALA A 80 9.47 2.67 12.81
N THR A 81 9.25 1.62 13.60
CA THR A 81 10.11 1.35 14.76
C THR A 81 10.59 -0.10 14.75
N PRO A 82 11.92 -0.27 14.80
CA PRO A 82 12.87 0.84 14.87
C PRO A 82 12.93 1.63 13.57
N ALA A 83 13.08 0.91 12.46
CA ALA A 83 13.15 1.54 11.14
C ALA A 83 12.88 0.54 10.04
N LYS A 84 12.14 0.96 9.02
CA LYS A 84 11.80 0.10 7.90
C LYS A 84 11.80 0.88 6.59
N ARG A 85 11.80 0.16 5.48
CA ARG A 85 11.80 0.79 4.16
C ARG A 85 10.40 0.76 3.55
N PHE A 86 10.15 1.66 2.59
CA PHE A 86 8.86 1.74 1.93
C PHE A 86 8.72 0.65 0.87
N LYS A 87 8.02 -0.42 1.23
CA LYS A 87 7.80 -1.53 0.32
C LYS A 87 6.50 -1.36 -0.46
N LEU A 88 6.61 -0.87 -1.69
CA LEU A 88 5.44 -0.66 -2.54
C LEU A 88 5.60 -1.35 -3.89
N ASN A 89 4.49 -1.78 -4.48
CA ASN A 89 4.52 -2.47 -5.76
C ASN A 89 3.19 -2.29 -6.49
N TYR A 90 3.14 -2.75 -7.73
CA TYR A 90 1.93 -2.66 -8.54
C TYR A 90 0.82 -3.53 -7.96
N ALA A 91 -0.41 -3.04 -8.06
CA ALA A 91 -1.57 -3.78 -7.55
C ALA A 91 -1.68 -5.15 -8.21
N THR A 92 -0.98 -5.32 -9.33
CA THR A 92 -1.00 -6.59 -10.05
C THR A 92 -0.93 -7.77 -9.09
N TYR A 93 -0.31 -7.57 -7.94
CA TYR A 93 -0.18 -8.61 -6.93
C TYR A 93 -1.52 -9.29 -6.68
N SER A 94 -1.58 -10.60 -6.93
CA SER A 94 -2.80 -11.36 -6.73
C SER A 94 -2.49 -12.79 -6.30
N GLY A 95 -2.86 -13.13 -5.07
CA GLY A 95 -2.60 -14.46 -4.55
C GLY A 95 -3.66 -15.45 -4.97
N PRO A 96 -3.76 -16.57 -4.24
CA PRO A 96 -4.73 -17.63 -4.53
C PRO A 96 -6.16 -17.19 -4.23
N SER A 97 -7.04 -17.38 -5.20
CA SER A 97 -8.45 -17.01 -5.05
C SER A 97 -9.37 -18.13 -5.51
N SER A 98 -10.07 -18.74 -4.57
CA SER A 98 -10.99 -19.83 -4.88
C SER A 98 -12.12 -19.90 -3.85
N GLY A 99 -13.34 -19.64 -4.30
CA GLY A 99 -14.48 -19.70 -3.41
C GLY A 99 -15.77 -20.05 -4.14
N GLY A 1 -8.93 9.72 -20.68
CA GLY A 1 -7.88 9.01 -19.99
C GLY A 1 -8.39 8.19 -18.81
N SER A 2 -9.20 7.18 -19.11
CA SER A 2 -9.77 6.33 -18.07
C SER A 2 -9.42 4.87 -18.32
N SER A 3 -8.76 4.25 -17.33
CA SER A 3 -8.37 2.85 -17.45
C SER A 3 -8.79 2.06 -16.22
N GLY A 4 -8.80 0.74 -16.33
CA GLY A 4 -9.20 -0.11 -15.23
C GLY A 4 -10.68 -0.02 -14.93
N SER A 5 -11.44 -0.94 -15.52
CA SER A 5 -12.89 -0.96 -15.32
C SER A 5 -13.24 -1.41 -13.90
N SER A 6 -12.58 -2.48 -13.46
CA SER A 6 -12.83 -3.02 -12.12
C SER A 6 -11.53 -3.48 -11.48
N GLY A 7 -11.56 -3.68 -10.16
CA GLY A 7 -10.38 -4.12 -9.45
C GLY A 7 -9.46 -2.97 -9.10
N MET A 8 -8.39 -3.27 -8.35
CA MET A 8 -7.44 -2.25 -7.95
C MET A 8 -6.75 -1.64 -9.17
N ALA A 9 -7.30 -0.54 -9.67
CA ALA A 9 -6.74 0.13 -10.83
C ALA A 9 -5.79 1.25 -10.40
N ALA A 10 -6.34 2.27 -9.74
CA ALA A 10 -5.55 3.40 -9.28
C ALA A 10 -5.04 3.18 -7.86
N SER A 11 -4.82 1.91 -7.51
CA SER A 11 -4.34 1.57 -6.18
C SER A 11 -2.99 0.85 -6.25
N LEU A 12 -2.26 0.86 -5.15
CA LEU A 12 -0.95 0.22 -5.08
C LEU A 12 -0.88 -0.76 -3.91
N TRP A 13 0.06 -1.69 -3.99
CA TRP A 13 0.24 -2.69 -2.93
C TRP A 13 1.32 -2.25 -1.95
N MET A 14 1.02 -2.37 -0.66
CA MET A 14 1.98 -2.00 0.38
C MET A 14 2.10 -3.09 1.43
N GLY A 15 3.16 -3.90 1.32
CA GLY A 15 3.37 -4.98 2.26
C GLY A 15 4.43 -4.64 3.30
N ASP A 16 5.02 -5.68 3.89
CA ASP A 16 6.06 -5.49 4.90
C ASP A 16 5.59 -4.52 5.98
N LEU A 17 4.38 -4.72 6.47
CA LEU A 17 3.81 -3.87 7.51
C LEU A 17 3.80 -4.57 8.86
N GLU A 18 3.79 -3.79 9.93
CA GLU A 18 3.79 -4.35 11.27
C GLU A 18 2.35 -4.61 11.75
N PRO A 19 2.21 -5.46 12.77
CA PRO A 19 0.90 -5.81 13.33
C PRO A 19 0.27 -4.66 14.10
N TYR A 20 1.06 -3.62 14.34
CA TYR A 20 0.57 -2.44 15.05
C TYR A 20 0.24 -1.31 14.09
N MET A 21 0.24 -1.63 12.79
CA MET A 21 -0.07 -0.64 11.77
C MET A 21 -1.52 -0.74 11.34
N ASP A 22 -2.21 0.40 11.29
CA ASP A 22 -3.60 0.44 10.89
C ASP A 22 -3.86 1.57 9.88
N GLU A 23 -5.02 1.53 9.25
CA GLU A 23 -5.38 2.55 8.26
C GLU A 23 -4.80 3.90 8.65
N ASN A 24 -4.90 4.24 9.92
CA ASN A 24 -4.39 5.51 10.42
C ASN A 24 -2.88 5.62 10.21
N PHE A 25 -2.15 4.64 10.71
CA PHE A 25 -0.70 4.60 10.59
C PHE A 25 -0.28 4.75 9.13
N ILE A 26 -0.76 3.83 8.29
CA ILE A 26 -0.43 3.85 6.87
C ILE A 26 -0.64 5.24 6.28
N SER A 27 -1.82 5.79 6.48
CA SER A 27 -2.15 7.12 5.97
C SER A 27 -1.11 8.15 6.41
N ARG A 28 -0.67 8.04 7.66
CA ARG A 28 0.33 8.95 8.20
C ARG A 28 1.63 8.86 7.42
N ALA A 29 2.03 7.63 7.07
CA ALA A 29 3.25 7.42 6.32
C ALA A 29 3.26 8.22 5.03
N PHE A 30 2.31 7.92 4.15
CA PHE A 30 2.20 8.62 2.87
C PHE A 30 2.14 10.14 3.08
N ALA A 31 1.21 10.57 3.92
CA ALA A 31 1.05 11.99 4.21
C ALA A 31 2.37 12.62 4.64
N THR A 32 3.10 11.92 5.50
CA THR A 32 4.38 12.42 5.99
C THR A 32 5.37 12.60 4.84
N MET A 33 5.47 11.60 3.97
CA MET A 33 6.37 11.67 2.83
C MET A 33 5.98 12.79 1.88
N GLY A 34 4.79 13.35 2.10
CA GLY A 34 4.31 14.42 1.25
C GLY A 34 3.39 13.93 0.15
N GLU A 35 2.51 12.99 0.48
CA GLU A 35 1.58 12.43 -0.49
C GLU A 35 0.15 12.41 0.08
N THR A 36 -0.82 12.65 -0.78
CA THR A 36 -2.22 12.67 -0.37
C THR A 36 -2.90 11.35 -0.72
N VAL A 37 -2.98 10.45 0.25
CA VAL A 37 -3.62 9.15 0.05
C VAL A 37 -5.13 9.27 0.02
N MET A 38 -5.77 8.50 -0.85
CA MET A 38 -7.22 8.52 -0.97
C MET A 38 -7.87 7.61 0.07
N SER A 39 -7.43 6.36 0.11
CA SER A 39 -7.97 5.38 1.05
C SER A 39 -6.97 4.28 1.33
N VAL A 40 -7.19 3.52 2.40
CA VAL A 40 -6.31 2.42 2.77
C VAL A 40 -7.09 1.27 3.40
N LYS A 41 -6.83 0.06 2.91
CA LYS A 41 -7.50 -1.13 3.43
C LYS A 41 -6.50 -2.12 4.00
N ILE A 42 -6.69 -2.48 5.26
CA ILE A 42 -5.80 -3.43 5.92
C ILE A 42 -6.33 -4.85 5.80
N ILE A 43 -5.53 -5.71 5.15
CA ILE A 43 -5.92 -7.11 4.97
C ILE A 43 -5.66 -7.92 6.23
N ARG A 44 -6.74 -8.36 6.88
CA ARG A 44 -6.62 -9.15 8.09
C ARG A 44 -7.46 -10.44 7.99
N ASN A 45 -7.19 -11.38 8.90
CA ASN A 45 -7.92 -12.65 8.90
C ASN A 45 -9.29 -12.48 9.55
N ARG A 46 -10.12 -13.51 9.41
CA ARG A 46 -11.47 -13.47 9.98
C ARG A 46 -11.50 -14.17 11.34
N LEU A 47 -10.64 -15.15 11.52
CA LEU A 47 -10.56 -15.89 12.78
C LEU A 47 -9.50 -15.29 13.69
N THR A 48 -8.31 -15.07 13.15
CA THR A 48 -7.21 -14.50 13.93
C THR A 48 -7.30 -12.98 13.96
N GLY A 49 -8.00 -12.41 12.97
CA GLY A 49 -8.14 -10.97 12.90
C GLY A 49 -6.80 -10.26 12.80
N ILE A 50 -5.76 -11.01 12.46
CA ILE A 50 -4.42 -10.45 12.32
C ILE A 50 -4.15 -10.02 10.89
N PRO A 51 -3.52 -8.85 10.72
CA PRO A 51 -3.19 -8.31 9.40
C PRO A 51 -2.09 -9.12 8.70
N ALA A 52 -2.44 -9.72 7.57
CA ALA A 52 -1.48 -10.52 6.81
C ALA A 52 -0.12 -9.83 6.77
N GLY A 53 -0.12 -8.51 6.86
CA GLY A 53 1.13 -7.76 6.83
C GLY A 53 1.21 -6.82 5.64
N TYR A 54 0.08 -6.60 4.98
CA TYR A 54 0.03 -5.73 3.82
C TYR A 54 -1.31 -5.00 3.74
N CYS A 55 -1.33 -3.87 3.05
CA CYS A 55 -2.55 -3.08 2.90
C CYS A 55 -2.59 -2.42 1.53
N PHE A 56 -3.79 -2.21 1.02
CA PHE A 56 -3.98 -1.58 -0.28
C PHE A 56 -4.26 -0.09 -0.14
N VAL A 57 -3.72 0.71 -1.06
CA VAL A 57 -3.92 2.15 -1.02
C VAL A 57 -4.51 2.66 -2.33
N GLU A 58 -5.54 3.50 -2.23
CA GLU A 58 -6.19 4.05 -3.41
C GLU A 58 -5.67 5.45 -3.71
N PHE A 59 -5.79 5.86 -4.97
CA PHE A 59 -5.33 7.18 -5.39
C PHE A 59 -6.25 7.76 -6.47
N ALA A 60 -5.96 8.99 -6.88
CA ALA A 60 -6.75 9.65 -7.91
C ALA A 60 -6.83 8.80 -9.18
N ASP A 61 -5.67 8.44 -9.71
CA ASP A 61 -5.61 7.63 -10.93
C ASP A 61 -4.28 6.89 -11.02
N LEU A 62 -4.20 5.95 -11.94
CA LEU A 62 -2.97 5.17 -12.13
C LEU A 62 -1.76 6.08 -12.27
N ALA A 63 -1.87 7.09 -13.13
CA ALA A 63 -0.79 8.03 -13.34
C ALA A 63 -0.16 8.46 -12.02
N THR A 64 -0.96 9.12 -11.18
CA THR A 64 -0.47 9.59 -9.89
C THR A 64 0.10 8.45 -9.06
N ALA A 65 -0.57 7.30 -9.12
CA ALA A 65 -0.13 6.12 -8.38
C ALA A 65 1.33 5.78 -8.71
N GLU A 66 1.66 5.84 -9.99
CA GLU A 66 3.03 5.53 -10.43
C GLU A 66 4.04 6.45 -9.75
N LYS A 67 3.98 7.74 -10.09
CA LYS A 67 4.89 8.72 -9.51
C LYS A 67 4.88 8.64 -7.99
N CYS A 68 3.71 8.37 -7.43
CA CYS A 68 3.57 8.26 -5.97
C CYS A 68 4.19 6.97 -5.46
N LEU A 69 4.35 6.00 -6.36
CA LEU A 69 4.93 4.72 -5.98
C LEU A 69 6.43 4.71 -6.24
N HIS A 70 6.88 5.52 -7.19
CA HIS A 70 8.29 5.60 -7.53
C HIS A 70 9.00 6.64 -6.67
N LYS A 71 8.21 7.47 -5.98
CA LYS A 71 8.75 8.51 -5.12
C LYS A 71 9.05 7.97 -3.73
N ILE A 72 8.47 6.81 -3.42
CA ILE A 72 8.68 6.18 -2.12
C ILE A 72 9.23 4.77 -2.28
N ASN A 73 9.09 4.22 -3.47
CA ASN A 73 9.56 2.86 -3.76
C ASN A 73 11.06 2.75 -3.47
N GLY A 74 11.39 2.36 -2.24
CA GLY A 74 12.78 2.21 -1.87
C GLY A 74 13.19 3.18 -0.77
N LYS A 75 12.41 4.24 -0.59
CA LYS A 75 12.69 5.24 0.43
C LYS A 75 12.30 4.73 1.82
N PRO A 76 12.90 5.33 2.86
CA PRO A 76 12.63 4.96 4.24
C PRO A 76 11.23 5.34 4.70
N LEU A 77 10.64 4.52 5.56
CA LEU A 77 9.30 4.78 6.06
C LEU A 77 9.36 5.51 7.41
N PRO A 78 8.67 6.66 7.49
CA PRO A 78 8.63 7.46 8.72
C PRO A 78 7.83 6.80 9.82
N GLY A 79 8.22 7.03 11.06
CA GLY A 79 7.53 6.45 12.20
C GLY A 79 8.04 5.06 12.53
N ALA A 80 8.21 4.23 11.50
CA ALA A 80 8.69 2.87 11.68
C ALA A 80 9.85 2.83 12.68
N THR A 81 9.82 1.84 13.58
CA THR A 81 10.86 1.70 14.57
C THR A 81 11.42 0.28 14.58
N PRO A 82 12.76 0.16 14.61
CA PRO A 82 13.65 1.32 14.63
C PRO A 82 13.64 2.09 13.31
N ALA A 83 13.71 1.35 12.21
CA ALA A 83 13.70 1.96 10.88
C ALA A 83 13.29 0.95 9.82
N LYS A 84 12.24 1.27 9.08
CA LYS A 84 11.74 0.40 8.02
C LYS A 84 11.78 1.09 6.67
N ARG A 85 11.61 0.32 5.61
CA ARG A 85 11.64 0.87 4.25
C ARG A 85 10.24 0.81 3.62
N PHE A 86 10.03 1.62 2.59
CA PHE A 86 8.75 1.66 1.89
C PHE A 86 8.65 0.55 0.86
N LYS A 87 7.85 -0.47 1.17
CA LYS A 87 7.66 -1.60 0.27
C LYS A 87 6.38 -1.44 -0.54
N LEU A 88 6.52 -0.98 -1.77
CA LEU A 88 5.37 -0.79 -2.65
C LEU A 88 5.56 -1.53 -3.97
N ASN A 89 4.45 -1.96 -4.58
CA ASN A 89 4.50 -2.67 -5.84
C ASN A 89 3.19 -2.52 -6.60
N TYR A 90 3.24 -2.76 -7.91
CA TYR A 90 2.04 -2.65 -8.74
C TYR A 90 0.96 -3.63 -8.29
N ALA A 91 -0.23 -3.12 -8.06
CA ALA A 91 -1.36 -3.94 -7.63
C ALA A 91 -1.40 -5.25 -8.41
N THR A 92 -0.87 -5.23 -9.62
CA THR A 92 -0.86 -6.42 -10.48
C THR A 92 0.41 -7.23 -10.26
N TYR A 93 0.93 -7.19 -9.04
CA TYR A 93 2.13 -7.93 -8.70
C TYR A 93 1.89 -9.44 -8.71
N SER A 94 2.95 -10.21 -8.53
CA SER A 94 2.85 -11.66 -8.53
C SER A 94 4.05 -12.29 -7.82
N GLY A 95 3.79 -12.96 -6.70
CA GLY A 95 4.87 -13.59 -5.96
C GLY A 95 5.37 -12.73 -4.81
N PRO A 96 6.54 -13.09 -4.27
CA PRO A 96 7.14 -12.36 -3.15
C PRO A 96 7.65 -10.99 -3.56
N SER A 97 8.34 -10.93 -4.70
CA SER A 97 8.88 -9.67 -5.21
C SER A 97 8.44 -9.43 -6.65
N SER A 98 8.35 -8.16 -7.03
CA SER A 98 7.94 -7.80 -8.38
C SER A 98 9.15 -7.67 -9.30
N GLY A 99 8.89 -7.69 -10.61
CA GLY A 99 9.97 -7.58 -11.58
C GLY A 99 9.48 -7.15 -12.95
N GLY A 1 -0.23 -3.24 -20.91
CA GLY A 1 -1.55 -2.97 -20.37
C GLY A 1 -2.58 -4.01 -20.77
N SER A 2 -3.35 -4.48 -19.80
CA SER A 2 -4.37 -5.49 -20.06
C SER A 2 -5.69 -4.84 -20.46
N SER A 3 -6.65 -5.66 -20.89
CA SER A 3 -7.95 -5.16 -21.31
C SER A 3 -8.81 -4.81 -20.09
N GLY A 4 -8.82 -3.53 -19.75
CA GLY A 4 -9.60 -3.08 -18.60
C GLY A 4 -9.12 -3.69 -17.30
N SER A 5 -9.00 -2.85 -16.28
CA SER A 5 -8.55 -3.31 -14.96
C SER A 5 -9.61 -4.17 -14.29
N SER A 6 -9.16 -5.09 -13.44
CA SER A 6 -10.07 -5.99 -12.74
C SER A 6 -10.41 -5.44 -11.35
N GLY A 7 -9.39 -5.25 -10.52
CA GLY A 7 -9.60 -4.73 -9.19
C GLY A 7 -8.91 -3.41 -8.96
N MET A 8 -7.83 -3.44 -8.17
CA MET A 8 -7.07 -2.22 -7.87
C MET A 8 -6.46 -1.65 -9.14
N ALA A 9 -7.05 -0.56 -9.64
CA ALA A 9 -6.56 0.09 -10.85
C ALA A 9 -5.60 1.22 -10.51
N ALA A 10 -6.08 2.17 -9.72
CA ALA A 10 -5.25 3.32 -9.32
C ALA A 10 -4.78 3.17 -7.88
N SER A 11 -4.65 1.93 -7.43
CA SER A 11 -4.20 1.65 -6.07
C SER A 11 -2.81 1.01 -6.07
N LEU A 12 -2.19 0.97 -4.90
CA LEU A 12 -0.85 0.39 -4.76
C LEU A 12 -0.84 -0.66 -3.66
N TRP A 13 0.14 -1.56 -3.73
CA TRP A 13 0.27 -2.62 -2.74
C TRP A 13 1.38 -2.30 -1.74
N MET A 14 1.07 -2.45 -0.45
CA MET A 14 2.04 -2.17 0.60
C MET A 14 2.15 -3.35 1.57
N GLY A 15 3.19 -4.15 1.40
CA GLY A 15 3.39 -5.30 2.25
C GLY A 15 4.42 -5.05 3.33
N ASP A 16 4.98 -6.12 3.88
CA ASP A 16 5.99 -6.01 4.92
C ASP A 16 5.56 -5.01 5.99
N LEU A 17 4.27 -4.98 6.29
CA LEU A 17 3.73 -4.06 7.28
C LEU A 17 3.84 -4.66 8.68
N GLU A 18 3.47 -3.87 9.68
CA GLU A 18 3.52 -4.32 11.08
C GLU A 18 2.13 -4.57 11.62
N PRO A 19 2.04 -5.39 12.68
CA PRO A 19 0.77 -5.72 13.32
C PRO A 19 0.16 -4.53 14.06
N TYR A 20 1.00 -3.59 14.47
CA TYR A 20 0.55 -2.41 15.19
C TYR A 20 0.08 -1.33 14.22
N MET A 21 0.56 -1.42 12.97
CA MET A 21 0.20 -0.44 11.95
C MET A 21 -1.26 -0.61 11.53
N ASP A 22 -1.97 0.50 11.43
CA ASP A 22 -3.38 0.48 11.05
C ASP A 22 -3.66 1.52 9.97
N GLU A 23 -4.82 1.41 9.33
CA GLU A 23 -5.22 2.35 8.28
C GLU A 23 -4.72 3.75 8.60
N ASN A 24 -4.78 4.13 9.88
CA ASN A 24 -4.35 5.45 10.31
C ASN A 24 -2.84 5.61 10.11
N PHE A 25 -2.07 4.66 10.61
CA PHE A 25 -0.62 4.70 10.49
C PHE A 25 -0.21 4.82 9.02
N ILE A 26 -0.69 3.89 8.20
CA ILE A 26 -0.36 3.89 6.78
C ILE A 26 -0.64 5.26 6.15
N SER A 27 -1.84 5.78 6.38
CA SER A 27 -2.22 7.07 5.83
C SER A 27 -1.23 8.15 6.24
N ARG A 28 -0.82 8.12 7.50
CA ARG A 28 0.14 9.10 8.01
C ARG A 28 1.47 8.99 7.28
N ALA A 29 1.87 7.76 6.95
CA ALA A 29 3.13 7.53 6.25
C ALA A 29 3.17 8.32 4.95
N PHE A 30 2.18 8.10 4.10
CA PHE A 30 2.11 8.80 2.81
C PHE A 30 2.07 10.31 3.01
N ALA A 31 1.16 10.76 3.86
CA ALA A 31 1.02 12.19 4.14
C ALA A 31 2.36 12.80 4.56
N THR A 32 3.06 12.12 5.45
CA THR A 32 4.35 12.59 5.94
C THR A 32 5.34 12.75 4.80
N MET A 33 5.44 11.72 3.96
CA MET A 33 6.35 11.76 2.82
C MET A 33 5.97 12.87 1.84
N GLY A 34 4.79 13.43 2.04
CA GLY A 34 4.33 14.51 1.17
C GLY A 34 3.40 14.01 0.08
N GLU A 35 2.53 13.06 0.43
CA GLU A 35 1.59 12.50 -0.52
C GLU A 35 0.18 12.44 0.08
N THR A 36 -0.81 12.80 -0.72
CA THR A 36 -2.20 12.78 -0.28
C THR A 36 -2.89 11.47 -0.64
N VAL A 37 -2.97 10.55 0.32
CA VAL A 37 -3.59 9.26 0.10
C VAL A 37 -5.11 9.38 0.06
N MET A 38 -5.76 8.52 -0.70
CA MET A 38 -7.21 8.53 -0.82
C MET A 38 -7.85 7.63 0.23
N SER A 39 -7.43 6.36 0.26
CA SER A 39 -7.97 5.41 1.22
C SER A 39 -6.97 4.28 1.48
N VAL A 40 -7.21 3.52 2.54
CA VAL A 40 -6.34 2.41 2.89
C VAL A 40 -7.12 1.27 3.53
N LYS A 41 -6.79 0.05 3.12
CA LYS A 41 -7.47 -1.14 3.65
C LYS A 41 -6.46 -2.16 4.15
N ILE A 42 -6.63 -2.58 5.40
CA ILE A 42 -5.73 -3.56 6.00
C ILE A 42 -6.31 -4.97 5.90
N ILE A 43 -5.61 -5.84 5.18
CA ILE A 43 -6.04 -7.22 5.01
C ILE A 43 -5.80 -8.04 6.27
N ARG A 44 -6.87 -8.34 6.99
CA ARG A 44 -6.77 -9.11 8.22
C ARG A 44 -7.63 -10.37 8.14
N ASN A 45 -7.36 -11.33 9.02
CA ASN A 45 -8.10 -12.58 9.05
C ASN A 45 -9.42 -12.41 9.81
N ARG A 46 -10.30 -13.39 9.66
CA ARG A 46 -11.60 -13.35 10.33
C ARG A 46 -11.55 -14.13 11.65
N LEU A 47 -10.57 -15.01 11.78
CA LEU A 47 -10.42 -15.81 12.99
C LEU A 47 -9.34 -15.24 13.88
N THR A 48 -8.18 -14.94 13.30
CA THR A 48 -7.07 -14.38 14.05
C THR A 48 -7.14 -12.86 14.10
N GLY A 49 -7.76 -12.28 13.08
CA GLY A 49 -7.88 -10.83 13.02
C GLY A 49 -6.57 -10.14 12.72
N ILE A 50 -5.50 -10.93 12.63
CA ILE A 50 -4.17 -10.38 12.35
C ILE A 50 -4.03 -10.01 10.89
N PRO A 51 -3.40 -8.86 10.62
CA PRO A 51 -3.18 -8.35 9.27
C PRO A 51 -2.17 -9.19 8.49
N ALA A 52 -2.64 -9.82 7.41
CA ALA A 52 -1.77 -10.66 6.59
C ALA A 52 -0.36 -10.09 6.52
N GLY A 53 -0.25 -8.77 6.60
CA GLY A 53 1.05 -8.12 6.54
C GLY A 53 1.16 -7.13 5.40
N TYR A 54 0.02 -6.79 4.80
CA TYR A 54 0.00 -5.86 3.68
C TYR A 54 -1.34 -5.12 3.62
N CYS A 55 -1.33 -3.94 3.01
CA CYS A 55 -2.53 -3.14 2.88
C CYS A 55 -2.61 -2.48 1.51
N PHE A 56 -3.82 -2.18 1.07
CA PHE A 56 -4.03 -1.55 -0.23
C PHE A 56 -4.31 -0.05 -0.07
N VAL A 57 -3.72 0.75 -0.96
CA VAL A 57 -3.90 2.19 -0.92
C VAL A 57 -4.51 2.71 -2.23
N GLU A 58 -5.51 3.57 -2.11
CA GLU A 58 -6.18 4.13 -3.28
C GLU A 58 -5.64 5.53 -3.60
N PHE A 59 -5.74 5.93 -4.86
CA PHE A 59 -5.26 7.24 -5.29
C PHE A 59 -6.17 7.81 -6.37
N ALA A 60 -5.89 9.05 -6.77
CA ALA A 60 -6.67 9.71 -7.80
C ALA A 60 -6.79 8.84 -9.05
N ASP A 61 -5.65 8.42 -9.59
CA ASP A 61 -5.63 7.59 -10.79
C ASP A 61 -4.33 6.79 -10.87
N LEU A 62 -4.23 5.94 -11.88
CA LEU A 62 -3.04 5.12 -12.08
C LEU A 62 -1.79 6.00 -12.22
N ALA A 63 -1.88 7.00 -13.09
CA ALA A 63 -0.76 7.91 -13.31
C ALA A 63 -0.15 8.37 -11.98
N THR A 64 -0.98 9.00 -11.15
CA THR A 64 -0.53 9.50 -9.86
C THR A 64 0.09 8.38 -9.03
N ALA A 65 -0.54 7.21 -9.06
CA ALA A 65 -0.04 6.06 -8.31
C ALA A 65 1.40 5.74 -8.68
N GLU A 66 1.70 5.83 -9.97
CA GLU A 66 3.05 5.54 -10.46
C GLU A 66 4.06 6.51 -9.84
N LYS A 67 3.96 7.78 -10.21
CA LYS A 67 4.86 8.80 -9.69
C LYS A 67 4.90 8.77 -8.16
N CYS A 68 3.78 8.40 -7.55
CA CYS A 68 3.68 8.33 -6.10
C CYS A 68 4.29 7.03 -5.58
N LEU A 69 4.48 6.07 -6.47
CA LEU A 69 5.05 4.77 -6.09
C LEU A 69 6.56 4.77 -6.30
N HIS A 70 7.04 5.57 -7.25
CA HIS A 70 8.46 5.65 -7.54
C HIS A 70 9.13 6.68 -6.64
N LYS A 71 8.32 7.50 -5.97
CA LYS A 71 8.84 8.52 -5.06
C LYS A 71 9.07 7.95 -3.67
N ILE A 72 8.48 6.80 -3.40
CA ILE A 72 8.63 6.15 -2.10
C ILE A 72 9.10 4.71 -2.26
N ASN A 73 9.16 4.25 -3.50
CA ASN A 73 9.60 2.89 -3.79
C ASN A 73 11.05 2.67 -3.36
N GLY A 74 11.23 2.37 -2.08
CA GLY A 74 12.57 2.15 -1.55
C GLY A 74 12.95 3.16 -0.49
N LYS A 75 12.23 4.27 -0.45
CA LYS A 75 12.50 5.33 0.52
C LYS A 75 12.20 4.85 1.94
N PRO A 76 12.81 5.51 2.93
CA PRO A 76 12.62 5.18 4.34
C PRO A 76 11.23 5.54 4.85
N LEU A 77 10.56 4.57 5.47
CA LEU A 77 9.22 4.79 5.99
C LEU A 77 9.26 5.55 7.32
N PRO A 78 8.60 6.71 7.36
CA PRO A 78 8.55 7.56 8.56
C PRO A 78 7.72 6.93 9.67
N GLY A 79 8.16 7.14 10.91
CA GLY A 79 7.43 6.59 12.04
C GLY A 79 7.95 5.22 12.45
N ALA A 80 8.10 4.33 11.48
CA ALA A 80 8.60 2.99 11.74
C ALA A 80 9.86 3.02 12.61
N THR A 81 9.95 2.10 13.57
CA THR A 81 11.09 2.03 14.46
C THR A 81 11.69 0.63 14.47
N PRO A 82 13.03 0.57 14.45
CA PRO A 82 13.88 1.76 14.42
C PRO A 82 13.80 2.50 13.09
N ALA A 83 13.90 1.75 12.00
CA ALA A 83 13.84 2.34 10.67
C ALA A 83 13.34 1.32 9.64
N LYS A 84 12.19 1.62 9.03
CA LYS A 84 11.59 0.74 8.04
C LYS A 84 11.71 1.34 6.65
N ARG A 85 11.48 0.52 5.63
CA ARG A 85 11.56 0.97 4.24
C ARG A 85 10.18 0.97 3.59
N PHE A 86 10.05 1.69 2.48
CA PHE A 86 8.78 1.78 1.77
C PHE A 86 8.67 0.68 0.71
N LYS A 87 7.93 -0.37 1.04
CA LYS A 87 7.74 -1.49 0.12
C LYS A 87 6.44 -1.34 -0.66
N LEU A 88 6.54 -0.86 -1.89
CA LEU A 88 5.37 -0.67 -2.74
C LEU A 88 5.54 -1.42 -4.07
N ASN A 89 4.44 -1.99 -4.55
CA ASN A 89 4.47 -2.73 -5.81
C ASN A 89 3.11 -2.65 -6.51
N TYR A 90 3.12 -2.90 -7.82
CA TYR A 90 1.88 -2.86 -8.60
C TYR A 90 0.85 -3.80 -8.03
N ALA A 91 -0.38 -3.30 -7.86
CA ALA A 91 -1.47 -4.10 -7.32
C ALA A 91 -1.54 -5.47 -8.00
N THR A 92 -0.93 -5.57 -9.17
CA THR A 92 -0.93 -6.82 -9.92
C THR A 92 0.44 -7.49 -9.86
N TYR A 93 1.02 -7.54 -8.66
CA TYR A 93 2.33 -8.15 -8.47
C TYR A 93 2.20 -9.65 -8.29
N SER A 94 2.87 -10.40 -9.16
CA SER A 94 2.83 -11.86 -9.11
C SER A 94 3.97 -12.40 -8.25
N GLY A 95 3.64 -12.85 -7.05
CA GLY A 95 4.64 -13.38 -6.15
C GLY A 95 4.72 -14.91 -6.22
N PRO A 96 5.93 -15.44 -5.99
CA PRO A 96 6.17 -16.88 -6.02
C PRO A 96 5.52 -17.61 -4.84
N SER A 97 5.02 -16.83 -3.88
CA SER A 97 4.38 -17.39 -2.70
C SER A 97 3.52 -18.60 -3.08
N SER A 98 4.03 -19.79 -2.82
CA SER A 98 3.31 -21.02 -3.13
C SER A 98 2.03 -21.13 -2.31
N GLY A 99 2.12 -20.82 -1.02
CA GLY A 99 0.97 -20.88 -0.15
C GLY A 99 1.25 -20.32 1.23
N GLY A 1 -12.66 -0.26 -28.06
CA GLY A 1 -11.93 -0.52 -26.84
C GLY A 1 -12.02 -1.97 -26.40
N SER A 2 -10.86 -2.61 -26.26
CA SER A 2 -10.81 -4.00 -25.85
C SER A 2 -10.13 -4.15 -24.50
N SER A 3 -10.48 -3.25 -23.58
CA SER A 3 -9.90 -3.28 -22.23
C SER A 3 -10.92 -2.83 -21.19
N GLY A 4 -10.61 -3.08 -19.93
CA GLY A 4 -11.51 -2.71 -18.86
C GLY A 4 -10.89 -2.88 -17.48
N SER A 5 -11.38 -2.11 -16.51
CA SER A 5 -10.86 -2.18 -15.15
C SER A 5 -11.59 -3.23 -14.34
N SER A 6 -10.85 -3.94 -13.50
CA SER A 6 -11.42 -4.99 -12.66
C SER A 6 -11.82 -4.44 -11.30
N GLY A 7 -10.83 -3.91 -10.57
CA GLY A 7 -11.10 -3.35 -9.25
C GLY A 7 -10.01 -2.40 -8.80
N MET A 8 -8.89 -2.94 -8.36
CA MET A 8 -7.77 -2.13 -7.90
C MET A 8 -6.91 -1.66 -9.07
N ALA A 9 -7.21 -0.47 -9.58
CA ALA A 9 -6.47 0.09 -10.70
C ALA A 9 -5.60 1.27 -10.26
N ALA A 10 -6.24 2.27 -9.67
CA ALA A 10 -5.54 3.45 -9.19
C ALA A 10 -5.01 3.25 -7.78
N SER A 11 -4.87 1.98 -7.38
CA SER A 11 -4.38 1.66 -6.04
C SER A 11 -3.00 1.01 -6.11
N LEU A 12 -2.32 0.95 -4.97
CA LEU A 12 -0.99 0.35 -4.90
C LEU A 12 -0.90 -0.66 -3.77
N TRP A 13 0.03 -1.60 -3.89
CA TRP A 13 0.21 -2.62 -2.87
C TRP A 13 1.31 -2.23 -1.89
N MET A 14 1.05 -2.44 -0.60
CA MET A 14 2.02 -2.11 0.44
C MET A 14 2.13 -3.24 1.46
N GLY A 15 3.17 -4.05 1.30
CA GLY A 15 3.38 -5.17 2.22
C GLY A 15 4.41 -4.86 3.28
N ASP A 16 4.98 -5.90 3.86
CA ASP A 16 6.00 -5.74 4.89
C ASP A 16 5.50 -4.80 5.99
N LEU A 17 4.23 -4.96 6.37
CA LEU A 17 3.64 -4.12 7.41
C LEU A 17 3.72 -4.81 8.77
N GLU A 18 3.41 -4.06 9.82
CA GLU A 18 3.44 -4.60 11.18
C GLU A 18 2.03 -4.83 11.70
N PRO A 19 1.91 -5.71 12.71
CA PRO A 19 0.63 -6.04 13.33
C PRO A 19 0.07 -4.88 14.15
N TYR A 20 0.87 -3.84 14.33
CA TYR A 20 0.46 -2.67 15.09
C TYR A 20 0.08 -1.52 14.17
N MET A 21 0.47 -1.63 12.90
CA MET A 21 0.18 -0.60 11.92
C MET A 21 -1.28 -0.68 11.47
N ASP A 22 -1.96 0.46 11.51
CA ASP A 22 -3.37 0.53 11.10
C ASP A 22 -3.58 1.61 10.05
N GLU A 23 -4.75 1.58 9.42
CA GLU A 23 -5.09 2.57 8.39
C GLU A 23 -4.56 3.95 8.77
N ASN A 24 -4.90 4.39 9.98
CA ASN A 24 -4.46 5.70 10.45
C ASN A 24 -2.95 5.86 10.30
N PHE A 25 -2.22 4.81 10.66
CA PHE A 25 -0.76 4.82 10.56
C PHE A 25 -0.31 4.90 9.11
N ILE A 26 -0.77 3.96 8.29
CA ILE A 26 -0.42 3.93 6.89
C ILE A 26 -0.68 5.28 6.21
N SER A 27 -1.81 5.89 6.56
CA SER A 27 -2.19 7.18 5.99
C SER A 27 -1.17 8.26 6.37
N ARG A 28 -0.71 8.21 7.62
CA ARG A 28 0.27 9.18 8.09
C ARG A 28 1.60 9.02 7.37
N ALA A 29 1.99 7.77 7.12
CA ALA A 29 3.24 7.48 6.43
C ALA A 29 3.28 8.16 5.07
N PHE A 30 2.27 7.92 4.25
CA PHE A 30 2.20 8.51 2.92
C PHE A 30 2.15 10.04 3.01
N ALA A 31 1.21 10.55 3.78
CA ALA A 31 1.07 12.00 3.94
C ALA A 31 2.38 12.63 4.37
N THR A 32 3.01 12.07 5.41
CA THR A 32 4.27 12.58 5.91
C THR A 32 5.28 12.76 4.77
N MET A 33 5.35 11.78 3.89
CA MET A 33 6.27 11.84 2.76
C MET A 33 5.84 12.90 1.76
N GLY A 34 4.57 13.30 1.82
CA GLY A 34 4.05 14.30 0.92
C GLY A 34 3.12 13.71 -0.13
N GLU A 35 2.45 12.62 0.23
CA GLU A 35 1.53 11.96 -0.69
C GLU A 35 0.12 11.90 -0.10
N THR A 36 -0.85 12.40 -0.86
CA THR A 36 -2.24 12.42 -0.43
C THR A 36 -2.93 11.10 -0.75
N VAL A 37 -3.07 10.25 0.27
CA VAL A 37 -3.73 8.96 0.09
C VAL A 37 -5.24 9.10 0.07
N MET A 38 -5.89 8.31 -0.79
CA MET A 38 -7.34 8.35 -0.91
C MET A 38 -8.00 7.42 0.11
N SER A 39 -7.40 6.25 0.29
CA SER A 39 -7.93 5.26 1.23
C SER A 39 -6.91 4.17 1.50
N VAL A 40 -7.12 3.43 2.59
CA VAL A 40 -6.23 2.35 2.96
C VAL A 40 -6.99 1.19 3.59
N LYS A 41 -6.78 -0.02 3.06
CA LYS A 41 -7.46 -1.20 3.57
C LYS A 41 -6.43 -2.23 4.06
N ILE A 42 -6.58 -2.64 5.32
CA ILE A 42 -5.68 -3.62 5.91
C ILE A 42 -6.24 -5.03 5.79
N ILE A 43 -5.55 -5.88 5.03
CA ILE A 43 -5.99 -7.25 4.85
C ILE A 43 -5.76 -8.08 6.11
N ARG A 44 -6.84 -8.48 6.76
CA ARG A 44 -6.75 -9.27 7.98
C ARG A 44 -7.62 -10.52 7.88
N ASN A 45 -7.33 -11.51 8.72
CA ASN A 45 -8.08 -12.76 8.72
C ASN A 45 -9.39 -12.60 9.49
N ARG A 46 -10.31 -13.54 9.27
CA ARG A 46 -11.61 -13.50 9.94
C ARG A 46 -11.59 -14.35 11.21
N LEU A 47 -10.60 -15.23 11.31
CA LEU A 47 -10.46 -16.09 12.47
C LEU A 47 -9.47 -15.53 13.48
N THR A 48 -8.26 -15.20 12.99
CA THR A 48 -7.22 -14.65 13.83
C THR A 48 -7.35 -13.13 13.93
N GLY A 49 -7.80 -12.51 12.86
CA GLY A 49 -7.96 -11.07 12.84
C GLY A 49 -6.65 -10.35 12.59
N ILE A 50 -5.56 -11.10 12.53
CA ILE A 50 -4.24 -10.52 12.29
C ILE A 50 -4.08 -10.09 10.84
N PRO A 51 -3.47 -8.92 10.63
CA PRO A 51 -3.24 -8.37 9.29
C PRO A 51 -2.20 -9.16 8.51
N ALA A 52 -2.63 -9.76 7.40
CA ALA A 52 -1.73 -10.55 6.57
C ALA A 52 -0.33 -9.93 6.52
N GLY A 53 -0.28 -8.61 6.64
CA GLY A 53 1.01 -7.92 6.61
C GLY A 53 1.09 -6.92 5.47
N TYR A 54 0.00 -6.76 4.74
CA TYR A 54 -0.02 -5.84 3.60
C TYR A 54 -1.36 -5.12 3.52
N CYS A 55 -1.35 -3.92 2.95
CA CYS A 55 -2.57 -3.13 2.81
C CYS A 55 -2.62 -2.44 1.44
N PHE A 56 -3.84 -2.17 0.98
CA PHE A 56 -4.02 -1.52 -0.31
C PHE A 56 -4.30 -0.03 -0.15
N VAL A 57 -3.65 0.78 -0.98
CA VAL A 57 -3.83 2.23 -0.92
C VAL A 57 -4.45 2.76 -2.21
N GLU A 58 -5.52 3.52 -2.07
CA GLU A 58 -6.20 4.10 -3.24
C GLU A 58 -5.66 5.49 -3.55
N PHE A 59 -5.78 5.88 -4.82
CA PHE A 59 -5.30 7.19 -5.25
C PHE A 59 -6.22 7.77 -6.32
N ALA A 60 -5.91 9.00 -6.75
CA ALA A 60 -6.70 9.67 -7.78
C ALA A 60 -6.80 8.81 -9.04
N ASP A 61 -5.65 8.33 -9.50
CA ASP A 61 -5.61 7.50 -10.70
C ASP A 61 -4.30 6.74 -10.79
N LEU A 62 -4.23 5.78 -11.71
CA LEU A 62 -3.03 4.97 -11.90
C LEU A 62 -1.80 5.86 -12.09
N ALA A 63 -1.91 6.81 -13.02
CA ALA A 63 -0.82 7.73 -13.30
C ALA A 63 -0.18 8.23 -12.00
N THR A 64 -0.97 8.92 -11.19
CA THR A 64 -0.49 9.46 -9.93
C THR A 64 0.14 8.37 -9.06
N ALA A 65 -0.50 7.21 -9.04
CA ALA A 65 0.01 6.09 -8.26
C ALA A 65 1.46 5.78 -8.59
N GLU A 66 1.76 5.70 -9.89
CA GLU A 66 3.12 5.42 -10.34
C GLU A 66 4.11 6.43 -9.76
N LYS A 67 3.98 7.68 -10.17
CA LYS A 67 4.86 8.74 -9.69
C LYS A 67 4.94 8.74 -8.18
N CYS A 68 3.81 8.49 -7.53
CA CYS A 68 3.75 8.46 -6.07
C CYS A 68 4.30 7.15 -5.53
N LEU A 69 4.44 6.16 -6.42
CA LEU A 69 4.95 4.86 -6.04
C LEU A 69 6.46 4.78 -6.27
N HIS A 70 6.96 5.58 -7.20
CA HIS A 70 8.38 5.61 -7.52
C HIS A 70 9.11 6.63 -6.65
N LYS A 71 8.35 7.50 -6.00
CA LYS A 71 8.91 8.53 -5.14
C LYS A 71 9.19 7.99 -3.74
N ILE A 72 8.54 6.89 -3.40
CA ILE A 72 8.71 6.26 -2.09
C ILE A 72 9.23 4.84 -2.24
N ASN A 73 9.21 4.32 -3.47
CA ASN A 73 9.68 2.96 -3.74
C ASN A 73 11.17 2.83 -3.42
N GLY A 74 11.49 2.64 -2.15
CA GLY A 74 12.87 2.49 -1.74
C GLY A 74 13.25 3.45 -0.63
N LYS A 75 12.40 4.45 -0.40
CA LYS A 75 12.66 5.44 0.64
C LYS A 75 12.30 4.89 2.03
N PRO A 76 12.94 5.45 3.06
CA PRO A 76 12.71 5.02 4.44
C PRO A 76 11.33 5.43 4.95
N LEU A 77 10.61 4.47 5.52
CA LEU A 77 9.27 4.73 6.04
C LEU A 77 9.34 5.45 7.39
N PRO A 78 8.69 6.62 7.47
CA PRO A 78 8.66 7.43 8.69
C PRO A 78 7.84 6.78 9.79
N GLY A 79 8.32 6.92 11.03
CA GLY A 79 7.61 6.34 12.16
C GLY A 79 8.06 4.94 12.47
N ALA A 80 8.15 4.09 11.45
CA ALA A 80 8.57 2.71 11.61
C ALA A 80 9.64 2.60 12.70
N THR A 81 9.56 1.54 13.50
CA THR A 81 10.52 1.32 14.58
C THR A 81 11.12 -0.08 14.49
N PRO A 82 12.45 -0.14 14.47
CA PRO A 82 13.30 1.05 14.52
C PRO A 82 13.23 1.86 13.24
N ALA A 83 13.29 1.18 12.10
CA ALA A 83 13.22 1.85 10.81
C ALA A 83 13.13 0.84 9.67
N LYS A 84 12.10 0.97 8.85
CA LYS A 84 11.90 0.07 7.72
C LYS A 84 11.96 0.82 6.40
N ARG A 85 11.71 0.10 5.30
CA ARG A 85 11.74 0.72 3.98
C ARG A 85 10.35 0.64 3.33
N PHE A 86 9.99 1.70 2.61
CA PHE A 86 8.70 1.76 1.93
C PHE A 86 8.58 0.65 0.90
N LYS A 87 7.86 -0.42 1.26
CA LYS A 87 7.66 -1.55 0.36
C LYS A 87 6.38 -1.38 -0.46
N LEU A 88 6.53 -0.93 -1.70
CA LEU A 88 5.39 -0.73 -2.58
C LEU A 88 5.60 -1.45 -3.91
N ASN A 89 4.50 -1.87 -4.52
CA ASN A 89 4.56 -2.57 -5.81
C ASN A 89 3.25 -2.41 -6.57
N TYR A 90 3.26 -2.80 -7.84
CA TYR A 90 2.07 -2.71 -8.68
C TYR A 90 0.98 -3.64 -8.17
N ALA A 91 -0.24 -3.11 -8.06
CA ALA A 91 -1.38 -3.89 -7.59
C ALA A 91 -1.47 -5.22 -8.34
N THR A 92 -0.86 -5.28 -9.52
CA THR A 92 -0.88 -6.49 -10.33
C THR A 92 0.45 -7.24 -10.22
N TYR A 93 0.96 -7.34 -9.00
CA TYR A 93 2.22 -8.03 -8.76
C TYR A 93 2.00 -9.53 -8.61
N SER A 94 1.10 -10.08 -9.42
CA SER A 94 0.78 -11.50 -9.37
C SER A 94 0.57 -12.06 -10.78
N GLY A 95 0.84 -13.34 -10.94
CA GLY A 95 0.67 -13.98 -12.24
C GLY A 95 1.13 -15.42 -12.25
N PRO A 96 0.45 -16.27 -13.03
CA PRO A 96 0.79 -17.69 -13.13
C PRO A 96 2.10 -17.93 -13.87
N SER A 97 3.11 -18.36 -13.14
CA SER A 97 4.42 -18.62 -13.72
C SER A 97 4.75 -17.59 -14.80
N SER A 98 4.53 -16.32 -14.48
CA SER A 98 4.80 -15.23 -15.41
C SER A 98 5.38 -14.02 -14.69
N GLY A 99 6.64 -13.72 -14.97
CA GLY A 99 7.30 -12.59 -14.34
C GLY A 99 7.86 -11.61 -15.34
N GLY A 1 -7.90 -5.83 -14.73
CA GLY A 1 -7.74 -6.76 -15.83
C GLY A 1 -8.27 -6.21 -17.15
N SER A 2 -9.54 -6.49 -17.42
CA SER A 2 -10.17 -6.02 -18.65
C SER A 2 -11.23 -4.98 -18.36
N SER A 3 -11.34 -3.99 -19.24
CA SER A 3 -12.31 -2.91 -19.08
C SER A 3 -13.62 -3.45 -18.48
N GLY A 4 -13.93 -3.00 -17.27
CA GLY A 4 -15.14 -3.44 -16.60
C GLY A 4 -15.05 -3.30 -15.10
N SER A 5 -14.71 -4.40 -14.42
CA SER A 5 -14.60 -4.41 -12.98
C SER A 5 -13.48 -3.48 -12.51
N SER A 6 -13.86 -2.27 -12.12
CA SER A 6 -12.88 -1.27 -11.65
C SER A 6 -11.81 -1.93 -10.80
N GLY A 7 -12.24 -2.57 -9.70
CA GLY A 7 -11.30 -3.23 -8.82
C GLY A 7 -10.19 -2.30 -8.35
N MET A 8 -9.00 -2.85 -8.18
CA MET A 8 -7.86 -2.06 -7.74
C MET A 8 -6.98 -1.67 -8.92
N ALA A 9 -7.28 -0.51 -9.50
CA ALA A 9 -6.52 -0.01 -10.64
C ALA A 9 -5.65 1.18 -10.25
N ALA A 10 -6.27 2.17 -9.61
CA ALA A 10 -5.55 3.36 -9.17
C ALA A 10 -5.02 3.19 -7.75
N SER A 11 -4.79 1.95 -7.36
CA SER A 11 -4.27 1.65 -6.02
C SER A 11 -2.89 1.02 -6.10
N LEU A 12 -2.21 0.96 -4.96
CA LEU A 12 -0.87 0.38 -4.89
C LEU A 12 -0.76 -0.60 -3.72
N TRP A 13 0.02 -1.65 -3.92
CA TRP A 13 0.23 -2.65 -2.89
C TRP A 13 1.32 -2.22 -1.91
N MET A 14 1.06 -2.42 -0.62
CA MET A 14 2.02 -2.05 0.42
C MET A 14 2.15 -3.16 1.45
N GLY A 15 3.21 -3.97 1.30
CA GLY A 15 3.43 -5.06 2.23
C GLY A 15 4.42 -4.69 3.33
N ASP A 16 5.04 -5.70 3.93
CA ASP A 16 6.00 -5.49 4.99
C ASP A 16 5.45 -4.50 6.03
N LEU A 17 4.27 -4.79 6.53
CA LEU A 17 3.63 -3.92 7.53
C LEU A 17 3.63 -4.60 8.91
N GLU A 18 3.36 -3.80 9.94
CA GLU A 18 3.33 -4.32 11.30
C GLU A 18 1.89 -4.48 11.78
N PRO A 19 1.71 -5.31 12.82
CA PRO A 19 0.39 -5.57 13.40
C PRO A 19 -0.17 -4.36 14.15
N TYR A 20 0.68 -3.37 14.38
CA TYR A 20 0.27 -2.16 15.08
C TYR A 20 -0.08 -1.04 14.09
N MET A 21 0.18 -1.30 12.81
CA MET A 21 -0.12 -0.32 11.77
C MET A 21 -1.57 -0.45 11.29
N ASP A 22 -2.34 0.60 11.50
CA ASP A 22 -3.75 0.61 11.10
C ASP A 22 -4.00 1.66 10.02
N GLU A 23 -5.16 1.57 9.38
CA GLU A 23 -5.51 2.51 8.33
C GLU A 23 -4.95 3.90 8.62
N ASN A 24 -4.92 4.26 9.89
CA ASN A 24 -4.41 5.57 10.31
C ASN A 24 -2.90 5.64 10.10
N PHE A 25 -2.18 4.69 10.68
CA PHE A 25 -0.72 4.66 10.55
C PHE A 25 -0.30 4.74 9.09
N ILE A 26 -0.73 3.76 8.30
CA ILE A 26 -0.39 3.72 6.88
C ILE A 26 -0.59 5.08 6.24
N SER A 27 -1.75 5.68 6.44
CA SER A 27 -2.06 6.99 5.88
C SER A 27 -1.03 8.02 6.32
N ARG A 28 -0.73 8.05 7.61
CA ARG A 28 0.24 8.98 8.16
C ARG A 28 1.57 8.90 7.41
N ALA A 29 2.01 7.67 7.16
CA ALA A 29 3.26 7.45 6.45
C ALA A 29 3.31 8.23 5.14
N PHE A 30 2.34 7.97 4.27
CA PHE A 30 2.27 8.66 2.98
C PHE A 30 2.21 10.18 3.18
N ALA A 31 1.26 10.62 3.98
CA ALA A 31 1.09 12.05 4.25
C ALA A 31 2.41 12.68 4.70
N THR A 32 3.15 11.96 5.54
CA THR A 32 4.43 12.45 6.04
C THR A 32 5.44 12.59 4.90
N MET A 33 5.38 11.67 3.95
CA MET A 33 6.30 11.69 2.81
C MET A 33 5.88 12.74 1.80
N GLY A 34 4.78 13.44 2.09
CA GLY A 34 4.29 14.47 1.20
C GLY A 34 3.38 13.91 0.13
N GLU A 35 2.54 12.95 0.51
CA GLU A 35 1.61 12.33 -0.43
C GLU A 35 0.21 12.27 0.15
N THR A 36 -0.79 12.53 -0.69
CA THR A 36 -2.18 12.51 -0.26
C THR A 36 -2.84 11.18 -0.60
N VAL A 37 -3.03 10.35 0.43
CA VAL A 37 -3.67 9.04 0.24
C VAL A 37 -5.18 9.16 0.23
N MET A 38 -5.82 8.43 -0.69
CA MET A 38 -7.27 8.44 -0.80
C MET A 38 -7.92 7.54 0.25
N SER A 39 -7.52 6.27 0.24
CA SER A 39 -8.05 5.30 1.18
C SER A 39 -7.06 4.17 1.43
N VAL A 40 -7.25 3.44 2.53
CA VAL A 40 -6.37 2.34 2.89
C VAL A 40 -7.17 1.16 3.44
N LYS A 41 -6.84 -0.03 2.97
CA LYS A 41 -7.53 -1.25 3.42
C LYS A 41 -6.53 -2.25 3.99
N ILE A 42 -6.67 -2.55 5.27
CA ILE A 42 -5.79 -3.51 5.94
C ILE A 42 -6.32 -4.92 5.82
N ILE A 43 -5.60 -5.77 5.10
CA ILE A 43 -6.01 -7.16 4.92
C ILE A 43 -5.78 -7.96 6.19
N ARG A 44 -6.87 -8.26 6.91
CA ARG A 44 -6.79 -9.03 8.14
C ARG A 44 -7.66 -10.28 8.07
N ASN A 45 -7.30 -11.29 8.84
CA ASN A 45 -8.05 -12.55 8.85
C ASN A 45 -9.33 -12.40 9.67
N ARG A 46 -10.25 -13.34 9.48
CA ARG A 46 -11.51 -13.31 10.21
C ARG A 46 -11.45 -14.20 11.45
N LEU A 47 -10.41 -15.02 11.53
CA LEU A 47 -10.23 -15.91 12.66
C LEU A 47 -9.22 -15.35 13.65
N THR A 48 -8.04 -15.00 13.16
CA THR A 48 -6.99 -14.44 14.00
C THR A 48 -7.11 -12.92 14.08
N GLY A 49 -7.67 -12.32 13.05
CA GLY A 49 -7.83 -10.87 13.03
C GLY A 49 -6.54 -10.14 12.75
N ILE A 50 -5.45 -10.91 12.64
CA ILE A 50 -4.13 -10.32 12.37
C ILE A 50 -4.00 -9.94 10.90
N PRO A 51 -3.39 -8.78 10.64
CA PRO A 51 -3.17 -8.28 9.28
C PRO A 51 -2.13 -9.10 8.52
N ALA A 52 -2.54 -9.67 7.40
CA ALA A 52 -1.65 -10.47 6.58
C ALA A 52 -0.24 -9.87 6.55
N GLY A 53 -0.18 -8.55 6.68
CA GLY A 53 1.11 -7.87 6.66
C GLY A 53 1.21 -6.86 5.53
N TYR A 54 0.10 -6.63 4.84
CA TYR A 54 0.08 -5.69 3.73
C TYR A 54 -1.27 -4.98 3.63
N CYS A 55 -1.27 -3.80 3.04
CA CYS A 55 -2.49 -3.02 2.89
C CYS A 55 -2.55 -2.36 1.51
N PHE A 56 -3.77 -2.11 1.04
CA PHE A 56 -3.96 -1.49 -0.26
C PHE A 56 -4.26 0.00 -0.11
N VAL A 57 -3.62 0.81 -0.95
CA VAL A 57 -3.81 2.26 -0.91
C VAL A 57 -4.44 2.75 -2.21
N GLU A 58 -5.49 3.56 -2.07
CA GLU A 58 -6.19 4.11 -3.24
C GLU A 58 -5.67 5.51 -3.56
N PHE A 59 -5.78 5.90 -4.83
CA PHE A 59 -5.33 7.21 -5.27
C PHE A 59 -6.25 7.76 -6.36
N ALA A 60 -5.97 8.99 -6.79
CA ALA A 60 -6.77 9.64 -7.82
C ALA A 60 -6.87 8.77 -9.07
N ASP A 61 -5.72 8.34 -9.58
CA ASP A 61 -5.68 7.50 -10.77
C ASP A 61 -4.36 6.73 -10.85
N LEU A 62 -4.27 5.81 -11.80
CA LEU A 62 -3.06 5.02 -11.99
C LEU A 62 -1.84 5.90 -12.18
N ALA A 63 -1.94 6.82 -13.14
CA ALA A 63 -0.84 7.73 -13.43
C ALA A 63 -0.20 8.25 -12.15
N THR A 64 -1.02 8.86 -11.29
CA THR A 64 -0.54 9.40 -10.02
C THR A 64 0.10 8.31 -9.16
N ALA A 65 -0.56 7.16 -9.10
CA ALA A 65 -0.06 6.04 -8.32
C ALA A 65 1.38 5.71 -8.68
N GLU A 66 1.68 5.73 -9.97
CA GLU A 66 3.03 5.44 -10.46
C GLU A 66 4.05 6.40 -9.84
N LYS A 67 3.95 7.67 -10.23
CA LYS A 67 4.85 8.69 -9.72
C LYS A 67 4.91 8.66 -8.20
N CYS A 68 3.75 8.48 -7.58
CA CYS A 68 3.68 8.43 -6.12
C CYS A 68 4.28 7.14 -5.58
N LEU A 69 4.48 6.17 -6.47
CA LEU A 69 5.05 4.89 -6.08
C LEU A 69 6.55 4.88 -6.30
N HIS A 70 7.01 5.66 -7.27
CA HIS A 70 8.44 5.75 -7.57
C HIS A 70 9.13 6.77 -6.67
N LYS A 71 8.34 7.58 -5.99
CA LYS A 71 8.87 8.59 -5.08
C LYS A 71 9.09 8.02 -3.69
N ILE A 72 8.47 6.87 -3.41
CA ILE A 72 8.62 6.21 -2.13
C ILE A 72 9.07 4.77 -2.29
N ASN A 73 9.21 4.34 -3.54
CA ASN A 73 9.64 2.96 -3.82
C ASN A 73 11.13 2.79 -3.51
N GLY A 74 11.42 2.55 -2.23
CA GLY A 74 12.80 2.36 -1.82
C GLY A 74 13.21 3.32 -0.72
N LYS A 75 12.37 4.32 -0.46
CA LYS A 75 12.66 5.31 0.56
C LYS A 75 12.33 4.77 1.95
N PRO A 76 12.92 5.38 2.99
CA PRO A 76 12.71 4.98 4.38
C PRO A 76 11.30 5.31 4.86
N LEU A 77 10.69 4.37 5.58
CA LEU A 77 9.35 4.57 6.11
C LEU A 77 9.38 5.28 7.45
N PRO A 78 8.76 6.47 7.52
CA PRO A 78 8.70 7.27 8.75
C PRO A 78 7.83 6.64 9.82
N GLY A 79 8.17 6.89 11.08
CA GLY A 79 7.40 6.33 12.18
C GLY A 79 7.84 4.93 12.55
N ALA A 80 8.05 4.09 11.53
CA ALA A 80 8.48 2.71 11.76
C ALA A 80 9.44 2.62 12.94
N THR A 81 9.46 1.46 13.60
CA THR A 81 10.33 1.25 14.75
C THR A 81 10.93 -0.14 14.73
N PRO A 82 12.27 -0.21 14.81
CA PRO A 82 13.11 0.98 14.91
C PRO A 82 13.13 1.80 13.61
N ALA A 83 13.27 1.09 12.49
CA ALA A 83 13.30 1.74 11.19
C ALA A 83 13.02 0.75 10.07
N LYS A 84 12.10 1.10 9.19
CA LYS A 84 11.73 0.25 8.07
C LYS A 84 11.79 1.01 6.75
N ARG A 85 11.64 0.29 5.64
CA ARG A 85 11.67 0.90 4.31
C ARG A 85 10.29 0.89 3.68
N PHE A 86 10.13 1.65 2.60
CA PHE A 86 8.86 1.73 1.90
C PHE A 86 8.73 0.62 0.86
N LYS A 87 7.94 -0.39 1.18
CA LYS A 87 7.73 -1.51 0.27
C LYS A 87 6.44 -1.36 -0.52
N LEU A 88 6.55 -0.88 -1.75
CA LEU A 88 5.39 -0.68 -2.62
C LEU A 88 5.58 -1.38 -3.96
N ASN A 89 4.48 -1.81 -4.55
CA ASN A 89 4.51 -2.50 -5.83
C ASN A 89 3.20 -2.33 -6.58
N TYR A 90 3.19 -2.71 -7.86
CA TYR A 90 1.99 -2.62 -8.68
C TYR A 90 0.90 -3.56 -8.18
N ALA A 91 -0.32 -3.04 -8.05
CA ALA A 91 -1.44 -3.85 -7.59
C ALA A 91 -1.54 -5.15 -8.36
N THR A 92 -0.95 -5.18 -9.56
CA THR A 92 -0.98 -6.36 -10.41
C THR A 92 0.32 -7.15 -10.29
N TYR A 93 0.85 -7.24 -9.07
CA TYR A 93 2.09 -7.96 -8.83
C TYR A 93 1.83 -9.45 -8.65
N SER A 94 0.71 -9.93 -9.18
CA SER A 94 0.33 -11.33 -9.08
C SER A 94 1.54 -12.23 -9.31
N GLY A 95 1.55 -13.39 -8.65
CA GLY A 95 2.65 -14.32 -8.80
C GLY A 95 2.77 -15.27 -7.63
N PRO A 96 1.93 -16.32 -7.63
CA PRO A 96 1.92 -17.33 -6.56
C PRO A 96 3.16 -18.21 -6.59
N SER A 97 3.92 -18.12 -7.68
CA SER A 97 5.14 -18.91 -7.82
C SER A 97 6.29 -18.06 -8.33
N SER A 98 7.09 -17.55 -7.39
CA SER A 98 8.23 -16.70 -7.74
C SER A 98 7.80 -15.59 -8.70
N GLY A 99 6.65 -14.99 -8.42
CA GLY A 99 6.15 -13.91 -9.27
C GLY A 99 5.79 -12.67 -8.47
N GLY A 1 -19.88 -4.09 -20.73
CA GLY A 1 -19.31 -4.06 -19.40
C GLY A 1 -17.91 -4.64 -19.36
N SER A 2 -17.11 -4.21 -18.40
CA SER A 2 -15.74 -4.68 -18.26
C SER A 2 -15.26 -4.52 -16.82
N SER A 3 -14.21 -5.26 -16.46
CA SER A 3 -13.65 -5.20 -15.12
C SER A 3 -12.15 -4.90 -15.17
N GLY A 4 -11.78 -3.71 -14.71
CA GLY A 4 -10.39 -3.31 -14.71
C GLY A 4 -10.20 -1.84 -14.43
N SER A 5 -11.09 -1.02 -14.97
CA SER A 5 -11.02 0.43 -14.78
C SER A 5 -11.39 0.81 -13.35
N SER A 6 -12.36 0.10 -12.79
CA SER A 6 -12.80 0.36 -11.42
C SER A 6 -12.37 -0.76 -10.48
N GLY A 7 -12.01 -0.38 -9.25
CA GLY A 7 -11.58 -1.37 -8.28
C GLY A 7 -10.21 -1.05 -7.72
N MET A 8 -9.20 -1.82 -8.14
CA MET A 8 -7.84 -1.61 -7.66
C MET A 8 -6.94 -1.14 -8.80
N ALA A 9 -7.48 -0.30 -9.67
CA ALA A 9 -6.73 0.24 -10.80
C ALA A 9 -5.79 1.36 -10.34
N ALA A 10 -6.37 2.41 -9.78
CA ALA A 10 -5.59 3.55 -9.31
C ALA A 10 -5.10 3.33 -7.88
N SER A 11 -4.92 2.06 -7.52
CA SER A 11 -4.46 1.72 -6.17
C SER A 11 -3.07 1.09 -6.23
N LEU A 12 -2.43 1.00 -5.07
CA LEU A 12 -1.09 0.42 -4.97
C LEU A 12 -1.01 -0.59 -3.83
N TRP A 13 -0.05 -1.51 -3.92
CA TRP A 13 0.13 -2.52 -2.89
C TRP A 13 1.25 -2.13 -1.94
N MET A 14 1.03 -2.32 -0.64
CA MET A 14 2.02 -1.99 0.37
C MET A 14 2.15 -3.12 1.39
N GLY A 15 3.18 -3.94 1.23
CA GLY A 15 3.40 -5.04 2.14
C GLY A 15 4.43 -4.72 3.21
N ASP A 16 5.06 -5.75 3.75
CA ASP A 16 6.07 -5.56 4.79
C ASP A 16 5.57 -4.63 5.87
N LEU A 17 4.33 -4.83 6.32
CA LEU A 17 3.73 -4.01 7.34
C LEU A 17 3.77 -4.70 8.70
N GLU A 18 3.89 -3.91 9.77
CA GLU A 18 3.93 -4.46 11.12
C GLU A 18 2.53 -4.78 11.62
N PRO A 19 2.46 -5.66 12.64
CA PRO A 19 1.18 -6.07 13.24
C PRO A 19 0.51 -4.95 14.02
N TYR A 20 1.14 -3.78 14.01
CA TYR A 20 0.60 -2.62 14.73
C TYR A 20 0.40 -1.44 13.78
N MET A 21 0.12 -1.75 12.52
CA MET A 21 -0.10 -0.72 11.51
C MET A 21 -1.55 -0.71 11.04
N ASP A 22 -2.28 0.35 11.42
CA ASP A 22 -3.68 0.47 11.04
C ASP A 22 -3.86 1.59 10.02
N GLU A 23 -5.04 1.63 9.39
CA GLU A 23 -5.34 2.64 8.40
C GLU A 23 -4.75 3.99 8.80
N ASN A 24 -4.98 4.39 10.03
CA ASN A 24 -4.47 5.66 10.54
C ASN A 24 -2.95 5.73 10.41
N PHE A 25 -2.28 4.61 10.69
CA PHE A 25 -0.83 4.54 10.59
C PHE A 25 -0.37 4.73 9.16
N ILE A 26 -0.90 3.91 8.26
CA ILE A 26 -0.53 3.99 6.84
C ILE A 26 -0.80 5.38 6.28
N SER A 27 -2.00 5.90 6.56
CA SER A 27 -2.37 7.22 6.07
C SER A 27 -1.39 8.28 6.56
N ARG A 28 -0.81 8.05 7.73
CA ARG A 28 0.16 8.99 8.31
C ARG A 28 1.52 8.84 7.63
N ALA A 29 1.84 7.62 7.21
CA ALA A 29 3.11 7.34 6.56
C ALA A 29 3.19 8.05 5.21
N PHE A 30 2.19 7.81 4.36
CA PHE A 30 2.15 8.42 3.03
C PHE A 30 2.15 9.94 3.14
N ALA A 31 1.22 10.47 3.93
CA ALA A 31 1.11 11.91 4.11
C ALA A 31 2.44 12.52 4.54
N THR A 32 3.07 11.91 5.54
CA THR A 32 4.35 12.39 6.04
C THR A 32 5.36 12.56 4.90
N MET A 33 5.48 11.52 4.09
CA MET A 33 6.41 11.56 2.95
C MET A 33 6.00 12.63 1.95
N GLY A 34 4.72 12.96 1.94
CA GLY A 34 4.21 13.97 1.01
C GLY A 34 3.32 13.38 -0.06
N GLU A 35 2.52 12.38 0.33
CA GLU A 35 1.61 11.73 -0.60
C GLU A 35 0.18 11.75 -0.07
N THR A 36 -0.73 12.29 -0.86
CA THR A 36 -2.13 12.38 -0.48
C THR A 36 -2.87 11.07 -0.77
N VAL A 37 -2.97 10.22 0.25
CA VAL A 37 -3.65 8.94 0.11
C VAL A 37 -5.17 9.12 0.07
N MET A 38 -5.83 8.33 -0.77
CA MET A 38 -7.28 8.40 -0.91
C MET A 38 -7.96 7.46 0.08
N SER A 39 -7.47 6.22 0.13
CA SER A 39 -8.02 5.22 1.03
C SER A 39 -7.02 4.11 1.31
N VAL A 40 -7.17 3.45 2.46
CA VAL A 40 -6.26 2.38 2.84
C VAL A 40 -7.04 1.21 3.44
N LYS A 41 -6.83 0.02 2.88
CA LYS A 41 -7.51 -1.19 3.35
C LYS A 41 -6.50 -2.17 3.94
N ILE A 42 -6.72 -2.57 5.19
CA ILE A 42 -5.84 -3.51 5.86
C ILE A 42 -6.37 -4.93 5.75
N ILE A 43 -5.54 -5.83 5.24
CA ILE A 43 -5.93 -7.23 5.09
C ILE A 43 -5.61 -8.03 6.34
N ARG A 44 -6.65 -8.37 7.10
CA ARG A 44 -6.48 -9.14 8.33
C ARG A 44 -7.35 -10.39 8.31
N ASN A 45 -6.92 -11.42 9.04
CA ASN A 45 -7.66 -12.67 9.11
C ASN A 45 -9.00 -12.48 9.83
N ARG A 46 -9.86 -13.48 9.74
CA ARG A 46 -11.17 -13.43 10.38
C ARG A 46 -11.14 -14.10 11.75
N LEU A 47 -10.20 -15.04 11.92
CA LEU A 47 -10.07 -15.76 13.19
C LEU A 47 -8.98 -15.13 14.05
N THR A 48 -7.81 -14.91 13.46
CA THR A 48 -6.69 -14.31 14.17
C THR A 48 -6.78 -12.79 14.17
N GLY A 49 -7.56 -12.26 13.24
CA GLY A 49 -7.71 -10.81 13.14
C GLY A 49 -6.39 -10.10 12.94
N ILE A 50 -5.35 -10.87 12.58
CA ILE A 50 -4.03 -10.29 12.37
C ILE A 50 -3.84 -9.88 10.91
N PRO A 51 -3.21 -8.72 10.71
CA PRO A 51 -2.96 -8.17 9.37
C PRO A 51 -1.91 -8.98 8.61
N ALA A 52 -2.33 -9.61 7.53
CA ALA A 52 -1.43 -10.42 6.71
C ALA A 52 -0.06 -9.78 6.61
N GLY A 53 -0.01 -8.45 6.73
CA GLY A 53 1.24 -7.74 6.66
C GLY A 53 1.31 -6.81 5.46
N TYR A 54 0.17 -6.55 4.85
CA TYR A 54 0.10 -5.68 3.68
C TYR A 54 -1.25 -4.98 3.59
N CYS A 55 -1.27 -3.83 2.92
CA CYS A 55 -2.50 -3.06 2.78
C CYS A 55 -2.55 -2.38 1.42
N PHE A 56 -3.76 -2.14 0.92
CA PHE A 56 -3.95 -1.49 -0.38
C PHE A 56 -4.24 0.00 -0.20
N VAL A 57 -3.67 0.81 -1.08
CA VAL A 57 -3.88 2.26 -1.03
C VAL A 57 -4.47 2.78 -2.33
N GLU A 58 -5.54 3.55 -2.23
CA GLU A 58 -6.20 4.11 -3.40
C GLU A 58 -5.69 5.52 -3.69
N PHE A 59 -5.80 5.92 -4.96
CA PHE A 59 -5.34 7.25 -5.36
C PHE A 59 -6.25 7.83 -6.44
N ALA A 60 -5.95 9.04 -6.88
CA ALA A 60 -6.74 9.70 -7.91
C ALA A 60 -6.81 8.86 -9.18
N ASP A 61 -5.65 8.49 -9.70
CA ASP A 61 -5.58 7.69 -10.92
C ASP A 61 -4.26 6.92 -11.00
N LEU A 62 -4.15 6.03 -11.97
CA LEU A 62 -2.94 5.23 -12.15
C LEU A 62 -1.71 6.14 -12.29
N ALA A 63 -1.81 7.11 -13.19
CA ALA A 63 -0.71 8.04 -13.42
C ALA A 63 -0.08 8.49 -12.10
N THR A 64 -0.90 9.07 -11.23
CA THR A 64 -0.42 9.55 -9.94
C THR A 64 0.14 8.40 -9.11
N ALA A 65 -0.53 7.25 -9.16
CA ALA A 65 -0.09 6.09 -8.42
C ALA A 65 1.35 5.73 -8.75
N GLU A 66 1.71 5.82 -10.03
CA GLU A 66 3.05 5.51 -10.47
C GLU A 66 4.08 6.46 -9.84
N LYS A 67 4.00 7.73 -10.22
CA LYS A 67 4.92 8.73 -9.69
C LYS A 67 4.91 8.72 -8.16
N CYS A 68 3.81 8.27 -7.58
CA CYS A 68 3.67 8.20 -6.13
C CYS A 68 4.26 6.90 -5.58
N LEU A 69 4.40 5.91 -6.47
CA LEU A 69 4.94 4.62 -6.07
C LEU A 69 6.45 4.56 -6.31
N HIS A 70 6.93 5.38 -7.24
CA HIS A 70 8.35 5.42 -7.55
C HIS A 70 9.07 6.47 -6.69
N LYS A 71 8.29 7.32 -6.03
CA LYS A 71 8.84 8.36 -5.18
C LYS A 71 9.09 7.83 -3.77
N ILE A 72 8.46 6.70 -3.45
CA ILE A 72 8.62 6.09 -2.13
C ILE A 72 9.08 4.64 -2.25
N ASN A 73 9.13 4.14 -3.47
CA ASN A 73 9.56 2.77 -3.73
C ASN A 73 11.01 2.56 -3.27
N GLY A 74 11.17 2.23 -1.99
CA GLY A 74 12.49 2.01 -1.44
C GLY A 74 12.86 3.02 -0.38
N LYS A 75 12.14 4.14 -0.36
CA LYS A 75 12.41 5.20 0.62
C LYS A 75 12.10 4.71 2.04
N PRO A 76 12.72 5.36 3.03
CA PRO A 76 12.54 5.01 4.44
C PRO A 76 11.14 5.38 4.94
N LEU A 77 10.48 4.42 5.59
CA LEU A 77 9.13 4.64 6.12
C LEU A 77 9.20 5.30 7.49
N PRO A 78 8.54 6.46 7.62
CA PRO A 78 8.52 7.22 8.87
C PRO A 78 7.68 6.51 9.95
N GLY A 79 7.91 6.89 11.20
CA GLY A 79 7.18 6.29 12.30
C GLY A 79 7.71 4.92 12.67
N ALA A 80 7.82 4.04 11.68
CA ALA A 80 8.32 2.70 11.91
C ALA A 80 9.53 2.70 12.84
N THR A 81 9.61 1.71 13.70
CA THR A 81 10.71 1.59 14.65
C THR A 81 11.38 0.22 14.57
N PRO A 82 12.71 0.23 14.45
CA PRO A 82 13.50 1.46 14.39
C PRO A 82 13.29 2.23 13.10
N ALA A 83 13.33 1.52 11.97
CA ALA A 83 13.14 2.14 10.67
C ALA A 83 12.94 1.08 9.59
N LYS A 84 11.78 1.13 8.93
CA LYS A 84 11.47 0.17 7.87
C LYS A 84 11.55 0.84 6.50
N ARG A 85 11.53 0.02 5.45
CA ARG A 85 11.60 0.53 4.09
C ARG A 85 10.22 0.53 3.44
N PHE A 86 10.02 1.45 2.50
CA PHE A 86 8.74 1.56 1.80
C PHE A 86 8.61 0.49 0.74
N LYS A 87 7.87 -0.57 1.05
CA LYS A 87 7.66 -1.67 0.13
C LYS A 87 6.36 -1.50 -0.66
N LEU A 88 6.48 -0.99 -1.88
CA LEU A 88 5.32 -0.78 -2.74
C LEU A 88 5.49 -1.48 -4.08
N ASN A 89 4.36 -1.86 -4.68
CA ASN A 89 4.39 -2.54 -5.97
C ASN A 89 3.08 -2.34 -6.71
N TYR A 90 3.03 -2.81 -7.97
CA TYR A 90 1.83 -2.67 -8.78
C TYR A 90 0.75 -3.66 -8.33
N ALA A 91 -0.49 -3.19 -8.29
CA ALA A 91 -1.61 -4.02 -7.88
C ALA A 91 -1.84 -5.16 -8.86
N THR A 92 -1.08 -5.16 -9.95
CA THR A 92 -1.20 -6.19 -10.97
C THR A 92 -0.50 -7.47 -10.53
N TYR A 93 0.00 -7.48 -9.29
CA TYR A 93 0.68 -8.65 -8.75
C TYR A 93 -0.32 -9.67 -8.22
N SER A 94 -1.56 -9.57 -8.67
CA SER A 94 -2.61 -10.47 -8.23
C SER A 94 -3.02 -11.41 -9.37
N GLY A 95 -3.01 -12.71 -9.09
CA GLY A 95 -3.39 -13.69 -10.09
C GLY A 95 -2.22 -14.10 -10.98
N PRO A 96 -1.48 -15.13 -10.53
CA PRO A 96 -0.32 -15.65 -11.27
C PRO A 96 -0.72 -16.35 -12.56
N SER A 97 -2.02 -16.49 -12.78
CA SER A 97 -2.53 -17.14 -13.98
C SER A 97 -2.06 -16.43 -15.24
N SER A 98 -0.91 -16.86 -15.76
CA SER A 98 -0.33 -16.27 -16.95
C SER A 98 -1.05 -16.76 -18.21
N GLY A 99 -1.39 -18.05 -18.21
CA GLY A 99 -2.08 -18.62 -19.36
C GLY A 99 -1.29 -19.73 -20.01
N GLY A 1 -13.27 -11.17 -7.30
CA GLY A 1 -13.62 -12.36 -8.04
C GLY A 1 -14.53 -12.06 -9.21
N SER A 2 -15.80 -11.77 -8.92
CA SER A 2 -16.77 -11.47 -9.96
C SER A 2 -16.67 -10.02 -10.40
N SER A 3 -16.87 -9.79 -11.69
CA SER A 3 -16.79 -8.44 -12.25
C SER A 3 -17.93 -7.57 -11.72
N GLY A 4 -17.62 -6.75 -10.71
CA GLY A 4 -18.63 -5.89 -10.13
C GLY A 4 -18.03 -4.93 -9.11
N SER A 5 -17.31 -5.47 -8.14
CA SER A 5 -16.70 -4.66 -7.09
C SER A 5 -15.21 -4.97 -6.97
N SER A 6 -14.47 -4.75 -8.05
CA SER A 6 -13.03 -5.00 -8.07
C SER A 6 -12.34 -4.11 -9.09
N GLY A 7 -11.10 -3.74 -8.79
CA GLY A 7 -10.34 -2.90 -9.69
C GLY A 7 -8.95 -2.57 -9.15
N MET A 8 -8.91 -1.85 -8.04
CA MET A 8 -7.64 -1.47 -7.42
C MET A 8 -6.61 -1.10 -8.49
N ALA A 9 -7.08 -0.54 -9.59
CA ALA A 9 -6.21 -0.13 -10.68
C ALA A 9 -5.34 1.05 -10.28
N ALA A 10 -5.98 2.09 -9.74
CA ALA A 10 -5.26 3.29 -9.31
C ALA A 10 -4.74 3.14 -7.89
N SER A 11 -4.81 1.91 -7.38
CA SER A 11 -4.34 1.64 -6.02
C SER A 11 -2.95 1.01 -6.06
N LEU A 12 -2.31 0.95 -4.88
CA LEU A 12 -0.97 0.36 -4.77
C LEU A 12 -0.90 -0.63 -3.62
N TRP A 13 0.03 -1.57 -3.72
CA TRP A 13 0.20 -2.59 -2.68
C TRP A 13 1.29 -2.17 -1.70
N MET A 14 1.03 -2.36 -0.41
CA MET A 14 1.99 -2.02 0.64
C MET A 14 2.14 -3.15 1.64
N GLY A 15 3.22 -3.92 1.50
CA GLY A 15 3.46 -5.03 2.41
C GLY A 15 4.45 -4.68 3.50
N ASP A 16 5.06 -5.70 4.09
CA ASP A 16 6.03 -5.50 5.16
C ASP A 16 5.50 -4.54 6.20
N LEU A 17 4.24 -4.74 6.60
CA LEU A 17 3.61 -3.89 7.61
C LEU A 17 3.63 -4.56 8.98
N GLU A 18 3.38 -3.77 10.02
CA GLU A 18 3.36 -4.28 11.38
C GLU A 18 1.93 -4.48 11.88
N PRO A 19 1.78 -5.33 12.90
CA PRO A 19 0.46 -5.63 13.48
C PRO A 19 -0.11 -4.44 14.25
N TYR A 20 0.72 -3.43 14.47
CA TYR A 20 0.29 -2.24 15.18
C TYR A 20 -0.13 -1.13 14.22
N MET A 21 0.23 -1.30 12.94
CA MET A 21 -0.11 -0.33 11.92
C MET A 21 -1.58 -0.45 11.51
N ASP A 22 -2.25 0.68 11.38
CA ASP A 22 -3.65 0.71 10.99
C ASP A 22 -3.90 1.73 9.90
N GLU A 23 -5.06 1.66 9.27
CA GLU A 23 -5.43 2.59 8.20
C GLU A 23 -4.86 3.97 8.48
N ASN A 24 -4.87 4.37 9.75
CA ASN A 24 -4.37 5.68 10.15
C ASN A 24 -2.86 5.76 9.93
N PHE A 25 -2.14 4.76 10.44
CA PHE A 25 -0.68 4.71 10.31
C PHE A 25 -0.27 4.78 8.85
N ILE A 26 -0.71 3.79 8.07
CA ILE A 26 -0.38 3.74 6.65
C ILE A 26 -0.56 5.11 5.99
N SER A 27 -1.70 5.74 6.24
CA SER A 27 -2.00 7.05 5.68
C SER A 27 -0.95 8.08 6.11
N ARG A 28 -0.57 8.00 7.38
CA ARG A 28 0.42 8.93 7.92
C ARG A 28 1.74 8.83 7.16
N ALA A 29 2.13 7.62 6.82
CA ALA A 29 3.37 7.39 6.08
C ALA A 29 3.39 8.20 4.78
N PHE A 30 2.35 8.01 3.97
CA PHE A 30 2.25 8.72 2.69
C PHE A 30 2.20 10.23 2.92
N ALA A 31 1.33 10.66 3.83
CA ALA A 31 1.18 12.07 4.14
C ALA A 31 2.52 12.70 4.53
N THR A 32 3.28 11.99 5.36
CA THR A 32 4.58 12.47 5.81
C THR A 32 5.54 12.65 4.63
N MET A 33 5.48 11.73 3.67
CA MET A 33 6.34 11.79 2.50
C MET A 33 5.87 12.87 1.54
N GLY A 34 4.79 13.57 1.91
CA GLY A 34 4.26 14.62 1.07
C GLY A 34 3.29 14.10 0.02
N GLU A 35 2.49 13.11 0.40
CA GLU A 35 1.52 12.52 -0.52
C GLU A 35 0.16 12.39 0.15
N THR A 36 -0.88 12.84 -0.56
CA THR A 36 -2.24 12.77 -0.04
C THR A 36 -2.93 11.47 -0.45
N VAL A 37 -2.97 10.51 0.47
CA VAL A 37 -3.60 9.22 0.20
C VAL A 37 -5.12 9.34 0.18
N MET A 38 -5.77 8.59 -0.70
CA MET A 38 -7.22 8.61 -0.82
C MET A 38 -7.86 7.70 0.23
N SER A 39 -7.49 6.42 0.20
CA SER A 39 -8.03 5.45 1.13
C SER A 39 -7.03 4.31 1.36
N VAL A 40 -7.27 3.54 2.42
CA VAL A 40 -6.39 2.41 2.76
C VAL A 40 -7.19 1.26 3.33
N LYS A 41 -6.80 0.04 2.97
CA LYS A 41 -7.48 -1.16 3.44
C LYS A 41 -6.48 -2.17 3.98
N ILE A 42 -6.71 -2.65 5.20
CA ILE A 42 -5.83 -3.63 5.82
C ILE A 42 -6.39 -5.03 5.69
N ILE A 43 -5.59 -5.94 5.14
CA ILE A 43 -6.01 -7.33 4.95
C ILE A 43 -5.78 -8.14 6.23
N ARG A 44 -6.88 -8.54 6.86
CA ARG A 44 -6.80 -9.33 8.09
C ARG A 44 -7.65 -10.59 7.97
N ASN A 45 -7.15 -11.68 8.55
CA ASN A 45 -7.86 -12.96 8.52
C ASN A 45 -9.16 -12.88 9.29
N ARG A 46 -10.08 -13.81 8.99
CA ARG A 46 -11.37 -13.83 9.66
C ARG A 46 -11.35 -14.78 10.85
N LEU A 47 -10.33 -15.64 10.89
CA LEU A 47 -10.19 -16.60 11.98
C LEU A 47 -9.27 -16.07 13.07
N THR A 48 -8.07 -15.66 12.68
CA THR A 48 -7.09 -15.13 13.62
C THR A 48 -7.28 -13.63 13.81
N GLY A 49 -7.69 -12.95 12.75
CA GLY A 49 -7.89 -11.52 12.82
C GLY A 49 -6.60 -10.74 12.63
N ILE A 50 -5.49 -11.45 12.50
CA ILE A 50 -4.19 -10.81 12.32
C ILE A 50 -4.02 -10.34 10.88
N PRO A 51 -3.44 -9.13 10.71
CA PRO A 51 -3.19 -8.55 9.39
C PRO A 51 -2.11 -9.28 8.63
N ALA A 52 -2.47 -9.82 7.47
CA ALA A 52 -1.52 -10.55 6.63
C ALA A 52 -0.16 -9.86 6.62
N GLY A 53 -0.16 -8.55 6.82
CA GLY A 53 1.08 -7.79 6.83
C GLY A 53 1.16 -6.79 5.69
N TYR A 54 0.09 -6.70 4.91
CA TYR A 54 0.05 -5.78 3.78
C TYR A 54 -1.29 -5.05 3.72
N CYS A 55 -1.31 -3.91 3.04
CA CYS A 55 -2.53 -3.12 2.91
C CYS A 55 -2.58 -2.44 1.54
N PHE A 56 -3.80 -2.20 1.07
CA PHE A 56 -3.99 -1.55 -0.23
C PHE A 56 -4.27 -0.05 -0.05
N VAL A 57 -3.72 0.75 -0.96
CA VAL A 57 -3.90 2.20 -0.91
C VAL A 57 -4.51 2.71 -2.21
N GLU A 58 -5.61 3.46 -2.09
CA GLU A 58 -6.29 4.01 -3.25
C GLU A 58 -5.78 5.43 -3.55
N PHE A 59 -5.91 5.84 -4.81
CA PHE A 59 -5.47 7.16 -5.23
C PHE A 59 -6.41 7.74 -6.28
N ALA A 60 -6.07 8.93 -6.78
CA ALA A 60 -6.88 9.59 -7.79
C ALA A 60 -6.94 8.77 -9.07
N ASP A 61 -5.77 8.38 -9.57
CA ASP A 61 -5.68 7.59 -10.80
C ASP A 61 -4.34 6.85 -10.88
N LEU A 62 -4.21 6.01 -11.89
CA LEU A 62 -2.98 5.24 -12.07
C LEU A 62 -1.76 6.16 -12.16
N ALA A 63 -1.80 7.09 -13.11
CA ALA A 63 -0.70 8.04 -13.29
C ALA A 63 -0.13 8.47 -11.95
N THR A 64 -0.99 8.98 -11.08
CA THR A 64 -0.56 9.44 -9.76
C THR A 64 0.03 8.30 -8.94
N ALA A 65 -0.58 7.13 -9.05
CA ALA A 65 -0.11 5.95 -8.32
C ALA A 65 1.35 5.67 -8.62
N GLU A 66 1.73 5.77 -9.89
CA GLU A 66 3.10 5.53 -10.31
C GLU A 66 4.06 6.49 -9.61
N LYS A 67 3.95 7.78 -9.93
CA LYS A 67 4.80 8.79 -9.33
C LYS A 67 4.80 8.66 -7.81
N CYS A 68 3.63 8.39 -7.23
CA CYS A 68 3.50 8.26 -5.79
C CYS A 68 4.14 6.96 -5.31
N LEU A 69 4.33 6.03 -6.23
CA LEU A 69 4.93 4.73 -5.90
C LEU A 69 6.44 4.76 -6.14
N HIS A 70 6.87 5.63 -7.05
CA HIS A 70 8.28 5.76 -7.38
C HIS A 70 8.96 6.81 -6.49
N LYS A 71 8.14 7.60 -5.80
CA LYS A 71 8.65 8.64 -4.92
C LYS A 71 8.98 8.07 -3.53
N ILE A 72 8.44 6.89 -3.24
CA ILE A 72 8.68 6.24 -1.96
C ILE A 72 9.34 4.89 -2.15
N ASN A 73 8.97 4.19 -3.22
CA ASN A 73 9.54 2.88 -3.51
C ASN A 73 11.06 2.90 -3.37
N GLY A 74 11.53 2.60 -2.17
CA GLY A 74 12.96 2.59 -1.92
C GLY A 74 13.34 3.42 -0.71
N LYS A 75 12.66 4.53 -0.51
CA LYS A 75 12.93 5.42 0.61
C LYS A 75 12.49 4.78 1.92
N PRO A 76 13.12 5.21 3.03
CA PRO A 76 12.81 4.68 4.37
C PRO A 76 11.43 5.14 4.85
N LEU A 77 10.62 4.17 5.27
CA LEU A 77 9.27 4.47 5.76
C LEU A 77 9.33 5.17 7.12
N PRO A 78 8.74 6.37 7.19
CA PRO A 78 8.72 7.16 8.43
C PRO A 78 7.82 6.54 9.49
N GLY A 79 8.08 6.86 10.75
CA GLY A 79 7.28 6.34 11.84
C GLY A 79 7.67 4.91 12.20
N ALA A 80 7.83 4.06 11.19
CA ALA A 80 8.20 2.67 11.42
C ALA A 80 9.13 2.54 12.61
N THR A 81 9.04 1.40 13.30
CA THR A 81 9.88 1.16 14.47
C THR A 81 10.42 -0.27 14.46
N PRO A 82 11.74 -0.41 14.57
CA PRO A 82 12.65 0.73 14.69
C PRO A 82 12.75 1.54 13.40
N ALA A 83 12.89 0.84 12.28
CA ALA A 83 12.99 1.49 10.98
C ALA A 83 12.74 0.50 9.85
N LYS A 84 11.93 0.89 8.88
CA LYS A 84 11.62 0.03 7.74
C LYS A 84 11.66 0.83 6.43
N ARG A 85 11.75 0.11 5.32
CA ARG A 85 11.79 0.75 4.01
C ARG A 85 10.42 0.73 3.35
N PHE A 86 10.20 1.65 2.41
CA PHE A 86 8.93 1.74 1.71
C PHE A 86 8.79 0.61 0.69
N LYS A 87 8.03 -0.42 1.07
CA LYS A 87 7.82 -1.57 0.19
C LYS A 87 6.50 -1.44 -0.56
N LEU A 88 6.57 -0.99 -1.80
CA LEU A 88 5.38 -0.82 -2.63
C LEU A 88 5.54 -1.53 -3.96
N ASN A 89 4.42 -1.97 -4.54
CA ASN A 89 4.42 -2.66 -5.82
C ASN A 89 3.12 -2.44 -6.57
N TYR A 90 3.09 -2.86 -7.83
CA TYR A 90 1.90 -2.71 -8.66
C TYR A 90 0.78 -3.63 -8.19
N ALA A 91 -0.39 -3.06 -7.95
CA ALA A 91 -1.54 -3.83 -7.49
C ALA A 91 -1.67 -5.13 -8.28
N THR A 92 -1.10 -5.16 -9.48
CA THR A 92 -1.15 -6.34 -10.33
C THR A 92 0.07 -7.22 -10.13
N TYR A 93 0.62 -7.21 -8.91
CA TYR A 93 1.79 -8.01 -8.59
C TYR A 93 1.45 -9.49 -8.55
N SER A 94 2.46 -10.32 -8.32
CA SER A 94 2.26 -11.76 -8.25
C SER A 94 1.38 -12.24 -9.40
N GLY A 95 1.59 -11.69 -10.59
CA GLY A 95 0.79 -12.08 -11.74
C GLY A 95 -0.66 -12.30 -11.38
N PRO A 96 -1.36 -13.10 -12.22
CA PRO A 96 -2.78 -13.40 -12.01
C PRO A 96 -3.00 -14.32 -10.81
N SER A 97 -3.18 -13.71 -9.64
CA SER A 97 -3.39 -14.46 -8.41
C SER A 97 -4.88 -14.77 -8.23
N SER A 98 -5.50 -15.31 -9.27
CA SER A 98 -6.91 -15.66 -9.22
C SER A 98 -7.10 -17.11 -8.80
N GLY A 99 -8.10 -17.35 -7.94
CA GLY A 99 -8.37 -18.69 -7.48
C GLY A 99 -8.10 -18.86 -5.99
N GLY A 1 -9.63 -16.19 -18.71
CA GLY A 1 -9.34 -15.39 -17.53
C GLY A 1 -10.34 -14.28 -17.32
N SER A 2 -10.13 -13.48 -16.27
CA SER A 2 -11.02 -12.37 -15.96
C SER A 2 -10.86 -11.24 -16.97
N SER A 3 -11.98 -10.76 -17.50
CA SER A 3 -11.97 -9.68 -18.47
C SER A 3 -12.64 -8.44 -17.91
N GLY A 4 -12.50 -8.23 -16.60
CA GLY A 4 -13.11 -7.07 -15.97
C GLY A 4 -12.36 -5.79 -16.27
N SER A 5 -12.91 -4.67 -15.84
CA SER A 5 -12.29 -3.37 -16.07
C SER A 5 -12.00 -2.67 -14.75
N SER A 6 -13.01 -2.55 -13.90
CA SER A 6 -12.87 -1.90 -12.60
C SER A 6 -12.08 -2.78 -11.64
N GLY A 7 -11.45 -2.15 -10.65
CA GLY A 7 -10.68 -2.88 -9.67
C GLY A 7 -9.67 -2.00 -8.95
N MET A 8 -8.52 -2.58 -8.62
CA MET A 8 -7.47 -1.84 -7.93
C MET A 8 -6.46 -1.27 -8.92
N ALA A 9 -6.97 -0.58 -9.93
CA ALA A 9 -6.11 0.03 -10.95
C ALA A 9 -5.42 1.27 -10.40
N ALA A 10 -6.20 2.17 -9.81
CA ALA A 10 -5.66 3.40 -9.26
C ALA A 10 -5.23 3.21 -7.80
N SER A 11 -4.75 2.01 -7.50
CA SER A 11 -4.31 1.70 -6.14
C SER A 11 -2.90 1.10 -6.16
N LEU A 12 -2.29 1.02 -4.97
CA LEU A 12 -0.94 0.47 -4.85
C LEU A 12 -0.88 -0.55 -3.71
N TRP A 13 0.03 -1.51 -3.84
CA TRP A 13 0.19 -2.54 -2.83
C TRP A 13 1.28 -2.15 -1.83
N MET A 14 0.98 -2.30 -0.55
CA MET A 14 1.93 -1.96 0.51
C MET A 14 2.05 -3.11 1.52
N GLY A 15 3.09 -3.92 1.36
CA GLY A 15 3.30 -5.03 2.26
C GLY A 15 4.30 -4.71 3.36
N ASP A 16 4.96 -5.74 3.87
CA ASP A 16 5.95 -5.57 4.93
C ASP A 16 5.46 -4.57 5.97
N LEU A 17 4.23 -4.77 6.44
CA LEU A 17 3.64 -3.88 7.43
C LEU A 17 3.69 -4.52 8.82
N GLU A 18 3.34 -3.73 9.84
CA GLU A 18 3.35 -4.22 11.22
C GLU A 18 1.93 -4.46 11.72
N PRO A 19 1.81 -5.30 12.75
CA PRO A 19 0.50 -5.62 13.35
C PRO A 19 -0.11 -4.44 14.10
N TYR A 20 0.75 -3.53 14.56
CA TYR A 20 0.30 -2.36 15.30
C TYR A 20 -0.16 -1.26 14.34
N MET A 21 0.28 -1.35 13.09
CA MET A 21 -0.09 -0.37 12.08
C MET A 21 -1.54 -0.54 11.65
N ASP A 22 -2.26 0.57 11.53
CA ASP A 22 -3.65 0.53 11.12
C ASP A 22 -3.94 1.57 10.04
N GLU A 23 -5.10 1.47 9.41
CA GLU A 23 -5.48 2.40 8.35
C GLU A 23 -4.95 3.80 8.64
N ASN A 24 -4.98 4.17 9.92
CA ASN A 24 -4.50 5.48 10.33
C ASN A 24 -2.99 5.61 10.12
N PHE A 25 -2.25 4.67 10.69
CA PHE A 25 -0.79 4.68 10.57
C PHE A 25 -0.37 4.77 9.10
N ILE A 26 -0.76 3.77 8.31
CA ILE A 26 -0.42 3.75 6.89
C ILE A 26 -0.63 5.12 6.26
N SER A 27 -1.79 5.70 6.49
CA SER A 27 -2.12 7.02 5.95
C SER A 27 -1.08 8.05 6.37
N ARG A 28 -0.72 8.03 7.65
CA ARG A 28 0.26 8.96 8.19
C ARG A 28 1.58 8.87 7.43
N ALA A 29 2.00 7.64 7.13
CA ALA A 29 3.24 7.41 6.40
C ALA A 29 3.27 8.19 5.10
N PHE A 30 2.32 7.90 4.21
CA PHE A 30 2.23 8.58 2.92
C PHE A 30 2.22 10.09 3.10
N ALA A 31 1.29 10.57 3.93
CA ALA A 31 1.17 12.01 4.19
C ALA A 31 2.51 12.60 4.61
N THR A 32 3.19 11.94 5.53
CA THR A 32 4.49 12.40 6.02
C THR A 32 5.46 12.62 4.86
N MET A 33 5.54 11.65 3.96
CA MET A 33 6.43 11.73 2.81
C MET A 33 5.98 12.84 1.86
N GLY A 34 4.77 13.35 2.08
CA GLY A 34 4.24 14.40 1.23
C GLY A 34 3.29 13.87 0.18
N GLU A 35 2.56 12.82 0.51
CA GLU A 35 1.61 12.21 -0.42
C GLU A 35 0.21 12.17 0.18
N THR A 36 -0.78 12.56 -0.62
CA THR A 36 -2.16 12.56 -0.17
C THR A 36 -2.87 11.26 -0.52
N VAL A 37 -2.90 10.33 0.43
CA VAL A 37 -3.54 9.04 0.22
C VAL A 37 -5.06 9.18 0.16
N MET A 38 -5.69 8.41 -0.72
CA MET A 38 -7.14 8.45 -0.88
C MET A 38 -7.82 7.53 0.14
N SER A 39 -7.33 6.31 0.25
CA SER A 39 -7.90 5.34 1.18
C SER A 39 -6.89 4.22 1.48
N VAL A 40 -7.19 3.43 2.50
CA VAL A 40 -6.32 2.32 2.88
C VAL A 40 -7.13 1.16 3.43
N LYS A 41 -6.83 -0.05 2.93
CA LYS A 41 -7.53 -1.25 3.38
C LYS A 41 -6.56 -2.26 3.97
N ILE A 42 -6.79 -2.64 5.23
CA ILE A 42 -5.94 -3.59 5.91
C ILE A 42 -6.47 -5.02 5.77
N ILE A 43 -5.65 -5.91 5.25
CA ILE A 43 -6.04 -7.30 5.07
C ILE A 43 -5.77 -8.11 6.32
N ARG A 44 -6.84 -8.46 7.03
CA ARG A 44 -6.72 -9.24 8.27
C ARG A 44 -7.52 -10.54 8.16
N ASN A 45 -7.17 -11.51 9.00
CA ASN A 45 -7.86 -12.79 9.00
C ASN A 45 -9.14 -12.72 9.81
N ARG A 46 -10.06 -13.66 9.56
CA ARG A 46 -11.33 -13.70 10.27
C ARG A 46 -11.26 -14.67 11.44
N LEU A 47 -10.22 -15.48 11.48
CA LEU A 47 -10.03 -16.45 12.56
C LEU A 47 -9.02 -15.95 13.58
N THR A 48 -7.95 -15.32 13.09
CA THR A 48 -6.91 -14.80 13.96
C THR A 48 -7.07 -13.29 14.16
N GLY A 49 -7.52 -12.60 13.10
CA GLY A 49 -7.71 -11.17 13.18
C GLY A 49 -6.42 -10.40 12.92
N ILE A 50 -5.33 -11.12 12.75
CA ILE A 50 -4.03 -10.50 12.49
C ILE A 50 -3.91 -10.08 11.03
N PRO A 51 -3.34 -8.89 10.80
CA PRO A 51 -3.15 -8.35 9.46
C PRO A 51 -2.10 -9.11 8.67
N ALA A 52 -2.52 -9.71 7.55
CA ALA A 52 -1.59 -10.47 6.70
C ALA A 52 -0.22 -9.81 6.66
N GLY A 53 -0.20 -8.49 6.81
CA GLY A 53 1.06 -7.76 6.77
C GLY A 53 1.15 -6.81 5.60
N TYR A 54 0.03 -6.62 4.91
CA TYR A 54 -0.02 -5.73 3.76
C TYR A 54 -1.37 -5.03 3.65
N CYS A 55 -1.38 -3.87 3.01
CA CYS A 55 -2.61 -3.10 2.85
C CYS A 55 -2.64 -2.42 1.49
N PHE A 56 -3.85 -2.20 0.97
CA PHE A 56 -4.03 -1.55 -0.33
C PHE A 56 -4.31 -0.07 -0.16
N VAL A 57 -3.69 0.75 -1.01
CA VAL A 57 -3.89 2.19 -0.96
C VAL A 57 -4.47 2.72 -2.26
N GLU A 58 -5.48 3.57 -2.15
CA GLU A 58 -6.14 4.15 -3.33
C GLU A 58 -5.57 5.53 -3.64
N PHE A 59 -5.65 5.92 -4.90
CA PHE A 59 -5.14 7.22 -5.33
C PHE A 59 -6.02 7.80 -6.44
N ALA A 60 -5.77 9.05 -6.79
CA ALA A 60 -6.54 9.73 -7.83
C ALA A 60 -6.67 8.85 -9.07
N ASP A 61 -5.54 8.37 -9.57
CA ASP A 61 -5.53 7.51 -10.75
C ASP A 61 -4.22 6.75 -10.86
N LEU A 62 -4.17 5.80 -11.78
CA LEU A 62 -2.97 4.99 -11.99
C LEU A 62 -1.75 5.87 -12.24
N ALA A 63 -1.91 6.86 -13.12
CA ALA A 63 -0.83 7.78 -13.44
C ALA A 63 -0.19 8.34 -12.17
N THR A 64 -1.00 8.98 -11.34
CA THR A 64 -0.52 9.56 -10.09
C THR A 64 0.09 8.50 -9.19
N ALA A 65 -0.57 7.34 -9.12
CA ALA A 65 -0.08 6.24 -8.29
C ALA A 65 1.34 5.85 -8.66
N GLU A 66 1.60 5.77 -9.97
CA GLU A 66 2.93 5.41 -10.45
C GLU A 66 4.00 6.35 -9.90
N LYS A 67 3.93 7.60 -10.32
CA LYS A 67 4.88 8.61 -9.87
C LYS A 67 4.97 8.63 -8.35
N CYS A 68 3.83 8.52 -7.69
CA CYS A 68 3.77 8.53 -6.23
C CYS A 68 4.33 7.24 -5.66
N LEU A 69 4.49 6.23 -6.52
CA LEU A 69 5.02 4.94 -6.10
C LEU A 69 6.53 4.88 -6.30
N HIS A 70 7.03 5.66 -7.25
CA HIS A 70 8.46 5.70 -7.53
C HIS A 70 9.17 6.73 -6.64
N LYS A 71 8.39 7.63 -6.05
CA LYS A 71 8.94 8.65 -5.17
C LYS A 71 9.18 8.10 -3.77
N ILE A 72 8.54 6.98 -3.46
CA ILE A 72 8.70 6.35 -2.16
C ILE A 72 9.22 4.92 -2.29
N ASN A 73 9.19 4.40 -3.52
CA ASN A 73 9.67 3.05 -3.79
C ASN A 73 11.16 2.94 -3.50
N GLY A 74 11.50 2.54 -2.27
CA GLY A 74 12.89 2.40 -1.89
C GLY A 74 13.28 3.32 -0.76
N LYS A 75 12.52 4.39 -0.58
CA LYS A 75 12.79 5.36 0.48
C LYS A 75 12.40 4.80 1.85
N PRO A 76 13.01 5.34 2.91
CA PRO A 76 12.73 4.91 4.28
C PRO A 76 11.33 5.30 4.75
N LEU A 77 10.67 4.39 5.46
CA LEU A 77 9.32 4.64 5.96
C LEU A 77 9.37 5.32 7.31
N PRO A 78 8.74 6.51 7.40
CA PRO A 78 8.69 7.30 8.65
C PRO A 78 7.82 6.63 9.71
N GLY A 79 8.21 6.81 10.98
CA GLY A 79 7.45 6.22 12.06
C GLY A 79 7.95 4.84 12.43
N ALA A 80 8.08 3.97 11.42
CA ALA A 80 8.53 2.61 11.64
C ALA A 80 9.61 2.55 12.72
N THR A 81 9.47 1.61 13.64
CA THR A 81 10.43 1.45 14.73
C THR A 81 11.03 0.05 14.73
N PRO A 82 12.37 -0.03 14.76
CA PRO A 82 13.23 1.17 14.77
C PRO A 82 13.18 1.92 13.45
N ALA A 83 13.35 1.19 12.34
CA ALA A 83 13.34 1.80 11.02
C ALA A 83 13.01 0.76 9.95
N LYS A 84 12.29 1.20 8.92
CA LYS A 84 11.91 0.31 7.82
C LYS A 84 11.92 1.05 6.49
N ARG A 85 11.74 0.30 5.41
CA ARG A 85 11.73 0.88 4.07
C ARG A 85 10.33 0.88 3.47
N PHE A 86 10.13 1.69 2.45
CA PHE A 86 8.83 1.79 1.78
C PHE A 86 8.64 0.67 0.76
N LYS A 87 7.89 -0.35 1.14
CA LYS A 87 7.63 -1.49 0.25
C LYS A 87 6.35 -1.29 -0.54
N LEU A 88 6.49 -0.84 -1.79
CA LEU A 88 5.34 -0.61 -2.66
C LEU A 88 5.51 -1.34 -3.98
N ASN A 89 4.40 -1.84 -4.53
CA ASN A 89 4.42 -2.55 -5.80
C ASN A 89 3.08 -2.43 -6.51
N TYR A 90 3.09 -2.65 -7.82
CA TYR A 90 1.87 -2.56 -8.62
C TYR A 90 0.81 -3.52 -8.11
N ALA A 91 -0.42 -3.05 -8.03
CA ALA A 91 -1.53 -3.86 -7.56
C ALA A 91 -1.56 -5.22 -8.26
N THR A 92 -0.93 -5.28 -9.44
CA THR A 92 -0.89 -6.51 -10.21
C THR A 92 0.45 -7.22 -10.05
N TYR A 93 0.95 -7.25 -8.82
CA TYR A 93 2.23 -7.89 -8.53
C TYR A 93 2.04 -9.39 -8.30
N SER A 94 1.06 -9.97 -8.97
CA SER A 94 0.77 -11.39 -8.85
C SER A 94 2.04 -12.22 -9.04
N GLY A 95 2.71 -12.01 -10.16
CA GLY A 95 3.93 -12.73 -10.44
C GLY A 95 5.17 -11.87 -10.32
N PRO A 96 6.21 -12.20 -11.11
CA PRO A 96 7.47 -11.45 -11.09
C PRO A 96 7.32 -10.06 -11.69
N SER A 97 7.68 -9.04 -10.90
CA SER A 97 7.59 -7.66 -11.35
C SER A 97 8.87 -7.22 -12.04
N SER A 98 8.76 -6.86 -13.31
CA SER A 98 9.91 -6.44 -14.10
C SER A 98 11.11 -7.35 -13.85
N GLY A 99 10.85 -8.65 -13.79
CA GLY A 99 11.91 -9.61 -13.55
C GLY A 99 12.55 -10.09 -14.84
N GLY A 1 -4.79 -14.35 -20.23
CA GLY A 1 -5.10 -13.11 -20.93
C GLY A 1 -5.14 -11.91 -20.00
N SER A 2 -4.49 -10.83 -20.42
CA SER A 2 -4.46 -9.61 -19.61
C SER A 2 -5.87 -9.11 -19.32
N SER A 3 -6.03 -8.44 -18.18
CA SER A 3 -7.33 -7.91 -17.77
C SER A 3 -7.33 -6.39 -17.83
N GLY A 4 -8.53 -5.81 -17.85
CA GLY A 4 -8.66 -4.37 -17.91
C GLY A 4 -8.34 -3.70 -16.59
N SER A 5 -8.65 -2.42 -16.48
CA SER A 5 -8.39 -1.65 -15.26
C SER A 5 -9.69 -1.33 -14.54
N SER A 6 -9.97 -2.06 -13.47
CA SER A 6 -11.19 -1.85 -12.70
C SER A 6 -10.99 -2.28 -11.24
N GLY A 7 -11.43 -1.45 -10.31
CA GLY A 7 -11.30 -1.77 -8.90
C GLY A 7 -10.03 -1.19 -8.30
N MET A 8 -9.08 -2.06 -7.99
CA MET A 8 -7.81 -1.63 -7.41
C MET A 8 -6.82 -1.24 -8.50
N ALA A 9 -7.30 -0.52 -9.50
CA ALA A 9 -6.44 -0.08 -10.60
C ALA A 9 -5.60 1.11 -10.18
N ALA A 10 -6.24 2.15 -9.67
CA ALA A 10 -5.53 3.35 -9.24
C ALA A 10 -5.04 3.20 -7.80
N SER A 11 -4.74 1.97 -7.40
CA SER A 11 -4.26 1.70 -6.06
C SER A 11 -2.88 1.03 -6.10
N LEU A 12 -2.25 0.95 -4.93
CA LEU A 12 -0.92 0.34 -4.83
C LEU A 12 -0.87 -0.64 -3.68
N TRP A 13 0.09 -1.57 -3.74
CA TRP A 13 0.25 -2.56 -2.69
C TRP A 13 1.36 -2.17 -1.72
N MET A 14 1.14 -2.44 -0.44
CA MET A 14 2.13 -2.11 0.59
C MET A 14 2.25 -3.24 1.61
N GLY A 15 3.33 -4.00 1.52
CA GLY A 15 3.55 -5.10 2.44
C GLY A 15 4.52 -4.75 3.55
N ASP A 16 5.16 -5.76 4.12
CA ASP A 16 6.12 -5.56 5.20
C ASP A 16 5.56 -4.59 6.25
N LEU A 17 4.27 -4.72 6.54
CA LEU A 17 3.61 -3.86 7.52
C LEU A 17 3.60 -4.52 8.89
N GLU A 18 3.43 -3.70 9.93
CA GLU A 18 3.38 -4.21 11.30
C GLU A 18 1.95 -4.46 11.74
N PRO A 19 1.79 -5.36 12.73
CA PRO A 19 0.47 -5.72 13.26
C PRO A 19 -0.15 -4.58 14.07
N TYR A 20 0.66 -3.59 14.41
CA TYR A 20 0.19 -2.45 15.19
C TYR A 20 -0.25 -1.31 14.26
N MET A 21 0.14 -1.41 13.00
CA MET A 21 -0.21 -0.39 12.01
C MET A 21 -1.66 -0.55 11.56
N ASP A 22 -2.36 0.58 11.44
CA ASP A 22 -3.76 0.58 11.03
C ASP A 22 -4.01 1.60 9.93
N GLU A 23 -5.17 1.51 9.29
CA GLU A 23 -5.52 2.44 8.23
C GLU A 23 -4.95 3.83 8.50
N ASN A 24 -5.10 4.28 9.75
CA ASN A 24 -4.61 5.60 10.14
C ASN A 24 -3.09 5.69 9.97
N PHE A 25 -2.36 4.82 10.65
CA PHE A 25 -0.91 4.80 10.57
C PHE A 25 -0.45 4.87 9.11
N ILE A 26 -0.78 3.84 8.35
CA ILE A 26 -0.41 3.78 6.94
C ILE A 26 -0.64 5.12 6.25
N SER A 27 -1.84 5.67 6.43
CA SER A 27 -2.18 6.95 5.82
C SER A 27 -1.15 8.03 6.18
N ARG A 28 -0.80 8.09 7.45
CA ARG A 28 0.18 9.06 7.93
C ARG A 28 1.51 8.90 7.20
N ALA A 29 1.98 7.66 7.10
CA ALA A 29 3.24 7.37 6.43
C ALA A 29 3.34 8.11 5.10
N PHE A 30 2.28 8.05 4.31
CA PHE A 30 2.25 8.73 3.02
C PHE A 30 2.25 10.24 3.20
N ALA A 31 1.33 10.75 4.01
CA ALA A 31 1.23 12.18 4.27
C ALA A 31 2.59 12.76 4.64
N THR A 32 3.26 12.12 5.59
CA THR A 32 4.58 12.58 6.03
C THR A 32 5.54 12.71 4.87
N MET A 33 5.53 11.72 3.97
CA MET A 33 6.40 11.73 2.82
C MET A 33 5.99 12.82 1.83
N GLY A 34 4.86 13.47 2.11
CA GLY A 34 4.39 14.53 1.24
C GLY A 34 3.45 14.01 0.15
N GLU A 35 2.58 13.08 0.53
CA GLU A 35 1.63 12.49 -0.42
C GLU A 35 0.22 12.48 0.16
N THR A 36 -0.77 12.70 -0.69
CA THR A 36 -2.16 12.72 -0.27
C THR A 36 -2.85 11.40 -0.60
N VAL A 37 -2.91 10.50 0.38
CA VAL A 37 -3.54 9.20 0.19
C VAL A 37 -5.06 9.33 0.15
N MET A 38 -5.69 8.54 -0.71
CA MET A 38 -7.15 8.57 -0.86
C MET A 38 -7.80 7.66 0.17
N SER A 39 -7.37 6.40 0.21
CA SER A 39 -7.93 5.43 1.14
C SER A 39 -6.96 4.28 1.38
N VAL A 40 -7.19 3.53 2.44
CA VAL A 40 -6.34 2.40 2.78
C VAL A 40 -7.14 1.24 3.37
N LYS A 41 -6.75 0.02 3.03
CA LYS A 41 -7.44 -1.16 3.52
C LYS A 41 -6.45 -2.18 4.08
N ILE A 42 -6.65 -2.57 5.33
CA ILE A 42 -5.77 -3.53 5.98
C ILE A 42 -6.31 -4.95 5.84
N ILE A 43 -5.59 -5.79 5.13
CA ILE A 43 -5.99 -7.17 4.92
C ILE A 43 -5.80 -8.00 6.18
N ARG A 44 -6.90 -8.27 6.88
CA ARG A 44 -6.85 -9.06 8.11
C ARG A 44 -7.73 -10.30 8.00
N ASN A 45 -7.45 -11.30 8.84
CA ASN A 45 -8.21 -12.53 8.83
C ASN A 45 -9.57 -12.34 9.49
N ARG A 46 -10.41 -13.37 9.42
CA ARG A 46 -11.74 -13.30 10.01
C ARG A 46 -11.75 -13.94 11.41
N LEU A 47 -10.97 -15.00 11.57
CA LEU A 47 -10.89 -15.70 12.84
C LEU A 47 -9.77 -15.13 13.70
N THR A 48 -8.59 -14.99 13.11
CA THR A 48 -7.44 -14.45 13.82
C THR A 48 -7.45 -12.93 13.81
N GLY A 49 -8.15 -12.35 12.85
CA GLY A 49 -8.23 -10.90 12.74
C GLY A 49 -6.86 -10.26 12.61
N ILE A 50 -5.84 -11.08 12.38
CA ILE A 50 -4.48 -10.58 12.23
C ILE A 50 -4.22 -10.13 10.80
N PRO A 51 -3.53 -8.99 10.65
CA PRO A 51 -3.19 -8.42 9.34
C PRO A 51 -2.16 -9.26 8.60
N ALA A 52 -2.54 -9.78 7.45
CA ALA A 52 -1.64 -10.59 6.63
C ALA A 52 -0.24 -10.00 6.60
N GLY A 53 -0.17 -8.67 6.69
CA GLY A 53 1.12 -8.00 6.67
C GLY A 53 1.23 -7.00 5.54
N TYR A 54 0.13 -6.80 4.82
CA TYR A 54 0.10 -5.87 3.70
C TYR A 54 -1.24 -5.16 3.61
N CYS A 55 -1.24 -3.97 3.02
CA CYS A 55 -2.46 -3.19 2.88
C CYS A 55 -2.52 -2.52 1.50
N PHE A 56 -3.73 -2.20 1.05
CA PHE A 56 -3.92 -1.57 -0.25
C PHE A 56 -4.21 -0.08 -0.09
N VAL A 57 -3.60 0.74 -0.95
CA VAL A 57 -3.80 2.19 -0.90
C VAL A 57 -4.39 2.70 -2.20
N GLU A 58 -5.42 3.53 -2.08
CA GLU A 58 -6.09 4.09 -3.26
C GLU A 58 -5.56 5.50 -3.55
N PHE A 59 -5.65 5.91 -4.81
CA PHE A 59 -5.19 7.23 -5.22
C PHE A 59 -6.08 7.80 -6.32
N ALA A 60 -5.77 9.02 -6.74
CA ALA A 60 -6.54 9.68 -7.79
C ALA A 60 -6.71 8.78 -9.01
N ASP A 61 -5.58 8.31 -9.54
CA ASP A 61 -5.60 7.45 -10.71
C ASP A 61 -4.26 6.73 -10.88
N LEU A 62 -4.22 5.77 -11.80
CA LEU A 62 -2.99 5.01 -12.05
C LEU A 62 -1.79 5.94 -12.20
N ALA A 63 -1.96 6.99 -12.98
CA ALA A 63 -0.90 7.96 -13.21
C ALA A 63 -0.25 8.38 -11.89
N THR A 64 -1.02 9.07 -11.06
CA THR A 64 -0.52 9.53 -9.76
C THR A 64 0.06 8.38 -8.95
N ALA A 65 -0.56 7.20 -9.07
CA ALA A 65 -0.10 6.02 -8.36
C ALA A 65 1.35 5.70 -8.71
N GLU A 66 1.66 5.73 -10.00
CA GLU A 66 3.01 5.43 -10.46
C GLU A 66 4.03 6.39 -9.84
N LYS A 67 3.94 7.67 -10.20
CA LYS A 67 4.84 8.68 -9.67
C LYS A 67 4.89 8.63 -8.15
N CYS A 68 3.71 8.44 -7.54
CA CYS A 68 3.62 8.37 -6.09
C CYS A 68 4.23 7.08 -5.56
N LEU A 69 4.37 6.10 -6.43
CA LEU A 69 4.93 4.81 -6.06
C LEU A 69 6.43 4.76 -6.34
N HIS A 70 6.88 5.57 -7.28
CA HIS A 70 8.29 5.63 -7.64
C HIS A 70 9.02 6.69 -6.82
N LYS A 71 8.25 7.54 -6.15
CA LYS A 71 8.81 8.61 -5.32
C LYS A 71 9.14 8.08 -3.92
N ILE A 72 8.53 6.96 -3.56
CA ILE A 72 8.76 6.36 -2.25
C ILE A 72 9.31 4.94 -2.38
N ASN A 73 9.28 4.42 -3.60
CA ASN A 73 9.78 3.07 -3.86
C ASN A 73 11.28 2.98 -3.60
N GLY A 74 11.65 2.76 -2.35
CA GLY A 74 13.06 2.66 -2.00
C GLY A 74 13.43 3.58 -0.86
N LYS A 75 12.58 4.54 -0.56
CA LYS A 75 12.82 5.50 0.51
C LYS A 75 12.41 4.92 1.86
N PRO A 76 13.00 5.45 2.94
CA PRO A 76 12.71 5.00 4.30
C PRO A 76 11.31 5.39 4.76
N LEU A 77 10.63 4.48 5.43
CA LEU A 77 9.28 4.72 5.92
C LEU A 77 9.32 5.39 7.30
N PRO A 78 8.69 6.57 7.40
CA PRO A 78 8.63 7.33 8.66
C PRO A 78 7.75 6.66 9.70
N GLY A 79 8.10 6.84 10.98
CA GLY A 79 7.32 6.25 12.05
C GLY A 79 7.76 4.83 12.36
N ALA A 80 7.85 4.00 11.32
CA ALA A 80 8.27 2.61 11.49
C ALA A 80 9.37 2.49 12.54
N THR A 81 9.19 1.57 13.48
CA THR A 81 10.17 1.35 14.52
C THR A 81 10.73 -0.07 14.47
N PRO A 82 12.06 -0.19 14.57
CA PRO A 82 12.95 0.98 14.71
C PRO A 82 13.02 1.82 13.44
N ALA A 83 13.08 1.16 12.30
CA ALA A 83 13.14 1.85 11.01
C ALA A 83 13.03 0.86 9.85
N LYS A 84 12.01 1.05 9.02
CA LYS A 84 11.78 0.18 7.87
C LYS A 84 11.87 0.96 6.57
N ARG A 85 11.64 0.28 5.45
CA ARG A 85 11.68 0.92 4.15
C ARG A 85 10.32 0.87 3.46
N PHE A 86 10.07 1.82 2.58
CA PHE A 86 8.79 1.88 1.86
C PHE A 86 8.71 0.78 0.80
N LYS A 87 8.00 -0.28 1.14
CA LYS A 87 7.83 -1.41 0.23
C LYS A 87 6.52 -1.30 -0.55
N LEU A 88 6.61 -0.81 -1.78
CA LEU A 88 5.44 -0.65 -2.62
C LEU A 88 5.59 -1.42 -3.93
N ASN A 89 4.47 -1.85 -4.50
CA ASN A 89 4.48 -2.61 -5.75
C ASN A 89 3.16 -2.46 -6.49
N TYR A 90 3.14 -2.86 -7.75
CA TYR A 90 1.93 -2.78 -8.56
C TYR A 90 0.82 -3.66 -8.01
N ALA A 91 -0.38 -3.11 -7.92
CA ALA A 91 -1.52 -3.84 -7.39
C ALA A 91 -1.59 -5.25 -7.98
N THR A 92 -0.97 -5.43 -9.15
CA THR A 92 -0.96 -6.72 -9.83
C THR A 92 -0.85 -7.85 -8.82
N TYR A 93 -0.16 -7.59 -7.71
CA TYR A 93 0.03 -8.60 -6.66
C TYR A 93 -1.27 -9.37 -6.42
N SER A 94 -1.19 -10.69 -6.63
CA SER A 94 -2.37 -11.55 -6.44
C SER A 94 -3.06 -11.24 -5.12
N GLY A 95 -4.33 -11.61 -5.02
CA GLY A 95 -5.09 -11.36 -3.81
C GLY A 95 -6.49 -11.91 -3.89
N PRO A 96 -6.61 -13.25 -3.98
CA PRO A 96 -7.91 -13.93 -4.06
C PRO A 96 -8.69 -13.86 -2.75
N SER A 97 -9.77 -13.09 -2.75
CA SER A 97 -10.60 -12.93 -1.56
C SER A 97 -11.67 -14.01 -1.50
N SER A 98 -11.28 -15.25 -1.80
CA SER A 98 -12.20 -16.37 -1.78
C SER A 98 -13.29 -16.20 -2.83
N GLY A 99 -12.89 -15.73 -4.02
CA GLY A 99 -13.85 -15.53 -5.09
C GLY A 99 -13.30 -15.93 -6.43
N GLY A 1 -14.51 -8.98 -8.22
CA GLY A 1 -13.81 -8.80 -6.96
C GLY A 1 -14.66 -9.14 -5.76
N SER A 2 -14.03 -9.71 -4.73
CA SER A 2 -14.75 -10.10 -3.52
C SER A 2 -14.31 -9.24 -2.33
N SER A 3 -13.00 -9.06 -2.20
CA SER A 3 -12.45 -8.26 -1.11
C SER A 3 -12.89 -6.81 -1.22
N GLY A 4 -13.87 -6.42 -0.40
CA GLY A 4 -14.36 -5.06 -0.42
C GLY A 4 -14.82 -4.64 -1.80
N SER A 5 -14.61 -3.37 -2.13
CA SER A 5 -15.01 -2.84 -3.43
C SER A 5 -13.97 -3.16 -4.50
N SER A 6 -14.44 -3.42 -5.71
CA SER A 6 -13.55 -3.75 -6.82
C SER A 6 -13.06 -2.48 -7.51
N GLY A 7 -11.80 -2.50 -7.94
CA GLY A 7 -11.23 -1.35 -8.61
C GLY A 7 -9.84 -1.03 -8.12
N MET A 8 -8.98 -2.04 -8.06
CA MET A 8 -7.61 -1.87 -7.61
C MET A 8 -6.71 -1.45 -8.76
N ALA A 9 -7.20 -0.54 -9.59
CA ALA A 9 -6.44 -0.05 -10.73
C ALA A 9 -5.54 1.11 -10.34
N ALA A 10 -6.13 2.15 -9.75
CA ALA A 10 -5.38 3.31 -9.32
C ALA A 10 -4.82 3.13 -7.91
N SER A 11 -4.91 1.90 -7.40
CA SER A 11 -4.42 1.59 -6.07
C SER A 11 -3.03 0.98 -6.12
N LEU A 12 -2.37 0.90 -4.96
CA LEU A 12 -1.03 0.34 -4.87
C LEU A 12 -0.93 -0.65 -3.73
N TRP A 13 -0.03 -1.62 -3.85
CA TRP A 13 0.18 -2.63 -2.83
C TRP A 13 1.27 -2.21 -1.85
N MET A 14 1.00 -2.40 -0.56
CA MET A 14 1.95 -2.04 0.48
C MET A 14 2.09 -3.16 1.51
N GLY A 15 3.17 -3.95 1.37
CA GLY A 15 3.39 -5.05 2.29
C GLY A 15 4.44 -4.71 3.34
N ASP A 16 4.99 -5.75 3.97
CA ASP A 16 6.01 -5.56 4.99
C ASP A 16 5.55 -4.57 6.04
N LEU A 17 4.31 -4.74 6.50
CA LEU A 17 3.75 -3.85 7.52
C LEU A 17 3.79 -4.50 8.89
N GLU A 18 3.72 -3.68 9.94
CA GLU A 18 3.75 -4.17 11.31
C GLU A 18 2.36 -4.60 11.76
N PRO A 19 2.30 -5.47 12.79
CA PRO A 19 1.05 -5.98 13.34
C PRO A 19 0.26 -4.90 14.08
N TYR A 20 0.86 -3.73 14.20
CA TYR A 20 0.22 -2.61 14.88
C TYR A 20 -0.02 -1.44 13.93
N MET A 21 -0.26 -1.76 12.67
CA MET A 21 -0.50 -0.74 11.66
C MET A 21 -1.97 -0.70 11.27
N ASP A 22 -2.56 0.50 11.31
CA ASP A 22 -3.96 0.67 10.95
C ASP A 22 -4.13 1.74 9.88
N GLU A 23 -5.29 1.76 9.24
CA GLU A 23 -5.58 2.73 8.20
C GLU A 23 -5.00 4.10 8.56
N ASN A 24 -5.06 4.45 9.84
CA ASN A 24 -4.55 5.73 10.31
C ASN A 24 -3.03 5.79 10.17
N PHE A 25 -2.36 4.69 10.52
CA PHE A 25 -0.91 4.62 10.44
C PHE A 25 -0.44 4.70 8.98
N ILE A 26 -0.91 3.76 8.17
CA ILE A 26 -0.54 3.73 6.76
C ILE A 26 -0.71 5.09 6.11
N SER A 27 -1.90 5.67 6.26
CA SER A 27 -2.19 6.98 5.69
C SER A 27 -1.17 8.00 6.14
N ARG A 28 -0.74 7.91 7.40
CA ARG A 28 0.24 8.82 7.95
C ARG A 28 1.59 8.67 7.25
N ALA A 29 1.97 7.42 6.99
CA ALA A 29 3.23 7.13 6.32
C ALA A 29 3.37 7.92 5.02
N PHE A 30 2.30 7.90 4.22
CA PHE A 30 2.31 8.61 2.94
C PHE A 30 2.29 10.12 3.16
N ALA A 31 1.37 10.58 4.00
CA ALA A 31 1.25 12.01 4.29
C ALA A 31 2.59 12.59 4.73
N THR A 32 3.31 11.85 5.57
CA THR A 32 4.60 12.30 6.07
C THR A 32 5.59 12.46 4.93
N MET A 33 5.49 11.60 3.92
CA MET A 33 6.38 11.64 2.77
C MET A 33 5.95 12.73 1.79
N GLY A 34 4.88 13.44 2.14
CA GLY A 34 4.39 14.50 1.29
C GLY A 34 3.47 14.00 0.19
N GLU A 35 2.60 13.05 0.55
CA GLU A 35 1.66 12.48 -0.41
C GLU A 35 0.25 12.42 0.18
N THR A 36 -0.75 12.64 -0.67
CA THR A 36 -2.13 12.61 -0.24
C THR A 36 -2.80 11.29 -0.59
N VAL A 37 -3.02 10.46 0.42
CA VAL A 37 -3.64 9.16 0.22
C VAL A 37 -5.16 9.29 0.20
N MET A 38 -5.80 8.52 -0.69
CA MET A 38 -7.25 8.55 -0.81
C MET A 38 -7.89 7.62 0.22
N SER A 39 -7.51 6.35 0.18
CA SER A 39 -8.06 5.37 1.11
C SER A 39 -7.06 4.24 1.36
N VAL A 40 -7.29 3.48 2.43
CA VAL A 40 -6.41 2.38 2.78
C VAL A 40 -7.19 1.22 3.38
N LYS A 41 -6.88 0.00 2.93
CA LYS A 41 -7.55 -1.19 3.42
C LYS A 41 -6.55 -2.20 3.97
N ILE A 42 -6.70 -2.56 5.24
CA ILE A 42 -5.81 -3.51 5.87
C ILE A 42 -6.35 -4.94 5.75
N ILE A 43 -5.51 -5.84 5.25
CA ILE A 43 -5.90 -7.23 5.09
C ILE A 43 -5.68 -8.03 6.37
N ARG A 44 -6.78 -8.36 7.06
CA ARG A 44 -6.69 -9.12 8.30
C ARG A 44 -7.57 -10.37 8.23
N ASN A 45 -7.19 -11.39 8.98
CA ASN A 45 -7.94 -12.64 9.01
C ASN A 45 -9.20 -12.50 9.85
N ARG A 46 -10.18 -13.38 9.59
CA ARG A 46 -11.43 -13.36 10.33
C ARG A 46 -11.40 -14.33 11.49
N LEU A 47 -10.37 -15.16 11.54
CA LEU A 47 -10.22 -16.14 12.60
C LEU A 47 -9.24 -15.66 13.67
N THR A 48 -8.07 -15.22 13.24
CA THR A 48 -7.05 -14.72 14.15
C THR A 48 -7.14 -13.21 14.29
N GLY A 49 -7.48 -12.53 13.21
CA GLY A 49 -7.59 -11.09 13.23
C GLY A 49 -6.27 -10.39 12.94
N ILE A 50 -5.22 -11.18 12.77
CA ILE A 50 -3.90 -10.64 12.48
C ILE A 50 -3.79 -10.19 11.03
N PRO A 51 -3.23 -8.98 10.83
CA PRO A 51 -3.05 -8.41 9.50
C PRO A 51 -2.00 -9.15 8.68
N ALA A 52 -2.42 -9.68 7.53
CA ALA A 52 -1.51 -10.42 6.66
C ALA A 52 -0.14 -9.76 6.61
N GLY A 53 -0.12 -8.44 6.79
CA GLY A 53 1.14 -7.71 6.75
C GLY A 53 1.21 -6.72 5.61
N TYR A 54 0.12 -6.61 4.86
CA TYR A 54 0.06 -5.69 3.72
C TYR A 54 -1.30 -5.02 3.63
N CYS A 55 -1.35 -3.88 2.96
CA CYS A 55 -2.60 -3.14 2.80
C CYS A 55 -2.64 -2.45 1.44
N PHE A 56 -3.86 -2.20 0.95
CA PHE A 56 -4.04 -1.54 -0.34
C PHE A 56 -4.34 -0.06 -0.16
N VAL A 57 -3.71 0.77 -0.99
CA VAL A 57 -3.92 2.21 -0.91
C VAL A 57 -4.51 2.75 -2.21
N GLU A 58 -5.61 3.49 -2.09
CA GLU A 58 -6.28 4.06 -3.26
C GLU A 58 -5.75 5.46 -3.55
N PHE A 59 -5.87 5.87 -4.81
CA PHE A 59 -5.41 7.19 -5.22
C PHE A 59 -6.32 7.78 -6.29
N ALA A 60 -6.01 9.00 -6.73
CA ALA A 60 -6.81 9.67 -7.74
C ALA A 60 -6.90 8.83 -9.01
N ASP A 61 -5.74 8.45 -9.55
CA ASP A 61 -5.68 7.65 -10.77
C ASP A 61 -4.40 6.84 -10.82
N LEU A 62 -4.30 5.96 -11.81
CA LEU A 62 -3.12 5.12 -11.97
C LEU A 62 -1.87 5.97 -12.13
N ALA A 63 -1.96 6.99 -12.98
CA ALA A 63 -0.83 7.88 -13.21
C ALA A 63 -0.19 8.33 -11.91
N THR A 64 -1.00 8.95 -11.04
CA THR A 64 -0.52 9.42 -9.75
C THR A 64 0.14 8.30 -8.97
N ALA A 65 -0.51 7.14 -8.95
CA ALA A 65 0.01 5.98 -8.23
C ALA A 65 1.47 5.72 -8.59
N GLU A 66 1.77 5.75 -9.88
CA GLU A 66 3.13 5.51 -10.35
C GLU A 66 4.09 6.53 -9.75
N LYS A 67 3.94 7.80 -10.14
CA LYS A 67 4.79 8.86 -9.65
C LYS A 67 4.83 8.87 -8.12
N CYS A 68 3.77 8.34 -7.50
CA CYS A 68 3.69 8.28 -6.06
C CYS A 68 4.35 7.02 -5.52
N LEU A 69 4.53 6.04 -6.40
CA LEU A 69 5.15 4.77 -6.01
C LEU A 69 6.66 4.80 -6.29
N HIS A 70 7.06 5.63 -7.25
CA HIS A 70 8.46 5.76 -7.61
C HIS A 70 9.15 6.85 -6.79
N LYS A 71 8.34 7.66 -6.11
CA LYS A 71 8.86 8.75 -5.29
C LYS A 71 9.22 8.23 -3.89
N ILE A 72 8.69 7.07 -3.53
CA ILE A 72 8.96 6.48 -2.22
C ILE A 72 9.63 5.13 -2.36
N ASN A 73 9.07 4.28 -3.21
CA ASN A 73 9.62 2.93 -3.43
C ASN A 73 11.14 2.95 -3.28
N GLY A 74 11.62 2.55 -2.10
CA GLY A 74 13.04 2.52 -1.85
C GLY A 74 13.45 3.48 -0.75
N LYS A 75 12.47 4.16 -0.15
CA LYS A 75 12.74 5.11 0.92
C LYS A 75 12.30 4.55 2.27
N PRO A 76 12.88 5.07 3.35
CA PRO A 76 12.56 4.65 4.71
C PRO A 76 11.16 5.08 5.15
N LEU A 77 10.42 4.16 5.74
CA LEU A 77 9.06 4.46 6.20
C LEU A 77 9.08 5.07 7.59
N PRO A 78 8.45 6.25 7.73
CA PRO A 78 8.37 6.97 9.01
C PRO A 78 7.49 6.25 10.02
N GLY A 79 7.80 6.43 11.30
CA GLY A 79 7.03 5.79 12.36
C GLY A 79 7.41 4.34 12.56
N ALA A 80 7.62 3.63 11.46
CA ALA A 80 7.99 2.22 11.52
C ALA A 80 8.87 1.94 12.74
N THR A 81 8.49 0.95 13.53
CA THR A 81 9.24 0.58 14.72
C THR A 81 9.69 -0.88 14.67
N PRO A 82 11.01 -1.10 14.80
CA PRO A 82 11.98 -0.02 15.00
C PRO A 82 12.16 0.83 13.75
N ALA A 83 12.30 0.17 12.60
CA ALA A 83 12.48 0.87 11.34
C ALA A 83 12.27 -0.08 10.15
N LYS A 84 11.47 0.36 9.18
CA LYS A 84 11.19 -0.45 8.00
C LYS A 84 11.24 0.41 6.74
N ARG A 85 11.44 -0.24 5.60
CA ARG A 85 11.50 0.45 4.32
C ARG A 85 10.14 0.48 3.65
N PHE A 86 9.95 1.44 2.75
CA PHE A 86 8.68 1.58 2.03
C PHE A 86 8.54 0.50 0.96
N LYS A 87 7.78 -0.54 1.27
CA LYS A 87 7.57 -1.64 0.34
C LYS A 87 6.29 -1.42 -0.48
N LEU A 88 6.46 -0.92 -1.70
CA LEU A 88 5.32 -0.67 -2.58
C LEU A 88 5.50 -1.38 -3.92
N ASN A 89 4.39 -1.79 -4.51
CA ASN A 89 4.42 -2.49 -5.79
C ASN A 89 3.10 -2.30 -6.54
N TYR A 90 3.08 -2.75 -7.80
CA TYR A 90 1.88 -2.62 -8.63
C TYR A 90 0.80 -3.59 -8.15
N ALA A 91 -0.43 -3.09 -8.05
CA ALA A 91 -1.56 -3.90 -7.62
C ALA A 91 -1.61 -5.22 -8.40
N THR A 92 -0.98 -5.24 -9.57
CA THR A 92 -0.96 -6.42 -10.40
C THR A 92 0.37 -7.16 -10.30
N TYR A 93 0.87 -7.29 -9.08
CA TYR A 93 2.14 -7.95 -8.84
C TYR A 93 1.95 -9.46 -8.75
N SER A 94 1.08 -10.00 -9.61
CA SER A 94 0.81 -11.43 -9.62
C SER A 94 1.59 -12.12 -10.72
N GLY A 95 1.76 -11.44 -11.84
CA GLY A 95 2.51 -12.01 -12.96
C GLY A 95 3.22 -10.95 -13.77
N PRO A 96 4.37 -10.48 -13.25
CA PRO A 96 5.18 -9.46 -13.92
C PRO A 96 5.85 -9.99 -15.19
N SER A 97 6.39 -9.07 -16.00
CA SER A 97 7.05 -9.45 -17.24
C SER A 97 8.24 -8.52 -17.52
N SER A 98 9.37 -9.11 -17.86
CA SER A 98 10.57 -8.34 -18.16
C SER A 98 10.22 -7.03 -18.85
N GLY A 99 10.40 -5.92 -18.14
CA GLY A 99 10.09 -4.63 -18.70
C GLY A 99 8.62 -4.28 -18.61
N GLY A 1 3.17 -4.86 -17.69
CA GLY A 1 1.95 -4.27 -18.22
C GLY A 1 0.96 -5.33 -18.67
N SER A 2 0.35 -6.02 -17.70
CA SER A 2 -0.62 -7.06 -17.99
C SER A 2 -2.04 -6.57 -17.71
N SER A 3 -2.83 -6.43 -18.76
CA SER A 3 -4.20 -5.96 -18.63
C SER A 3 -5.19 -7.12 -18.75
N GLY A 4 -5.89 -7.42 -17.66
CA GLY A 4 -6.85 -8.51 -17.66
C GLY A 4 -7.76 -8.49 -16.45
N SER A 5 -7.34 -9.19 -15.40
CA SER A 5 -8.13 -9.26 -14.17
C SER A 5 -8.43 -7.86 -13.64
N SER A 6 -9.69 -7.46 -13.72
CA SER A 6 -10.12 -6.14 -13.26
C SER A 6 -10.08 -6.07 -11.73
N GLY A 7 -9.66 -4.92 -11.22
CA GLY A 7 -9.58 -4.74 -9.78
C GLY A 7 -8.88 -3.44 -9.39
N MET A 8 -7.88 -3.56 -8.52
CA MET A 8 -7.13 -2.38 -8.07
C MET A 8 -6.31 -1.79 -9.20
N ALA A 9 -6.83 -0.72 -9.80
CA ALA A 9 -6.14 -0.06 -10.91
C ALA A 9 -5.37 1.17 -10.42
N ALA A 10 -6.09 2.12 -9.85
CA ALA A 10 -5.47 3.34 -9.33
C ALA A 10 -4.98 3.15 -7.91
N SER A 11 -4.78 1.89 -7.52
CA SER A 11 -4.31 1.57 -6.18
C SER A 11 -2.94 0.89 -6.23
N LEU A 12 -2.27 0.84 -5.08
CA LEU A 12 -0.95 0.23 -4.99
C LEU A 12 -0.90 -0.77 -3.83
N TRP A 13 0.13 -1.61 -3.83
CA TRP A 13 0.30 -2.61 -2.79
C TRP A 13 1.40 -2.19 -1.81
N MET A 14 1.14 -2.36 -0.52
CA MET A 14 2.11 -2.00 0.51
C MET A 14 2.24 -3.12 1.54
N GLY A 15 3.28 -3.92 1.40
CA GLY A 15 3.51 -5.02 2.33
C GLY A 15 4.52 -4.68 3.41
N ASP A 16 5.06 -5.70 4.06
CA ASP A 16 6.05 -5.50 5.11
C ASP A 16 5.52 -4.54 6.18
N LEU A 17 4.25 -4.71 6.54
CA LEU A 17 3.63 -3.86 7.54
C LEU A 17 3.62 -4.55 8.91
N GLU A 18 3.62 -3.74 9.97
CA GLU A 18 3.61 -4.28 11.33
C GLU A 18 2.21 -4.74 11.73
N PRO A 19 2.15 -5.63 12.72
CA PRO A 19 0.88 -6.17 13.21
C PRO A 19 0.05 -5.13 13.97
N TYR A 20 0.56 -3.90 14.00
CA TYR A 20 -0.12 -2.81 14.68
C TYR A 20 -0.35 -1.63 13.75
N MET A 21 -0.36 -1.92 12.45
CA MET A 21 -0.56 -0.87 11.45
C MET A 21 -2.03 -0.78 11.05
N ASP A 22 -2.62 0.40 11.18
CA ASP A 22 -4.00 0.62 10.84
C ASP A 22 -4.15 1.74 9.83
N GLU A 23 -5.33 1.83 9.21
CA GLU A 23 -5.59 2.86 8.21
C GLU A 23 -4.97 4.20 8.63
N ASN A 24 -4.84 4.40 9.94
CA ASN A 24 -4.27 5.63 10.47
C ASN A 24 -2.76 5.67 10.24
N PHE A 25 -2.09 4.56 10.56
CA PHE A 25 -0.64 4.46 10.38
C PHE A 25 -0.26 4.66 8.91
N ILE A 26 -0.74 3.77 8.07
CA ILE A 26 -0.45 3.84 6.64
C ILE A 26 -0.67 5.25 6.10
N SER A 27 -1.83 5.82 6.40
CA SER A 27 -2.16 7.17 5.95
C SER A 27 -1.09 8.17 6.39
N ARG A 28 -0.64 8.02 7.63
CA ARG A 28 0.38 8.92 8.18
C ARG A 28 1.69 8.80 7.40
N ALA A 29 2.05 7.57 7.05
CA ALA A 29 3.27 7.32 6.30
C ALA A 29 3.31 8.15 5.02
N PHE A 30 2.32 7.95 4.16
CA PHE A 30 2.25 8.67 2.90
C PHE A 30 2.23 10.18 3.14
N ALA A 31 1.28 10.63 3.97
CA ALA A 31 1.16 12.04 4.29
C ALA A 31 2.50 12.64 4.69
N THR A 32 3.24 11.91 5.53
CA THR A 32 4.54 12.37 5.99
C THR A 32 5.52 12.49 4.83
N MET A 33 5.35 11.64 3.83
CA MET A 33 6.23 11.65 2.66
C MET A 33 5.81 12.74 1.68
N GLY A 34 4.77 13.48 2.04
CA GLY A 34 4.29 14.55 1.18
C GLY A 34 3.34 14.06 0.11
N GLU A 35 2.47 13.13 0.49
CA GLU A 35 1.51 12.57 -0.45
C GLU A 35 0.11 12.52 0.17
N THR A 36 -0.91 12.64 -0.68
CA THR A 36 -2.29 12.62 -0.21
C THR A 36 -2.97 11.30 -0.58
N VAL A 37 -3.03 10.38 0.38
CA VAL A 37 -3.65 9.09 0.15
C VAL A 37 -5.17 9.20 0.11
N MET A 38 -5.80 8.47 -0.80
CA MET A 38 -7.25 8.49 -0.93
C MET A 38 -7.91 7.56 0.08
N SER A 39 -7.49 6.30 0.08
CA SER A 39 -8.03 5.30 1.00
C SER A 39 -7.04 4.18 1.24
N VAL A 40 -7.17 3.51 2.38
CA VAL A 40 -6.29 2.41 2.74
C VAL A 40 -7.07 1.24 3.31
N LYS A 41 -6.83 0.05 2.78
CA LYS A 41 -7.50 -1.16 3.24
C LYS A 41 -6.52 -2.15 3.84
N ILE A 42 -6.73 -2.53 5.09
CA ILE A 42 -5.84 -3.47 5.76
C ILE A 42 -6.39 -4.89 5.66
N ILE A 43 -5.57 -5.79 5.13
CA ILE A 43 -5.97 -7.19 4.97
C ILE A 43 -5.71 -7.98 6.25
N ARG A 44 -6.78 -8.25 6.99
CA ARG A 44 -6.68 -9.00 8.25
C ARG A 44 -7.57 -10.23 8.21
N ASN A 45 -7.26 -11.20 9.08
CA ASN A 45 -8.03 -12.43 9.15
C ASN A 45 -9.39 -12.20 9.82
N ARG A 46 -10.24 -13.20 9.77
CA ARG A 46 -11.57 -13.10 10.36
C ARG A 46 -11.58 -13.70 11.77
N LEU A 47 -10.74 -14.71 11.97
CA LEU A 47 -10.65 -15.37 13.27
C LEU A 47 -9.52 -14.78 14.11
N THR A 48 -8.35 -14.63 13.50
CA THR A 48 -7.19 -14.08 14.19
C THR A 48 -7.19 -12.56 14.13
N GLY A 49 -7.90 -12.01 13.15
CA GLY A 49 -7.97 -10.57 13.00
C GLY A 49 -6.61 -9.95 12.78
N ILE A 50 -5.60 -10.78 12.58
CA ILE A 50 -4.24 -10.30 12.35
C ILE A 50 -4.03 -9.89 10.91
N PRO A 51 -3.39 -8.73 10.71
CA PRO A 51 -3.12 -8.18 9.37
C PRO A 51 -2.07 -9.02 8.62
N ALA A 52 -2.49 -9.64 7.52
CA ALA A 52 -1.60 -10.45 6.72
C ALA A 52 -0.20 -9.84 6.66
N GLY A 53 -0.14 -8.51 6.76
CA GLY A 53 1.14 -7.83 6.72
C GLY A 53 1.23 -6.84 5.57
N TYR A 54 0.13 -6.69 4.84
CA TYR A 54 0.10 -5.77 3.71
C TYR A 54 -1.24 -5.06 3.62
N CYS A 55 -1.27 -3.93 2.91
CA CYS A 55 -2.50 -3.15 2.76
C CYS A 55 -2.55 -2.50 1.39
N PHE A 56 -3.77 -2.20 0.93
CA PHE A 56 -3.96 -1.57 -0.37
C PHE A 56 -4.23 -0.07 -0.23
N VAL A 57 -3.62 0.72 -1.09
CA VAL A 57 -3.81 2.17 -1.06
C VAL A 57 -4.42 2.67 -2.36
N GLU A 58 -5.46 3.49 -2.24
CA GLU A 58 -6.13 4.04 -3.40
C GLU A 58 -5.66 5.47 -3.69
N PHE A 59 -5.77 5.88 -4.94
CA PHE A 59 -5.35 7.22 -5.35
C PHE A 59 -6.28 7.79 -6.42
N ALA A 60 -5.94 8.96 -6.92
CA ALA A 60 -6.75 9.61 -7.95
C ALA A 60 -6.85 8.75 -9.19
N ASP A 61 -5.70 8.30 -9.69
CA ASP A 61 -5.67 7.46 -10.89
C ASP A 61 -4.33 6.72 -10.98
N LEU A 62 -4.25 5.78 -11.92
CA LEU A 62 -3.03 5.01 -12.12
C LEU A 62 -1.81 5.93 -12.20
N ALA A 63 -1.95 7.04 -12.90
CA ALA A 63 -0.87 8.01 -13.05
C ALA A 63 -0.27 8.37 -11.69
N THR A 64 -1.04 9.12 -10.90
CA THR A 64 -0.59 9.53 -9.58
C THR A 64 0.01 8.37 -8.81
N ALA A 65 -0.59 7.19 -8.95
CA ALA A 65 -0.10 5.99 -8.26
C ALA A 65 1.37 5.74 -8.59
N GLU A 66 1.68 5.67 -9.89
CA GLU A 66 3.05 5.42 -10.33
C GLU A 66 4.01 6.43 -9.71
N LYS A 67 3.82 7.70 -10.05
CA LYS A 67 4.66 8.76 -9.53
C LYS A 67 4.76 8.70 -8.01
N CYS A 68 3.62 8.39 -7.37
CA CYS A 68 3.57 8.30 -5.92
C CYS A 68 4.18 6.98 -5.43
N LEU A 69 4.36 6.04 -6.35
CA LEU A 69 4.93 4.74 -6.03
C LEU A 69 6.43 4.73 -6.25
N HIS A 70 6.90 5.59 -7.16
CA HIS A 70 8.32 5.68 -7.47
C HIS A 70 9.00 6.72 -6.58
N LYS A 71 8.20 7.53 -5.90
CA LYS A 71 8.72 8.56 -5.01
C LYS A 71 9.03 7.99 -3.63
N ILE A 72 8.43 6.85 -3.32
CA ILE A 72 8.65 6.19 -2.04
C ILE A 72 9.23 4.80 -2.23
N ASN A 73 9.19 4.31 -3.46
CA ASN A 73 9.71 2.97 -3.77
C ASN A 73 11.19 2.89 -3.43
N GLY A 74 11.50 2.68 -2.15
CA GLY A 74 12.88 2.58 -1.72
C GLY A 74 13.17 3.47 -0.53
N LYS A 75 12.40 4.54 -0.38
CA LYS A 75 12.59 5.47 0.73
C LYS A 75 12.18 4.84 2.05
N PRO A 76 12.74 5.35 3.15
CA PRO A 76 12.45 4.86 4.50
C PRO A 76 11.03 5.19 4.94
N LEU A 77 10.38 4.23 5.60
CA LEU A 77 9.02 4.42 6.08
C LEU A 77 9.00 5.04 7.47
N PRO A 78 8.48 6.27 7.57
CA PRO A 78 8.41 7.00 8.84
C PRO A 78 7.39 6.38 9.79
N GLY A 79 7.53 6.69 11.09
CA GLY A 79 6.62 6.16 12.08
C GLY A 79 6.95 4.74 12.48
N ALA A 80 7.08 3.86 11.49
CA ALA A 80 7.41 2.46 11.75
C ALA A 80 8.53 2.34 12.76
N THR A 81 8.56 1.21 13.47
CA THR A 81 9.60 0.97 14.47
C THR A 81 10.13 -0.45 14.38
N PRO A 82 11.47 -0.59 14.50
CA PRO A 82 12.36 0.56 14.72
C PRO A 82 12.47 1.44 13.49
N ALA A 83 12.75 0.83 12.33
CA ALA A 83 12.88 1.57 11.09
C ALA A 83 12.93 0.63 9.90
N LYS A 84 11.99 0.81 8.97
CA LYS A 84 11.93 -0.03 7.78
C LYS A 84 11.92 0.83 6.51
N ARG A 85 11.76 0.18 5.36
CA ARG A 85 11.74 0.88 4.08
C ARG A 85 10.36 0.83 3.46
N PHE A 86 10.16 1.61 2.40
CA PHE A 86 8.87 1.66 1.71
C PHE A 86 8.78 0.56 0.66
N LYS A 87 8.06 -0.51 1.01
CA LYS A 87 7.90 -1.64 0.10
C LYS A 87 6.59 -1.53 -0.68
N LEU A 88 6.68 -1.05 -1.91
CA LEU A 88 5.49 -0.89 -2.75
C LEU A 88 5.66 -1.63 -4.07
N ASN A 89 4.54 -2.10 -4.63
CA ASN A 89 4.57 -2.83 -5.89
C ASN A 89 3.25 -2.66 -6.64
N TYR A 90 3.28 -2.94 -7.94
CA TYR A 90 2.08 -2.83 -8.77
C TYR A 90 0.96 -3.72 -8.25
N ALA A 91 -0.22 -3.15 -8.11
CA ALA A 91 -1.39 -3.89 -7.62
C ALA A 91 -1.51 -5.24 -8.33
N THR A 92 -1.00 -5.30 -9.55
CA THR A 92 -1.05 -6.52 -10.34
C THR A 92 0.20 -7.37 -10.12
N TYR A 93 0.71 -7.37 -8.90
CA TYR A 93 1.89 -8.13 -8.56
C TYR A 93 1.58 -9.63 -8.52
N SER A 94 2.63 -10.45 -8.59
CA SER A 94 2.47 -11.90 -8.57
C SER A 94 3.76 -12.58 -8.17
N GLY A 95 3.64 -13.71 -7.47
CA GLY A 95 4.82 -14.44 -7.03
C GLY A 95 5.91 -14.47 -8.09
N PRO A 96 7.17 -14.56 -7.64
CA PRO A 96 8.33 -14.60 -8.53
C PRO A 96 8.42 -15.90 -9.31
N SER A 97 7.73 -16.93 -8.82
CA SER A 97 7.73 -18.23 -9.47
C SER A 97 7.45 -18.10 -10.97
N SER A 98 6.45 -17.28 -11.30
CA SER A 98 6.08 -17.06 -12.70
C SER A 98 7.30 -16.79 -13.55
N GLY A 99 8.03 -15.73 -13.20
CA GLY A 99 9.23 -15.38 -13.96
C GLY A 99 9.16 -13.96 -14.51
N GLY A 1 -18.32 3.15 -15.02
CA GLY A 1 -19.67 2.72 -15.32
C GLY A 1 -20.15 1.63 -14.37
N SER A 2 -19.42 0.52 -14.34
CA SER A 2 -19.77 -0.60 -13.47
C SER A 2 -19.02 -0.52 -12.14
N SER A 3 -19.76 -0.75 -11.05
CA SER A 3 -19.17 -0.70 -9.72
C SER A 3 -18.66 -2.07 -9.29
N GLY A 4 -17.84 -2.68 -10.15
CA GLY A 4 -17.30 -3.99 -9.84
C GLY A 4 -16.32 -4.47 -10.89
N SER A 5 -15.49 -3.55 -11.38
CA SER A 5 -14.50 -3.89 -12.41
C SER A 5 -13.21 -3.10 -12.20
N SER A 6 -12.08 -3.80 -12.25
CA SER A 6 -10.79 -3.15 -12.07
C SER A 6 -10.84 -2.12 -10.95
N GLY A 7 -11.39 -2.53 -9.81
CA GLY A 7 -11.48 -1.63 -8.67
C GLY A 7 -10.14 -1.11 -8.22
N MET A 8 -9.23 -2.04 -7.90
CA MET A 8 -7.90 -1.67 -7.44
C MET A 8 -6.98 -1.38 -8.62
N ALA A 9 -7.35 -0.39 -9.42
CA ALA A 9 -6.56 0.00 -10.58
C ALA A 9 -5.55 1.08 -10.22
N ALA A 10 -6.05 2.20 -9.72
CA ALA A 10 -5.20 3.32 -9.34
C ALA A 10 -4.69 3.16 -7.91
N SER A 11 -4.69 1.93 -7.42
CA SER A 11 -4.23 1.63 -6.07
C SER A 11 -2.84 1.00 -6.09
N LEU A 12 -2.22 0.91 -4.92
CA LEU A 12 -0.89 0.32 -4.81
C LEU A 12 -0.84 -0.68 -3.66
N TRP A 13 0.11 -1.61 -3.74
CA TRP A 13 0.27 -2.63 -2.72
C TRP A 13 1.36 -2.24 -1.73
N MET A 14 1.13 -2.52 -0.45
CA MET A 14 2.10 -2.20 0.59
C MET A 14 2.21 -3.35 1.60
N GLY A 15 3.30 -4.09 1.51
CA GLY A 15 3.51 -5.21 2.42
C GLY A 15 4.53 -4.89 3.49
N ASP A 16 5.12 -5.93 4.08
CA ASP A 16 6.11 -5.76 5.13
C ASP A 16 5.59 -4.85 6.23
N LEU A 17 4.27 -4.83 6.41
CA LEU A 17 3.64 -4.00 7.43
C LEU A 17 3.67 -4.69 8.78
N GLU A 18 3.87 -3.92 9.84
CA GLU A 18 3.91 -4.45 11.19
C GLU A 18 2.52 -4.88 11.65
N PRO A 19 2.47 -5.81 12.62
CA PRO A 19 1.21 -6.32 13.17
C PRO A 19 0.47 -5.26 13.99
N TYR A 20 1.07 -4.09 14.12
CA TYR A 20 0.46 -3.00 14.87
C TYR A 20 0.21 -1.79 13.99
N MET A 21 -0.04 -2.04 12.71
CA MET A 21 -0.29 -0.97 11.75
C MET A 21 -1.78 -0.91 11.39
N ASP A 22 -2.31 0.30 11.30
CA ASP A 22 -3.71 0.50 10.94
C ASP A 22 -3.88 1.61 9.92
N GLU A 23 -5.05 1.67 9.30
CA GLU A 23 -5.32 2.70 8.30
C GLU A 23 -4.74 4.04 8.72
N ASN A 24 -4.96 4.40 9.97
CA ASN A 24 -4.46 5.67 10.50
C ASN A 24 -2.95 5.78 10.31
N PHE A 25 -2.25 4.67 10.54
CA PHE A 25 -0.80 4.64 10.39
C PHE A 25 -0.39 4.81 8.94
N ILE A 26 -0.74 3.84 8.11
CA ILE A 26 -0.41 3.89 6.69
C ILE A 26 -0.65 5.28 6.12
N SER A 27 -1.83 5.83 6.40
CA SER A 27 -2.19 7.16 5.90
C SER A 27 -1.16 8.19 6.34
N ARG A 28 -0.71 8.09 7.59
CA ARG A 28 0.27 9.02 8.13
C ARG A 28 1.58 8.92 7.35
N ALA A 29 1.96 7.71 6.97
CA ALA A 29 3.19 7.49 6.22
C ALA A 29 3.23 8.32 4.95
N PHE A 30 2.22 8.12 4.10
CA PHE A 30 2.13 8.85 2.84
C PHE A 30 2.06 10.36 3.09
N ALA A 31 1.18 10.76 3.99
CA ALA A 31 1.03 12.17 4.33
C ALA A 31 2.35 12.79 4.75
N THR A 32 3.12 12.06 5.55
CA THR A 32 4.41 12.53 6.02
C THR A 32 5.39 12.72 4.86
N MET A 33 5.40 11.76 3.94
CA MET A 33 6.27 11.82 2.78
C MET A 33 5.85 12.93 1.83
N GLY A 34 4.74 13.60 2.16
CA GLY A 34 4.25 14.67 1.33
C GLY A 34 3.30 14.18 0.25
N GLU A 35 2.44 13.23 0.60
CA GLU A 35 1.48 12.68 -0.35
C GLU A 35 0.10 12.56 0.28
N THR A 36 -0.92 12.90 -0.50
CA THR A 36 -2.30 12.84 -0.02
C THR A 36 -2.96 11.53 -0.43
N VAL A 37 -2.97 10.57 0.49
CA VAL A 37 -3.59 9.27 0.22
C VAL A 37 -5.10 9.37 0.19
N MET A 38 -5.72 8.55 -0.65
CA MET A 38 -7.18 8.54 -0.79
C MET A 38 -7.81 7.63 0.26
N SER A 39 -7.34 6.39 0.33
CA SER A 39 -7.87 5.42 1.27
C SER A 39 -6.90 4.26 1.46
N VAL A 40 -7.08 3.49 2.53
CA VAL A 40 -6.22 2.36 2.82
C VAL A 40 -7.03 1.20 3.40
N LYS A 41 -6.71 -0.02 2.96
CA LYS A 41 -7.40 -1.21 3.44
C LYS A 41 -6.41 -2.23 4.00
N ILE A 42 -6.57 -2.59 5.26
CA ILE A 42 -5.69 -3.56 5.91
C ILE A 42 -6.29 -4.96 5.85
N ILE A 43 -5.60 -5.86 5.16
CA ILE A 43 -6.06 -7.24 5.03
C ILE A 43 -5.79 -8.03 6.31
N ARG A 44 -6.85 -8.46 6.97
CA ARG A 44 -6.74 -9.24 8.20
C ARG A 44 -7.64 -10.47 8.16
N ASN A 45 -7.32 -11.45 9.00
CA ASN A 45 -8.09 -12.68 9.06
C ASN A 45 -9.41 -12.46 9.81
N ARG A 46 -10.27 -13.48 9.79
CA ARG A 46 -11.56 -13.39 10.47
C ARG A 46 -11.49 -14.02 11.85
N LEU A 47 -10.74 -15.12 11.96
CA LEU A 47 -10.60 -15.83 13.24
C LEU A 47 -9.45 -15.23 14.05
N THR A 48 -8.29 -15.10 13.42
CA THR A 48 -7.11 -14.54 14.09
C THR A 48 -7.16 -13.02 14.10
N GLY A 49 -7.82 -12.45 13.09
CA GLY A 49 -7.92 -10.99 13.00
C GLY A 49 -6.59 -10.33 12.75
N ILE A 50 -5.54 -11.14 12.60
CA ILE A 50 -4.20 -10.63 12.36
C ILE A 50 -4.05 -10.16 10.91
N PRO A 51 -3.38 -9.02 10.73
CA PRO A 51 -3.14 -8.43 9.41
C PRO A 51 -2.16 -9.26 8.58
N ALA A 52 -2.62 -9.75 7.44
CA ALA A 52 -1.78 -10.55 6.56
C ALA A 52 -0.37 -9.99 6.49
N GLY A 53 -0.25 -8.67 6.69
CA GLY A 53 1.05 -8.03 6.64
C GLY A 53 1.16 -7.03 5.51
N TYR A 54 0.06 -6.82 4.80
CA TYR A 54 0.04 -5.88 3.68
C TYR A 54 -1.29 -5.13 3.62
N CYS A 55 -1.29 -3.98 2.96
CA CYS A 55 -2.50 -3.17 2.82
C CYS A 55 -2.54 -2.48 1.47
N PHE A 56 -3.75 -2.21 0.99
CA PHE A 56 -3.93 -1.56 -0.31
C PHE A 56 -4.20 -0.07 -0.13
N VAL A 57 -3.62 0.74 -1.00
CA VAL A 57 -3.80 2.19 -0.94
C VAL A 57 -4.42 2.72 -2.23
N GLU A 58 -5.48 3.51 -2.08
CA GLU A 58 -6.16 4.09 -3.24
C GLU A 58 -5.64 5.48 -3.55
N PHE A 59 -5.74 5.88 -4.80
CA PHE A 59 -5.27 7.20 -5.23
C PHE A 59 -6.19 7.79 -6.31
N ALA A 60 -5.86 8.99 -6.76
CA ALA A 60 -6.65 9.66 -7.79
C ALA A 60 -6.78 8.79 -9.03
N ASP A 61 -5.64 8.37 -9.57
CA ASP A 61 -5.62 7.53 -10.77
C ASP A 61 -4.29 6.80 -10.90
N LEU A 62 -4.17 5.97 -11.93
CA LEU A 62 -2.95 5.20 -12.17
C LEU A 62 -1.74 6.13 -12.27
N ALA A 63 -1.85 7.14 -13.13
CA ALA A 63 -0.77 8.10 -13.33
C ALA A 63 -0.15 8.50 -11.98
N THR A 64 -0.97 9.10 -11.13
CA THR A 64 -0.51 9.53 -9.81
C THR A 64 0.10 8.37 -9.02
N ALA A 65 -0.53 7.20 -9.14
CA ALA A 65 -0.05 6.02 -8.44
C ALA A 65 1.40 5.72 -8.78
N GLU A 66 1.73 5.83 -10.06
CA GLU A 66 3.09 5.57 -10.53
C GLU A 66 4.08 6.49 -9.82
N LYS A 67 4.00 7.78 -10.12
CA LYS A 67 4.89 8.77 -9.51
C LYS A 67 4.84 8.68 -7.99
N CYS A 68 3.69 8.28 -7.46
CA CYS A 68 3.51 8.16 -6.02
C CYS A 68 4.17 6.90 -5.50
N LEU A 69 4.38 5.93 -6.38
CA LEU A 69 5.00 4.66 -6.01
C LEU A 69 6.50 4.70 -6.25
N HIS A 70 6.91 5.43 -7.29
CA HIS A 70 8.32 5.56 -7.63
C HIS A 70 9.00 6.62 -6.78
N LYS A 71 8.19 7.42 -6.09
CA LYS A 71 8.72 8.48 -5.24
C LYS A 71 9.01 7.95 -3.83
N ILE A 72 8.43 6.81 -3.51
CA ILE A 72 8.63 6.19 -2.20
C ILE A 72 9.10 4.75 -2.34
N ASN A 73 9.24 4.29 -3.57
CA ASN A 73 9.69 2.93 -3.85
C ASN A 73 11.15 2.75 -3.47
N GLY A 74 11.42 2.58 -2.18
CA GLY A 74 12.78 2.40 -1.72
C GLY A 74 13.15 3.41 -0.64
N LYS A 75 12.36 4.47 -0.51
CA LYS A 75 12.62 5.50 0.49
C LYS A 75 12.28 5.00 1.89
N PRO A 76 12.88 5.64 2.91
CA PRO A 76 12.65 5.28 4.31
C PRO A 76 11.24 5.64 4.78
N LEU A 77 10.57 4.67 5.38
CA LEU A 77 9.20 4.88 5.88
C LEU A 77 9.23 5.53 7.26
N PRO A 78 8.58 6.70 7.38
CA PRO A 78 8.51 7.44 8.63
C PRO A 78 7.64 6.75 9.67
N GLY A 79 7.90 7.03 10.94
CA GLY A 79 7.12 6.43 12.02
C GLY A 79 7.54 4.99 12.28
N ALA A 80 7.59 4.18 11.23
CA ALA A 80 7.98 2.78 11.37
C ALA A 80 9.09 2.61 12.40
N THR A 81 8.83 1.79 13.41
CA THR A 81 9.80 1.55 14.47
C THR A 81 10.29 0.10 14.45
N PRO A 82 11.61 -0.09 14.60
CA PRO A 82 12.54 1.02 14.78
C PRO A 82 12.72 1.85 13.51
N ALA A 83 12.78 1.17 12.37
CA ALA A 83 12.94 1.85 11.09
C ALA A 83 12.83 0.85 9.94
N LYS A 84 11.86 1.09 9.04
CA LYS A 84 11.66 0.23 7.89
C LYS A 84 11.68 1.03 6.60
N ARG A 85 11.67 0.32 5.47
CA ARG A 85 11.70 0.97 4.16
C ARG A 85 10.32 0.94 3.52
N PHE A 86 10.11 1.81 2.54
CA PHE A 86 8.83 1.89 1.85
C PHE A 86 8.68 0.74 0.84
N LYS A 87 7.94 -0.29 1.23
CA LYS A 87 7.71 -1.44 0.37
C LYS A 87 6.42 -1.28 -0.42
N LEU A 88 6.56 -0.87 -1.68
CA LEU A 88 5.40 -0.68 -2.55
C LEU A 88 5.57 -1.45 -3.86
N ASN A 89 4.45 -1.84 -4.45
CA ASN A 89 4.47 -2.58 -5.71
C ASN A 89 3.18 -2.38 -6.49
N TYR A 90 3.15 -2.87 -7.72
CA TYR A 90 1.96 -2.75 -8.57
C TYR A 90 0.85 -3.66 -8.08
N ALA A 91 -0.35 -3.10 -7.95
CA ALA A 91 -1.51 -3.87 -7.50
C ALA A 91 -1.59 -5.22 -8.20
N THR A 92 -0.97 -5.30 -9.38
CA THR A 92 -0.97 -6.53 -10.17
C THR A 92 -0.78 -7.75 -9.28
N TYR A 93 -0.14 -7.54 -8.13
CA TYR A 93 0.11 -8.62 -7.19
C TYR A 93 -1.09 -9.56 -7.10
N SER A 94 -0.98 -10.72 -7.74
CA SER A 94 -2.05 -11.71 -7.74
C SER A 94 -1.56 -13.06 -8.26
N GLY A 95 -1.57 -14.06 -7.38
CA GLY A 95 -1.12 -15.38 -7.77
C GLY A 95 -1.73 -15.84 -9.08
N PRO A 96 -0.95 -16.62 -9.86
CA PRO A 96 -1.40 -17.14 -11.15
C PRO A 96 -2.48 -18.20 -11.01
N SER A 97 -3.66 -17.91 -11.55
CA SER A 97 -4.78 -18.84 -11.47
C SER A 97 -4.39 -20.21 -12.03
N SER A 98 -3.76 -20.21 -13.20
CA SER A 98 -3.33 -21.45 -13.83
C SER A 98 -1.90 -21.81 -13.44
N GLY A 99 -0.98 -20.88 -13.68
CA GLY A 99 0.41 -21.11 -13.33
C GLY A 99 1.33 -21.04 -14.54
N GLY A 1 -12.30 3.59 -24.26
CA GLY A 1 -11.27 2.96 -25.07
C GLY A 1 -11.81 1.76 -25.84
N SER A 2 -11.23 0.60 -25.58
CA SER A 2 -11.65 -0.64 -26.25
C SER A 2 -12.04 -1.70 -25.24
N SER A 3 -11.08 -2.09 -24.40
CA SER A 3 -11.31 -3.11 -23.39
C SER A 3 -10.32 -2.97 -22.24
N GLY A 4 -10.63 -3.63 -21.12
CA GLY A 4 -9.76 -3.56 -19.96
C GLY A 4 -10.26 -4.43 -18.82
N SER A 5 -9.84 -4.09 -17.60
CA SER A 5 -10.24 -4.85 -16.42
C SER A 5 -10.08 -4.02 -15.16
N SER A 6 -11.15 -3.91 -14.37
CA SER A 6 -11.13 -3.14 -13.14
C SER A 6 -10.71 -4.01 -11.97
N GLY A 7 -10.31 -3.36 -10.87
CA GLY A 7 -9.90 -4.10 -9.69
C GLY A 7 -8.64 -3.52 -9.07
N MET A 8 -8.80 -2.45 -8.30
CA MET A 8 -7.67 -1.80 -7.64
C MET A 8 -6.61 -1.38 -8.67
N ALA A 9 -7.05 -0.64 -9.68
CA ALA A 9 -6.15 -0.17 -10.72
C ALA A 9 -5.37 1.06 -10.26
N ALA A 10 -6.08 2.05 -9.74
CA ALA A 10 -5.46 3.28 -9.26
C ALA A 10 -4.95 3.10 -7.83
N SER A 11 -4.71 1.86 -7.43
CA SER A 11 -4.22 1.57 -6.09
C SER A 11 -2.84 0.94 -6.12
N LEU A 12 -2.21 0.84 -4.96
CA LEU A 12 -0.88 0.25 -4.86
C LEU A 12 -0.80 -0.76 -3.71
N TRP A 13 0.04 -1.76 -3.86
CA TRP A 13 0.21 -2.79 -2.84
C TRP A 13 1.30 -2.39 -1.85
N MET A 14 1.03 -2.61 -0.57
CA MET A 14 1.99 -2.28 0.49
C MET A 14 2.10 -3.42 1.50
N GLY A 15 3.18 -4.19 1.39
CA GLY A 15 3.40 -5.30 2.30
C GLY A 15 4.48 -5.02 3.33
N ASP A 16 5.00 -6.07 3.93
CA ASP A 16 6.06 -5.93 4.93
C ASP A 16 5.62 -4.98 6.04
N LEU A 17 4.31 -4.88 6.25
CA LEU A 17 3.77 -4.00 7.29
C LEU A 17 3.85 -4.67 8.66
N GLU A 18 3.75 -3.85 9.71
CA GLU A 18 3.81 -4.35 11.07
C GLU A 18 2.42 -4.72 11.58
N PRO A 19 2.38 -5.63 12.56
CA PRO A 19 1.11 -6.09 13.16
C PRO A 19 0.43 -5.01 13.99
N TYR A 20 1.02 -3.81 13.99
CA TYR A 20 0.47 -2.70 14.74
C TYR A 20 0.21 -1.50 13.83
N MET A 21 -0.09 -1.79 12.56
CA MET A 21 -0.37 -0.74 11.59
C MET A 21 -1.86 -0.69 11.26
N ASP A 22 -2.41 0.52 11.25
CA ASP A 22 -3.82 0.71 10.95
C ASP A 22 -4.01 1.78 9.88
N GLU A 23 -5.21 1.84 9.32
CA GLU A 23 -5.52 2.81 8.28
C GLU A 23 -4.94 4.18 8.63
N ASN A 24 -4.85 4.47 9.92
CA ASN A 24 -4.32 5.74 10.39
C ASN A 24 -2.81 5.80 10.21
N PHE A 25 -2.14 4.71 10.56
CA PHE A 25 -0.68 4.64 10.44
C PHE A 25 -0.26 4.66 8.97
N ILE A 26 -0.90 3.82 8.17
CA ILE A 26 -0.59 3.74 6.74
C ILE A 26 -0.74 5.10 6.07
N SER A 27 -1.90 5.72 6.25
CA SER A 27 -2.17 7.03 5.66
C SER A 27 -1.23 8.09 6.24
N ARG A 28 -0.70 7.81 7.42
CA ARG A 28 0.21 8.73 8.08
C ARG A 28 1.58 8.73 7.41
N ALA A 29 2.03 7.56 7.00
CA ALA A 29 3.32 7.41 6.35
C ALA A 29 3.36 8.22 5.05
N PHE A 30 2.40 7.98 4.17
CA PHE A 30 2.33 8.69 2.90
C PHE A 30 2.27 10.20 3.11
N ALA A 31 1.31 10.64 3.92
CA ALA A 31 1.15 12.06 4.21
C ALA A 31 2.47 12.68 4.66
N THR A 32 3.17 11.99 5.54
CA THR A 32 4.45 12.47 6.05
C THR A 32 5.46 12.63 4.93
N MET A 33 5.41 11.73 3.95
CA MET A 33 6.33 11.78 2.82
C MET A 33 5.89 12.83 1.80
N GLY A 34 4.80 13.52 2.12
CA GLY A 34 4.29 14.55 1.22
C GLY A 34 3.40 13.99 0.15
N GLU A 35 2.61 12.99 0.50
CA GLU A 35 1.69 12.35 -0.44
C GLU A 35 0.28 12.29 0.12
N THR A 36 -0.71 12.57 -0.72
CA THR A 36 -2.10 12.54 -0.32
C THR A 36 -2.76 11.22 -0.68
N VAL A 37 -2.97 10.37 0.31
CA VAL A 37 -3.60 9.07 0.09
C VAL A 37 -5.12 9.19 0.05
N MET A 38 -5.75 8.38 -0.78
CA MET A 38 -7.20 8.39 -0.92
C MET A 38 -7.85 7.48 0.13
N SER A 39 -7.42 6.22 0.15
CA SER A 39 -7.97 5.25 1.10
C SER A 39 -6.98 4.11 1.33
N VAL A 40 -7.19 3.37 2.42
CA VAL A 40 -6.32 2.25 2.76
C VAL A 40 -7.12 1.10 3.35
N LYS A 41 -6.86 -0.11 2.85
CA LYS A 41 -7.55 -1.30 3.33
C LYS A 41 -6.58 -2.30 3.93
N ILE A 42 -6.73 -2.56 5.22
CA ILE A 42 -5.85 -3.51 5.92
C ILE A 42 -6.39 -4.92 5.83
N ILE A 43 -5.58 -5.83 5.29
CA ILE A 43 -5.99 -7.23 5.14
C ILE A 43 -5.74 -8.01 6.43
N ARG A 44 -6.81 -8.30 7.15
CA ARG A 44 -6.71 -9.04 8.41
C ARG A 44 -7.63 -10.26 8.39
N ASN A 45 -7.34 -11.22 9.26
CA ASN A 45 -8.15 -12.44 9.34
C ASN A 45 -9.45 -12.18 10.10
N ARG A 46 -10.38 -13.12 10.00
CA ARG A 46 -11.66 -12.99 10.68
C ARG A 46 -11.65 -13.70 12.03
N LEU A 47 -10.73 -14.65 12.18
CA LEU A 47 -10.61 -15.40 13.42
C LEU A 47 -9.52 -14.81 14.31
N THR A 48 -8.35 -14.57 13.73
CA THR A 48 -7.22 -14.00 14.46
C THR A 48 -7.28 -12.49 14.48
N GLY A 49 -7.84 -11.90 13.42
CA GLY A 49 -7.95 -10.46 13.33
C GLY A 49 -6.62 -9.80 13.05
N ILE A 50 -5.57 -10.60 12.96
CA ILE A 50 -4.23 -10.07 12.70
C ILE A 50 -4.05 -9.77 11.21
N PRO A 51 -3.40 -8.63 10.91
CA PRO A 51 -3.14 -8.20 9.54
C PRO A 51 -2.11 -9.09 8.84
N ALA A 52 -2.51 -9.69 7.73
CA ALA A 52 -1.63 -10.56 6.95
C ALA A 52 -0.23 -9.96 6.85
N GLY A 53 -0.16 -8.64 6.83
CA GLY A 53 1.12 -7.96 6.74
C GLY A 53 1.20 -7.05 5.53
N TYR A 54 0.07 -6.81 4.89
CA TYR A 54 0.00 -5.95 3.71
C TYR A 54 -1.36 -5.28 3.59
N CYS A 55 -1.37 -4.10 2.98
CA CYS A 55 -2.60 -3.34 2.79
C CYS A 55 -2.65 -2.71 1.41
N PHE A 56 -3.85 -2.32 0.99
CA PHE A 56 -4.02 -1.70 -0.32
C PHE A 56 -4.31 -0.21 -0.18
N VAL A 57 -3.68 0.60 -1.02
CA VAL A 57 -3.87 2.05 -0.99
C VAL A 57 -4.46 2.56 -2.30
N GLU A 58 -5.44 3.45 -2.19
CA GLU A 58 -6.09 4.01 -3.37
C GLU A 58 -5.56 5.42 -3.65
N PHE A 59 -5.66 5.84 -4.91
CA PHE A 59 -5.20 7.16 -5.31
C PHE A 59 -6.09 7.75 -6.39
N ALA A 60 -5.88 9.01 -6.72
CA ALA A 60 -6.66 9.69 -7.74
C ALA A 60 -6.76 8.85 -9.01
N ASP A 61 -5.60 8.47 -9.55
CA ASP A 61 -5.55 7.66 -10.76
C ASP A 61 -4.25 6.88 -10.85
N LEU A 62 -4.13 6.04 -11.87
CA LEU A 62 -2.93 5.24 -12.07
C LEU A 62 -1.71 6.13 -12.26
N ALA A 63 -1.86 7.18 -13.05
CA ALA A 63 -0.77 8.12 -13.30
C ALA A 63 -0.16 8.61 -12.00
N THR A 64 -0.99 9.23 -11.15
CA THR A 64 -0.52 9.75 -9.87
C THR A 64 0.09 8.65 -9.02
N ALA A 65 -0.52 7.47 -9.04
CA ALA A 65 -0.03 6.34 -8.26
C ALA A 65 1.41 6.01 -8.64
N GLU A 66 1.67 5.92 -9.94
CA GLU A 66 3.02 5.61 -10.43
C GLU A 66 4.04 6.58 -9.85
N LYS A 67 3.94 7.85 -10.21
CA LYS A 67 4.85 8.87 -9.73
C LYS A 67 4.91 8.87 -8.20
N CYS A 68 3.78 8.58 -7.57
CA CYS A 68 3.70 8.55 -6.11
C CYS A 68 4.25 7.23 -5.57
N LEU A 69 4.37 6.24 -6.45
CA LEU A 69 4.88 4.93 -6.07
C LEU A 69 6.38 4.83 -6.32
N HIS A 70 6.88 5.63 -7.25
CA HIS A 70 8.29 5.64 -7.58
C HIS A 70 9.04 6.65 -6.72
N LYS A 71 8.30 7.52 -6.06
CA LYS A 71 8.90 8.54 -5.20
C LYS A 71 9.16 7.99 -3.79
N ILE A 72 8.50 6.88 -3.47
CA ILE A 72 8.66 6.25 -2.17
C ILE A 72 9.15 4.81 -2.30
N ASN A 73 9.04 4.27 -3.51
CA ASN A 73 9.47 2.90 -3.78
C ASN A 73 10.95 2.73 -3.51
N GLY A 74 11.31 2.55 -2.24
CA GLY A 74 12.70 2.39 -1.86
C GLY A 74 13.10 3.27 -0.70
N LYS A 75 12.42 4.41 -0.56
CA LYS A 75 12.72 5.34 0.52
C LYS A 75 12.34 4.75 1.87
N PRO A 76 12.98 5.23 2.94
CA PRO A 76 12.72 4.76 4.30
C PRO A 76 11.36 5.20 4.81
N LEU A 77 10.60 4.25 5.37
CA LEU A 77 9.28 4.55 5.90
C LEU A 77 9.37 5.26 7.24
N PRO A 78 8.75 6.44 7.33
CA PRO A 78 8.75 7.25 8.55
C PRO A 78 7.91 6.62 9.66
N GLY A 79 8.31 6.86 10.91
CA GLY A 79 7.59 6.30 12.04
C GLY A 79 7.98 4.87 12.34
N ALA A 80 8.06 4.05 11.29
CA ALA A 80 8.43 2.65 11.45
C ALA A 80 9.46 2.47 12.55
N THR A 81 9.25 1.46 13.39
CA THR A 81 10.16 1.20 14.50
C THR A 81 10.72 -0.22 14.41
N PRO A 82 12.06 -0.34 14.47
CA PRO A 82 12.95 0.82 14.61
C PRO A 82 12.98 1.69 13.35
N ALA A 83 13.15 1.04 12.20
CA ALA A 83 13.20 1.75 10.94
C ALA A 83 13.09 0.78 9.76
N LYS A 84 12.02 0.90 9.00
CA LYS A 84 11.80 0.03 7.84
C LYS A 84 11.83 0.84 6.54
N ARG A 85 11.64 0.15 5.42
CA ARG A 85 11.64 0.80 4.12
C ARG A 85 10.25 0.79 3.49
N PHE A 86 10.05 1.65 2.50
CA PHE A 86 8.76 1.74 1.83
C PHE A 86 8.60 0.63 0.80
N LYS A 87 7.86 -0.42 1.19
CA LYS A 87 7.63 -1.55 0.30
C LYS A 87 6.35 -1.36 -0.50
N LEU A 88 6.49 -0.93 -1.75
CA LEU A 88 5.34 -0.72 -2.62
C LEU A 88 5.52 -1.43 -3.95
N ASN A 89 4.43 -1.96 -4.49
CA ASN A 89 4.47 -2.68 -5.76
C ASN A 89 3.11 -2.61 -6.46
N TYR A 90 3.12 -2.82 -7.77
CA TYR A 90 1.90 -2.79 -8.56
C TYR A 90 0.84 -3.71 -7.96
N ALA A 91 -0.39 -3.21 -7.90
CA ALA A 91 -1.50 -3.99 -7.35
C ALA A 91 -1.45 -5.44 -7.84
N THR A 92 -1.23 -5.60 -9.15
CA THR A 92 -1.16 -6.93 -9.74
C THR A 92 0.27 -7.46 -9.74
N TYR A 93 1.02 -7.10 -8.71
CA TYR A 93 2.41 -7.54 -8.58
C TYR A 93 3.06 -7.67 -9.95
N SER A 94 2.70 -6.78 -10.86
CA SER A 94 3.25 -6.79 -12.21
C SER A 94 4.78 -6.89 -12.18
N GLY A 95 5.32 -7.73 -13.05
CA GLY A 95 6.76 -7.91 -13.10
C GLY A 95 7.50 -6.60 -13.34
N PRO A 96 8.83 -6.63 -13.20
CA PRO A 96 9.68 -5.46 -13.42
C PRO A 96 9.74 -5.04 -14.88
N SER A 97 9.04 -5.77 -15.73
CA SER A 97 9.02 -5.48 -17.16
C SER A 97 7.72 -4.78 -17.55
N SER A 98 7.81 -3.88 -18.53
CA SER A 98 6.63 -3.14 -18.98
C SER A 98 6.24 -3.58 -20.40
N GLY A 99 7.24 -3.71 -21.26
CA GLY A 99 6.97 -4.12 -22.63
C GLY A 99 6.76 -2.94 -23.57
N GLY A 1 -16.56 -0.80 -10.75
CA GLY A 1 -15.59 -1.81 -11.15
C GLY A 1 -14.25 -1.21 -11.54
N SER A 2 -13.71 -1.64 -12.67
CA SER A 2 -12.43 -1.15 -13.14
C SER A 2 -12.25 -1.42 -14.63
N SER A 3 -12.18 -0.35 -15.42
CA SER A 3 -12.01 -0.48 -16.86
C SER A 3 -10.54 -0.45 -17.25
N GLY A 4 -9.93 -1.62 -17.33
CA GLY A 4 -8.53 -1.71 -17.68
C GLY A 4 -7.77 -2.70 -16.83
N SER A 5 -7.79 -2.48 -15.52
CA SER A 5 -7.09 -3.36 -14.59
C SER A 5 -8.08 -4.23 -13.82
N SER A 6 -7.59 -5.36 -13.31
CA SER A 6 -8.44 -6.28 -12.57
C SER A 6 -8.48 -5.90 -11.09
N GLY A 7 -9.52 -5.16 -10.71
CA GLY A 7 -9.65 -4.74 -9.32
C GLY A 7 -8.97 -3.40 -9.06
N MET A 8 -7.89 -3.44 -8.27
CA MET A 8 -7.14 -2.24 -7.94
C MET A 8 -6.46 -1.66 -9.17
N ALA A 9 -7.02 -0.58 -9.70
CA ALA A 9 -6.46 0.07 -10.88
C ALA A 9 -5.54 1.22 -10.49
N ALA A 10 -6.09 2.19 -9.76
CA ALA A 10 -5.31 3.35 -9.32
C ALA A 10 -4.85 3.17 -7.88
N SER A 11 -4.64 1.93 -7.47
CA SER A 11 -4.20 1.63 -6.11
C SER A 11 -2.83 0.95 -6.12
N LEU A 12 -2.16 0.95 -4.98
CA LEU A 12 -0.85 0.33 -4.85
C LEU A 12 -0.84 -0.72 -3.75
N TRP A 13 0.17 -1.58 -3.76
CA TRP A 13 0.29 -2.64 -2.76
C TRP A 13 1.39 -2.31 -1.75
N MET A 14 1.07 -2.45 -0.47
CA MET A 14 2.04 -2.18 0.58
C MET A 14 2.15 -3.35 1.55
N GLY A 15 3.21 -4.15 1.39
CA GLY A 15 3.41 -5.30 2.25
C GLY A 15 4.38 -5.01 3.38
N ASP A 16 4.96 -6.08 3.94
CA ASP A 16 5.91 -5.93 5.03
C ASP A 16 5.45 -4.89 6.03
N LEU A 17 4.19 -5.00 6.46
CA LEU A 17 3.63 -4.06 7.42
C LEU A 17 3.62 -4.65 8.82
N GLU A 18 3.38 -3.80 9.83
CA GLU A 18 3.34 -4.25 11.21
C GLU A 18 1.90 -4.45 11.68
N PRO A 19 1.73 -5.25 12.74
CA PRO A 19 0.40 -5.53 13.31
C PRO A 19 -0.20 -4.32 14.01
N TYR A 20 0.66 -3.43 14.48
CA TYR A 20 0.21 -2.23 15.17
C TYR A 20 -0.22 -1.15 14.17
N MET A 21 0.28 -1.26 12.95
CA MET A 21 -0.05 -0.30 11.89
C MET A 21 -1.49 -0.50 11.42
N ASP A 22 -2.23 0.61 11.33
CA ASP A 22 -3.62 0.56 10.89
C ASP A 22 -3.88 1.62 9.82
N GLU A 23 -5.02 1.51 9.16
CA GLU A 23 -5.39 2.46 8.11
C GLU A 23 -4.88 3.86 8.44
N ASN A 24 -4.95 4.22 9.72
CA ASN A 24 -4.49 5.54 10.17
C ASN A 24 -2.98 5.68 9.97
N PHE A 25 -2.24 4.69 10.44
CA PHE A 25 -0.78 4.70 10.31
C PHE A 25 -0.36 4.77 8.85
N ILE A 26 -0.73 3.76 8.08
CA ILE A 26 -0.39 3.70 6.67
C ILE A 26 -0.60 5.05 6.00
N SER A 27 -1.78 5.63 6.22
CA SER A 27 -2.11 6.93 5.63
C SER A 27 -1.11 8.00 6.07
N ARG A 28 -0.72 7.94 7.34
CA ARG A 28 0.23 8.90 7.88
C ARG A 28 1.57 8.82 7.16
N ALA A 29 1.99 7.59 6.85
CA ALA A 29 3.26 7.37 6.15
C ALA A 29 3.32 8.18 4.86
N PHE A 30 2.29 8.03 4.03
CA PHE A 30 2.24 8.75 2.76
C PHE A 30 2.22 10.25 2.99
N ALA A 31 1.29 10.71 3.82
CA ALA A 31 1.16 12.12 4.13
C ALA A 31 2.49 12.71 4.58
N THR A 32 3.19 11.98 5.44
CA THR A 32 4.48 12.42 5.95
C THR A 32 5.49 12.59 4.83
N MET A 33 5.53 11.62 3.92
CA MET A 33 6.45 11.65 2.79
C MET A 33 6.08 12.77 1.82
N GLY A 34 4.92 13.38 2.04
CA GLY A 34 4.47 14.45 1.17
C GLY A 34 3.52 13.97 0.09
N GLU A 35 2.67 13.01 0.44
CA GLU A 35 1.70 12.46 -0.51
C GLU A 35 0.32 12.35 0.11
N THR A 36 -0.70 12.77 -0.63
CA THR A 36 -2.08 12.71 -0.14
C THR A 36 -2.75 11.41 -0.56
N VAL A 37 -2.89 10.49 0.40
CA VAL A 37 -3.52 9.20 0.15
C VAL A 37 -5.04 9.33 0.11
N MET A 38 -5.67 8.55 -0.76
CA MET A 38 -7.13 8.58 -0.90
C MET A 38 -7.78 7.67 0.14
N SER A 39 -7.36 6.41 0.15
CA SER A 39 -7.91 5.43 1.10
C SER A 39 -6.91 4.30 1.34
N VAL A 40 -7.17 3.52 2.39
CA VAL A 40 -6.31 2.40 2.74
C VAL A 40 -7.10 1.27 3.39
N LYS A 41 -6.85 0.05 2.93
CA LYS A 41 -7.54 -1.12 3.47
C LYS A 41 -6.54 -2.11 4.06
N ILE A 42 -6.81 -2.53 5.30
CA ILE A 42 -5.94 -3.48 5.98
C ILE A 42 -6.47 -4.90 5.87
N ILE A 43 -5.65 -5.80 5.33
CA ILE A 43 -6.05 -7.19 5.17
C ILE A 43 -5.78 -7.99 6.45
N ARG A 44 -6.86 -8.33 7.16
CA ARG A 44 -6.74 -9.09 8.40
C ARG A 44 -7.58 -10.35 8.34
N ASN A 45 -7.23 -11.34 9.16
CA ASN A 45 -7.95 -12.60 9.20
C ASN A 45 -9.24 -12.47 10.01
N ARG A 46 -10.18 -13.37 9.78
CA ARG A 46 -11.45 -13.35 10.50
C ARG A 46 -11.40 -14.29 11.70
N LEU A 47 -10.38 -15.14 11.75
CA LEU A 47 -10.23 -16.09 12.84
C LEU A 47 -9.19 -15.59 13.84
N THR A 48 -8.09 -15.04 13.32
CA THR A 48 -7.01 -14.53 14.17
C THR A 48 -7.13 -13.02 14.33
N GLY A 49 -7.56 -12.34 13.28
CA GLY A 49 -7.71 -10.90 13.33
C GLY A 49 -6.41 -10.17 13.03
N ILE A 50 -5.33 -10.94 12.90
CA ILE A 50 -4.01 -10.37 12.61
C ILE A 50 -3.89 -10.00 11.13
N PRO A 51 -3.29 -8.83 10.86
CA PRO A 51 -3.09 -8.34 9.50
C PRO A 51 -2.05 -9.16 8.73
N ALA A 52 -2.49 -9.79 7.64
CA ALA A 52 -1.61 -10.60 6.82
C ALA A 52 -0.22 -9.97 6.73
N GLY A 53 -0.16 -8.65 6.82
CA GLY A 53 1.11 -7.95 6.74
C GLY A 53 1.19 -7.02 5.54
N TYR A 54 0.05 -6.78 4.90
CA TYR A 54 -0.01 -5.90 3.74
C TYR A 54 -1.33 -5.14 3.69
N CYS A 55 -1.32 -4.01 3.00
CA CYS A 55 -2.52 -3.19 2.87
C CYS A 55 -2.57 -2.52 1.50
N PHE A 56 -3.79 -2.25 1.04
CA PHE A 56 -3.99 -1.62 -0.27
C PHE A 56 -4.22 -0.12 -0.11
N VAL A 57 -3.67 0.65 -1.04
CA VAL A 57 -3.81 2.10 -1.01
C VAL A 57 -4.43 2.63 -2.30
N GLU A 58 -5.40 3.52 -2.17
CA GLU A 58 -6.07 4.09 -3.34
C GLU A 58 -5.56 5.50 -3.61
N PHE A 59 -5.66 5.93 -4.87
CA PHE A 59 -5.22 7.25 -5.27
C PHE A 59 -6.13 7.84 -6.35
N ALA A 60 -5.85 9.07 -6.73
CA ALA A 60 -6.65 9.75 -7.75
C ALA A 60 -6.78 8.89 -9.00
N ASP A 61 -5.65 8.48 -9.55
CA ASP A 61 -5.64 7.65 -10.75
C ASP A 61 -4.33 6.88 -10.88
N LEU A 62 -4.22 6.06 -11.91
CA LEU A 62 -3.02 5.26 -12.14
C LEU A 62 -1.79 6.17 -12.27
N ALA A 63 -1.94 7.24 -13.03
CA ALA A 63 -0.84 8.19 -13.22
C ALA A 63 -0.22 8.59 -11.89
N THR A 64 -1.03 9.15 -11.01
CA THR A 64 -0.56 9.59 -9.70
C THR A 64 0.01 8.42 -8.91
N ALA A 65 -0.62 7.26 -9.03
CA ALA A 65 -0.17 6.08 -8.33
C ALA A 65 1.29 5.75 -8.67
N GLU A 66 1.62 5.85 -9.96
CA GLU A 66 2.98 5.56 -10.41
C GLU A 66 3.98 6.49 -9.73
N LYS A 67 3.90 7.77 -10.06
CA LYS A 67 4.80 8.77 -9.49
C LYS A 67 4.83 8.66 -7.97
N CYS A 68 3.66 8.48 -7.37
CA CYS A 68 3.55 8.35 -5.92
C CYS A 68 4.19 7.06 -5.43
N LEU A 69 4.41 6.13 -6.35
CA LEU A 69 5.01 4.85 -6.01
C LEU A 69 6.53 4.88 -6.23
N HIS A 70 6.96 5.67 -7.20
CA HIS A 70 8.37 5.81 -7.51
C HIS A 70 9.04 6.83 -6.59
N LYS A 71 8.23 7.60 -5.88
CA LYS A 71 8.73 8.62 -4.97
C LYS A 71 9.00 8.02 -3.59
N ILE A 72 8.42 6.84 -3.34
CA ILE A 72 8.60 6.17 -2.06
C ILE A 72 9.08 4.73 -2.26
N ASN A 73 9.17 4.31 -3.52
CA ASN A 73 9.62 2.97 -3.85
C ASN A 73 11.09 2.79 -3.49
N GLY A 74 11.36 2.50 -2.22
CA GLY A 74 12.73 2.30 -1.77
C GLY A 74 13.12 3.27 -0.67
N LYS A 75 12.36 4.35 -0.53
CA LYS A 75 12.63 5.35 0.50
C LYS A 75 12.28 4.82 1.88
N PRO A 76 12.90 5.40 2.91
CA PRO A 76 12.67 5.01 4.31
C PRO A 76 11.27 5.39 4.80
N LEU A 77 10.58 4.44 5.42
CA LEU A 77 9.24 4.67 5.93
C LEU A 77 9.29 5.35 7.30
N PRO A 78 8.61 6.50 7.42
CA PRO A 78 8.56 7.26 8.67
C PRO A 78 7.75 6.55 9.74
N GLY A 79 7.99 6.93 11.00
CA GLY A 79 7.26 6.32 12.11
C GLY A 79 7.79 4.93 12.45
N ALA A 80 7.95 4.10 11.43
CA ALA A 80 8.44 2.74 11.63
C ALA A 80 9.71 2.74 12.48
N THR A 81 9.58 2.26 13.71
CA THR A 81 10.72 2.20 14.62
C THR A 81 11.30 0.79 14.69
N PRO A 82 12.64 0.70 14.69
CA PRO A 82 13.51 1.88 14.62
C PRO A 82 13.46 2.57 13.27
N ALA A 83 13.55 1.78 12.21
CA ALA A 83 13.51 2.31 10.85
C ALA A 83 13.17 1.22 9.83
N LYS A 84 12.31 1.56 8.88
CA LYS A 84 11.90 0.61 7.85
C LYS A 84 11.95 1.25 6.47
N ARG A 85 11.70 0.45 5.44
CA ARG A 85 11.72 0.94 4.07
C ARG A 85 10.31 0.92 3.47
N PHE A 86 10.12 1.69 2.39
CA PHE A 86 8.82 1.76 1.73
C PHE A 86 8.69 0.65 0.68
N LYS A 87 7.98 -0.42 1.04
CA LYS A 87 7.78 -1.53 0.12
C LYS A 87 6.47 -1.37 -0.64
N LEU A 88 6.57 -0.91 -1.88
CA LEU A 88 5.39 -0.71 -2.71
C LEU A 88 5.55 -1.43 -4.05
N ASN A 89 4.45 -1.98 -4.55
CA ASN A 89 4.47 -2.70 -5.82
C ASN A 89 3.11 -2.62 -6.51
N TYR A 90 3.07 -2.98 -7.79
CA TYR A 90 1.84 -2.95 -8.56
C TYR A 90 0.81 -3.91 -7.98
N ALA A 91 -0.43 -3.44 -7.85
CA ALA A 91 -1.50 -4.27 -7.32
C ALA A 91 -1.67 -5.54 -8.14
N THR A 92 -1.07 -5.57 -9.32
CA THR A 92 -1.15 -6.73 -10.20
C THR A 92 -0.98 -8.03 -9.43
N TYR A 93 0.17 -8.17 -8.77
CA TYR A 93 0.46 -9.37 -8.00
C TYR A 93 -0.23 -10.58 -8.59
N SER A 94 -0.05 -10.79 -9.89
CA SER A 94 -0.66 -11.92 -10.58
C SER A 94 0.31 -13.10 -10.67
N GLY A 95 -0.23 -14.29 -10.88
CA GLY A 95 0.59 -15.47 -10.98
C GLY A 95 1.26 -15.60 -12.33
N PRO A 96 1.53 -16.84 -12.76
CA PRO A 96 2.17 -17.12 -14.04
C PRO A 96 1.27 -16.80 -15.23
N SER A 97 0.00 -16.50 -14.94
CA SER A 97 -0.97 -16.18 -15.98
C SER A 97 -1.31 -14.70 -15.96
N SER A 98 -1.78 -14.19 -17.10
CA SER A 98 -2.15 -12.78 -17.22
C SER A 98 -3.57 -12.63 -17.75
N GLY A 99 -3.89 -13.40 -18.78
CA GLY A 99 -5.21 -13.34 -19.36
C GLY A 99 -5.17 -13.17 -20.87
N GLY A 1 -21.71 2.87 -11.57
CA GLY A 1 -21.80 1.47 -11.19
C GLY A 1 -20.77 0.62 -11.91
N SER A 2 -21.10 -0.66 -12.10
CA SER A 2 -20.20 -1.59 -12.78
C SER A 2 -20.38 -1.50 -14.29
N SER A 3 -19.53 -0.69 -14.93
CA SER A 3 -19.59 -0.51 -16.38
C SER A 3 -18.22 -0.13 -16.94
N GLY A 4 -17.60 -1.07 -17.64
CA GLY A 4 -16.29 -0.81 -18.21
C GLY A 4 -15.21 -1.70 -17.61
N SER A 5 -14.35 -1.10 -16.79
CA SER A 5 -13.27 -1.84 -16.15
C SER A 5 -12.76 -1.10 -14.91
N SER A 6 -12.79 -1.78 -13.77
CA SER A 6 -12.34 -1.19 -12.52
C SER A 6 -11.97 -2.27 -11.51
N GLY A 7 -11.03 -1.95 -10.63
CA GLY A 7 -10.60 -2.90 -9.62
C GLY A 7 -9.14 -2.71 -9.23
N MET A 8 -8.93 -2.13 -8.04
CA MET A 8 -7.58 -1.89 -7.55
C MET A 8 -6.66 -1.44 -8.68
N ALA A 9 -7.20 -0.63 -9.58
CA ALA A 9 -6.43 -0.12 -10.71
C ALA A 9 -5.57 1.07 -10.30
N ALA A 10 -6.21 2.07 -9.70
CA ALA A 10 -5.51 3.27 -9.25
C ALA A 10 -4.99 3.10 -7.82
N SER A 11 -4.75 1.86 -7.43
CA SER A 11 -4.26 1.57 -6.08
C SER A 11 -2.87 0.93 -6.14
N LEU A 12 -2.20 0.89 -5.00
CA LEU A 12 -0.87 0.32 -4.91
C LEU A 12 -0.77 -0.67 -3.74
N TRP A 13 0.00 -1.73 -3.94
CA TRP A 13 0.18 -2.75 -2.91
C TRP A 13 1.27 -2.34 -1.93
N MET A 14 0.99 -2.51 -0.64
CA MET A 14 1.95 -2.16 0.40
C MET A 14 2.09 -3.29 1.42
N GLY A 15 3.16 -4.06 1.29
CA GLY A 15 3.39 -5.17 2.20
C GLY A 15 4.43 -4.84 3.26
N ASP A 16 5.07 -5.87 3.79
CA ASP A 16 6.09 -5.69 4.82
C ASP A 16 5.58 -4.77 5.92
N LEU A 17 4.29 -4.84 6.20
CA LEU A 17 3.68 -4.01 7.24
C LEU A 17 3.76 -4.71 8.59
N GLU A 18 3.82 -3.90 9.66
CA GLU A 18 3.89 -4.44 11.01
C GLU A 18 2.51 -4.84 11.52
N PRO A 19 2.48 -5.74 12.51
CA PRO A 19 1.24 -6.22 13.10
C PRO A 19 0.52 -5.15 13.91
N TYR A 20 1.12 -3.97 13.98
CA TYR A 20 0.54 -2.86 14.73
C TYR A 20 0.28 -1.66 13.81
N MET A 21 0.00 -1.95 12.55
CA MET A 21 -0.28 -0.90 11.58
C MET A 21 -1.77 -0.86 11.22
N ASP A 22 -2.32 0.34 11.20
CA ASP A 22 -3.73 0.52 10.88
C ASP A 22 -3.93 1.64 9.85
N GLU A 23 -5.08 1.64 9.19
CA GLU A 23 -5.38 2.65 8.18
C GLU A 23 -4.76 3.99 8.54
N ASN A 24 -5.06 4.46 9.75
CA ASN A 24 -4.54 5.74 10.23
C ASN A 24 -3.02 5.79 10.09
N PHE A 25 -2.35 4.69 10.43
CA PHE A 25 -0.91 4.61 10.35
C PHE A 25 -0.45 4.77 8.90
N ILE A 26 -0.89 3.85 8.04
CA ILE A 26 -0.53 3.89 6.64
C ILE A 26 -0.75 5.27 6.04
N SER A 27 -1.91 5.85 6.30
CA SER A 27 -2.24 7.18 5.80
C SER A 27 -1.20 8.20 6.24
N ARG A 28 -0.78 8.11 7.49
CA ARG A 28 0.22 9.04 8.04
C ARG A 28 1.56 8.87 7.33
N ALA A 29 1.88 7.62 6.99
CA ALA A 29 3.14 7.33 6.31
C ALA A 29 3.23 8.07 4.99
N PHE A 30 2.27 7.81 4.10
CA PHE A 30 2.24 8.46 2.79
C PHE A 30 2.21 9.97 2.94
N ALA A 31 1.25 10.47 3.72
CA ALA A 31 1.11 11.90 3.94
C ALA A 31 2.43 12.52 4.39
N THR A 32 3.05 11.90 5.39
CA THR A 32 4.32 12.39 5.91
C THR A 32 5.35 12.58 4.79
N MET A 33 5.32 11.67 3.82
CA MET A 33 6.25 11.74 2.69
C MET A 33 5.83 12.82 1.70
N GLY A 34 4.57 13.27 1.81
CA GLY A 34 4.07 14.29 0.91
C GLY A 34 3.16 13.73 -0.17
N GLU A 35 2.42 12.68 0.19
CA GLU A 35 1.50 12.05 -0.76
C GLU A 35 0.07 12.05 -0.20
N THR A 36 -0.88 12.49 -1.04
CA THR A 36 -2.28 12.53 -0.63
C THR A 36 -2.96 11.20 -0.89
N VAL A 37 -3.07 10.38 0.15
CA VAL A 37 -3.72 9.07 0.03
C VAL A 37 -5.24 9.20 0.01
N MET A 38 -5.89 8.39 -0.80
CA MET A 38 -7.34 8.42 -0.90
C MET A 38 -7.99 7.52 0.15
N SER A 39 -7.44 6.31 0.30
CA SER A 39 -7.95 5.35 1.27
C SER A 39 -6.97 4.20 1.46
N VAL A 40 -7.12 3.48 2.58
CA VAL A 40 -6.26 2.36 2.89
C VAL A 40 -7.05 1.21 3.50
N LYS A 41 -6.78 -0.01 3.03
CA LYS A 41 -7.47 -1.19 3.55
C LYS A 41 -6.46 -2.22 4.07
N ILE A 42 -6.51 -2.47 5.37
CA ILE A 42 -5.61 -3.43 5.99
C ILE A 42 -6.20 -4.84 5.95
N ILE A 43 -5.53 -5.73 5.22
CA ILE A 43 -5.98 -7.12 5.11
C ILE A 43 -5.75 -7.88 6.40
N ARG A 44 -6.82 -8.13 7.15
CA ARG A 44 -6.73 -8.85 8.41
C ARG A 44 -7.67 -10.05 8.42
N ASN A 45 -7.35 -11.05 9.23
CA ASN A 45 -8.17 -12.25 9.32
C ASN A 45 -9.50 -11.95 10.02
N ARG A 46 -10.43 -12.88 9.90
CA ARG A 46 -11.75 -12.72 10.52
C ARG A 46 -11.79 -13.38 11.90
N LEU A 47 -10.86 -14.30 12.13
CA LEU A 47 -10.80 -15.01 13.40
C LEU A 47 -9.71 -14.43 14.30
N THR A 48 -8.51 -14.27 13.74
CA THR A 48 -7.39 -13.72 14.49
C THR A 48 -7.37 -12.20 14.41
N GLY A 49 -7.92 -11.66 13.33
CA GLY A 49 -7.96 -10.22 13.15
C GLY A 49 -6.59 -9.64 12.86
N ILE A 50 -5.57 -10.50 12.83
CA ILE A 50 -4.21 -10.06 12.55
C ILE A 50 -4.02 -9.75 11.07
N PRO A 51 -3.32 -8.64 10.79
CA PRO A 51 -3.05 -8.20 9.42
C PRO A 51 -2.07 -9.12 8.70
N ALA A 52 -2.52 -9.74 7.61
CA ALA A 52 -1.68 -10.64 6.83
C ALA A 52 -0.27 -10.08 6.69
N GLY A 53 -0.16 -8.76 6.67
CA GLY A 53 1.15 -8.13 6.53
C GLY A 53 1.22 -7.21 5.33
N TYR A 54 0.07 -6.84 4.79
CA TYR A 54 0.00 -5.96 3.64
C TYR A 54 -1.35 -5.26 3.56
N CYS A 55 -1.37 -4.09 2.93
CA CYS A 55 -2.59 -3.32 2.79
C CYS A 55 -2.65 -2.64 1.41
N PHE A 56 -3.87 -2.36 0.95
CA PHE A 56 -4.06 -1.73 -0.34
C PHE A 56 -4.28 -0.23 -0.19
N VAL A 57 -3.62 0.55 -1.04
CA VAL A 57 -3.74 2.00 -1.00
C VAL A 57 -4.43 2.54 -2.25
N GLU A 58 -5.41 3.41 -2.05
CA GLU A 58 -6.14 4.00 -3.17
C GLU A 58 -5.64 5.40 -3.47
N PHE A 59 -5.76 5.81 -4.74
CA PHE A 59 -5.31 7.13 -5.17
C PHE A 59 -6.26 7.70 -6.22
N ALA A 60 -6.00 8.94 -6.62
CA ALA A 60 -6.82 9.61 -7.63
C ALA A 60 -6.88 8.78 -8.92
N ASP A 61 -5.72 8.44 -9.45
CA ASP A 61 -5.64 7.65 -10.68
C ASP A 61 -4.31 6.90 -10.75
N LEU A 62 -4.26 5.89 -11.62
CA LEU A 62 -3.06 5.09 -11.80
C LEU A 62 -1.84 5.97 -11.99
N ALA A 63 -1.99 7.02 -12.80
CA ALA A 63 -0.90 7.96 -13.07
C ALA A 63 -0.26 8.43 -11.78
N THR A 64 -1.02 9.20 -10.99
CA THR A 64 -0.52 9.72 -9.73
C THR A 64 0.13 8.63 -8.89
N ALA A 65 -0.47 7.45 -8.90
CA ALA A 65 0.05 6.32 -8.14
C ALA A 65 1.47 5.99 -8.56
N GLU A 66 1.72 5.99 -9.87
CA GLU A 66 3.05 5.70 -10.40
C GLU A 66 4.09 6.66 -9.82
N LYS A 67 3.98 7.93 -10.19
CA LYS A 67 4.91 8.94 -9.72
C LYS A 67 4.99 8.95 -8.19
N CYS A 68 3.88 8.57 -7.56
CA CYS A 68 3.81 8.53 -6.10
C CYS A 68 4.34 7.19 -5.57
N LEU A 69 4.46 6.22 -6.46
CA LEU A 69 4.95 4.90 -6.08
C LEU A 69 6.46 4.79 -6.29
N HIS A 70 6.99 5.62 -7.19
CA HIS A 70 8.41 5.62 -7.48
C HIS A 70 9.15 6.61 -6.57
N LYS A 71 8.41 7.52 -5.97
CA LYS A 71 8.99 8.52 -5.08
C LYS A 71 9.23 7.93 -3.70
N ILE A 72 8.57 6.82 -3.40
CA ILE A 72 8.71 6.15 -2.12
C ILE A 72 9.24 4.74 -2.28
N ASN A 73 9.13 4.21 -3.50
CA ASN A 73 9.60 2.86 -3.79
C ASN A 73 11.10 2.73 -3.51
N GLY A 74 11.43 2.31 -2.29
CA GLY A 74 12.82 2.15 -1.93
C GLY A 74 13.25 3.12 -0.84
N LYS A 75 12.40 4.09 -0.55
CA LYS A 75 12.68 5.08 0.49
C LYS A 75 12.31 4.56 1.87
N PRO A 76 12.90 5.15 2.91
CA PRO A 76 12.64 4.77 4.30
C PRO A 76 11.23 5.16 4.75
N LEU A 77 10.57 4.25 5.46
CA LEU A 77 9.22 4.51 5.95
C LEU A 77 9.26 5.18 7.32
N PRO A 78 8.61 6.35 7.43
CA PRO A 78 8.57 7.12 8.67
C PRO A 78 7.69 6.45 9.73
N GLY A 79 8.07 6.62 10.99
CA GLY A 79 7.32 6.02 12.08
C GLY A 79 7.81 4.63 12.42
N ALA A 80 7.96 3.79 11.39
CA ALA A 80 8.41 2.42 11.58
C ALA A 80 9.48 2.35 12.67
N THR A 81 9.27 1.47 13.65
CA THR A 81 10.21 1.30 14.75
C THR A 81 10.84 -0.08 14.73
N PRO A 82 12.18 -0.12 14.75
CA PRO A 82 13.02 1.08 14.79
C PRO A 82 12.96 1.87 13.47
N ALA A 83 13.17 1.16 12.36
CA ALA A 83 13.14 1.80 11.05
C ALA A 83 12.93 0.76 9.94
N LYS A 84 12.11 1.11 8.96
CA LYS A 84 11.82 0.21 7.85
C LYS A 84 11.84 0.96 6.53
N ARG A 85 11.65 0.23 5.43
CA ARG A 85 11.64 0.83 4.10
C ARG A 85 10.23 0.86 3.53
N PHE A 86 10.07 1.54 2.39
CA PHE A 86 8.76 1.65 1.74
C PHE A 86 8.57 0.53 0.72
N LYS A 87 7.83 -0.50 1.12
CA LYS A 87 7.57 -1.63 0.25
C LYS A 87 6.29 -1.42 -0.55
N LEU A 88 6.44 -0.99 -1.80
CA LEU A 88 5.29 -0.75 -2.67
C LEU A 88 5.46 -1.45 -4.01
N ASN A 89 4.36 -1.92 -4.58
CA ASN A 89 4.39 -2.61 -5.87
C ASN A 89 3.05 -2.51 -6.57
N TYR A 90 3.04 -2.81 -7.86
CA TYR A 90 1.81 -2.76 -8.66
C TYR A 90 0.78 -3.74 -8.13
N ALA A 91 -0.43 -3.25 -7.88
CA ALA A 91 -1.51 -4.08 -7.38
C ALA A 91 -1.50 -5.45 -8.04
N THR A 92 -1.03 -5.50 -9.28
CA THR A 92 -0.97 -6.75 -10.04
C THR A 92 0.48 -7.14 -10.33
N TYR A 93 1.27 -7.26 -9.28
CA TYR A 93 2.68 -7.63 -9.41
C TYR A 93 2.83 -8.92 -10.20
N SER A 94 4.07 -9.29 -10.50
CA SER A 94 4.34 -10.51 -11.26
C SER A 94 5.16 -11.49 -10.43
N GLY A 95 4.82 -12.77 -10.54
CA GLY A 95 5.55 -13.79 -9.80
C GLY A 95 6.94 -14.03 -10.33
N PRO A 96 7.86 -14.47 -9.45
CA PRO A 96 9.24 -14.74 -9.81
C PRO A 96 9.38 -15.96 -10.71
N SER A 97 8.31 -16.76 -10.79
CA SER A 97 8.31 -17.96 -11.61
C SER A 97 8.36 -17.61 -13.09
N SER A 98 9.52 -17.85 -13.71
CA SER A 98 9.70 -17.55 -15.13
C SER A 98 9.86 -18.83 -15.93
N GLY A 99 9.04 -18.98 -16.97
CA GLY A 99 9.09 -20.17 -17.80
C GLY A 99 7.91 -20.27 -18.75
#